data_1V9H
# 
_entry.id   1V9H 
# 
_audit_conform.dict_name       mmcif_pdbx.dic 
_audit_conform.dict_version    5.397 
_audit_conform.dict_location   http://mmcif.pdb.org/dictionaries/ascii/mmcif_pdbx.dic 
# 
loop_
_database_2.database_id 
_database_2.database_code 
_database_2.pdbx_database_accession 
_database_2.pdbx_DOI 
PDB   1V9H         pdb_00001v9h 10.2210/pdb1v9h/pdb 
RCSB  RCSB006374   ?            ?                   
WWPDB D_1000006374 ?            ?                   
# 
loop_
_pdbx_audit_revision_history.ordinal 
_pdbx_audit_revision_history.data_content_type 
_pdbx_audit_revision_history.major_revision 
_pdbx_audit_revision_history.minor_revision 
_pdbx_audit_revision_history.revision_date 
1 'Structure model' 1 0 2004-10-05 
2 'Structure model' 1 1 2008-04-27 
3 'Structure model' 1 2 2011-07-13 
4 'Structure model' 1 3 2017-10-04 
5 'Structure model' 1 4 2021-11-10 
6 'Structure model' 1 5 2023-10-25 
7 'Structure model' 1 6 2024-10-16 
# 
_pdbx_audit_revision_details.ordinal             1 
_pdbx_audit_revision_details.revision_ordinal    1 
_pdbx_audit_revision_details.data_content_type   'Structure model' 
_pdbx_audit_revision_details.provider            repository 
_pdbx_audit_revision_details.type                'Initial release' 
_pdbx_audit_revision_details.description         ? 
_pdbx_audit_revision_details.details             ? 
# 
loop_
_pdbx_audit_revision_group.ordinal 
_pdbx_audit_revision_group.revision_ordinal 
_pdbx_audit_revision_group.data_content_type 
_pdbx_audit_revision_group.group 
1 2 'Structure model' 'Version format compliance' 
2 3 'Structure model' 'Version format compliance' 
3 4 'Structure model' 'Refinement description'    
4 5 'Structure model' 'Database references'       
5 5 'Structure model' 'Derived calculations'      
6 6 'Structure model' 'Data collection'           
7 6 'Structure model' 'Refinement description'    
8 7 'Structure model' 'Structure summary'         
# 
loop_
_pdbx_audit_revision_category.ordinal 
_pdbx_audit_revision_category.revision_ordinal 
_pdbx_audit_revision_category.data_content_type 
_pdbx_audit_revision_category.category 
1 4 'Structure model' software                      
2 5 'Structure model' database_2                    
3 5 'Structure model' struct_ref_seq_dif            
4 5 'Structure model' struct_site                   
5 6 'Structure model' chem_comp_atom                
6 6 'Structure model' chem_comp_bond                
7 6 'Structure model' pdbx_initial_refinement_model 
8 7 'Structure model' pdbx_entry_details            
9 7 'Structure model' pdbx_modification_feature     
# 
loop_
_pdbx_audit_revision_item.ordinal 
_pdbx_audit_revision_item.revision_ordinal 
_pdbx_audit_revision_item.data_content_type 
_pdbx_audit_revision_item.item 
1 4 'Structure model' '_software.classification'            
2 4 'Structure model' '_software.name'                      
3 5 'Structure model' '_database_2.pdbx_DOI'                
4 5 'Structure model' '_database_2.pdbx_database_accession' 
5 5 'Structure model' '_struct_ref_seq_dif.details'         
6 5 'Structure model' '_struct_site.pdbx_auth_asym_id'      
7 5 'Structure model' '_struct_site.pdbx_auth_comp_id'      
8 5 'Structure model' '_struct_site.pdbx_auth_seq_id'       
# 
_pdbx_database_status.status_code                     REL 
_pdbx_database_status.entry_id                        1V9H 
_pdbx_database_status.recvd_initial_deposition_date   2004-01-26 
_pdbx_database_status.deposit_site                    PDBJ 
_pdbx_database_status.process_site                    PDBJ 
_pdbx_database_status.status_code_sf                  REL 
_pdbx_database_status.SG_entry                        . 
_pdbx_database_status.pdb_format_compatible           Y 
_pdbx_database_status.status_code_mr                  ? 
_pdbx_database_status.status_code_cs                  ? 
_pdbx_database_status.methods_development_category    ? 
_pdbx_database_status.status_code_nmr_data            ? 
# 
loop_
_audit_author.name 
_audit_author.pdbx_ordinal 
'Kimura, K.' 1 
'Numata, T.' 2 
'Kakuta, Y.' 3 
'Kimura, M.' 4 
# 
_citation.id                        primary 
_citation.title                     
'Amino acids conserved at the C-terminal half of the ribonuclease t2 family contribute to protein stability of the enzymes' 
_citation.journal_abbrev            Biosci.Biotechnol.Biochem. 
_citation.journal_volume            68 
_citation.page_first                1748 
_citation.page_last                 1757 
_citation.year                      2004 
_citation.journal_id_ASTM           BBBIEJ 
_citation.country                   JA 
_citation.journal_id_ISSN           0916-8451 
_citation.journal_id_CSD            2094 
_citation.book_publisher            ? 
_citation.pdbx_database_id_PubMed   15322360 
_citation.pdbx_database_id_DOI      10.1271/bbb.68.1748 
# 
loop_
_citation_author.citation_id 
_citation_author.name 
_citation_author.ordinal 
_citation_author.identifier_ORCID 
primary 'Kimura, K.' 1 ? 
primary 'Numata, T.' 2 ? 
primary 'Kakuta, Y.' 3 ? 
primary 'Kimura, M.' 4 ? 
# 
loop_
_entity.id 
_entity.type 
_entity.src_method 
_entity.pdbx_description 
_entity.formula_weight 
_entity.pdbx_number_of_molecules 
_entity.pdbx_ec 
_entity.pdbx_mutation 
_entity.pdbx_fragment 
_entity.details 
1 polymer     man 'Ribonuclease MC'          21927.703 1   3.1.27.1 Y101A ? ? 
2 non-polymer syn 'SULFATE ION'              96.063    3   ?        ?     ? ? 
3 non-polymer syn "URIDINE-5'-MONOPHOSPHATE" 324.181   1   ?        ?     ? ? 
4 water       nat water                      18.015    112 ?        ?     ? ? 
# 
_entity_name_com.entity_id   1 
_entity_name_com.name        'RIBONUCLEASE MC1, RNase MC' 
# 
_entity_poly.entity_id                      1 
_entity_poly.type                           'polypeptide(L)' 
_entity_poly.nstd_linkage                   no 
_entity_poly.nstd_monomer                   no 
_entity_poly.pdbx_seq_one_letter_code       
;EAEAYVEFDSFWFVQQWPPAVCSFQKSGSCPGSGLRTFTIHGLWPQQSGTSLTNCPGSPFDITKISHLQSQLNTLWPNVL
RANNQQFWSHEWTKHGTCSESTFNQAAAFKLAVDMRNNYDIIGALRPHAAGPNGRTKSRQAIKGFLKAKFGKFPGLRCRT
DPQTKVSYLVEVVACFAQDGSTLIDCTRDTCGANFIF
;
_entity_poly.pdbx_seq_one_letter_code_can   
;EAEAYVEFDSFWFVQQWPPAVCSFQKSGSCPGSGLRTFTIHGLWPQQSGTSLTNCPGSPFDITKISHLQSQLNTLWPNVL
RANNQQFWSHEWTKHGTCSESTFNQAAAFKLAVDMRNNYDIIGALRPHAAGPNGRTKSRQAIKGFLKAKFGKFPGLRCRT
DPQTKVSYLVEVVACFAQDGSTLIDCTRDTCGANFIF
;
_entity_poly.pdbx_strand_id                 A 
_entity_poly.pdbx_target_identifier         ? 
# 
loop_
_pdbx_entity_nonpoly.entity_id 
_pdbx_entity_nonpoly.name 
_pdbx_entity_nonpoly.comp_id 
2 'SULFATE ION'              SO4 
3 "URIDINE-5'-MONOPHOSPHATE" U5P 
4 water                      HOH 
# 
loop_
_entity_poly_seq.entity_id 
_entity_poly_seq.num 
_entity_poly_seq.mon_id 
_entity_poly_seq.hetero 
1 1   GLU n 
1 2   ALA n 
1 3   GLU n 
1 4   ALA n 
1 5   TYR n 
1 6   VAL n 
1 7   GLU n 
1 8   PHE n 
1 9   ASP n 
1 10  SER n 
1 11  PHE n 
1 12  TRP n 
1 13  PHE n 
1 14  VAL n 
1 15  GLN n 
1 16  GLN n 
1 17  TRP n 
1 18  PRO n 
1 19  PRO n 
1 20  ALA n 
1 21  VAL n 
1 22  CYS n 
1 23  SER n 
1 24  PHE n 
1 25  GLN n 
1 26  LYS n 
1 27  SER n 
1 28  GLY n 
1 29  SER n 
1 30  CYS n 
1 31  PRO n 
1 32  GLY n 
1 33  SER n 
1 34  GLY n 
1 35  LEU n 
1 36  ARG n 
1 37  THR n 
1 38  PHE n 
1 39  THR n 
1 40  ILE n 
1 41  HIS n 
1 42  GLY n 
1 43  LEU n 
1 44  TRP n 
1 45  PRO n 
1 46  GLN n 
1 47  GLN n 
1 48  SER n 
1 49  GLY n 
1 50  THR n 
1 51  SER n 
1 52  LEU n 
1 53  THR n 
1 54  ASN n 
1 55  CYS n 
1 56  PRO n 
1 57  GLY n 
1 58  SER n 
1 59  PRO n 
1 60  PHE n 
1 61  ASP n 
1 62  ILE n 
1 63  THR n 
1 64  LYS n 
1 65  ILE n 
1 66  SER n 
1 67  HIS n 
1 68  LEU n 
1 69  GLN n 
1 70  SER n 
1 71  GLN n 
1 72  LEU n 
1 73  ASN n 
1 74  THR n 
1 75  LEU n 
1 76  TRP n 
1 77  PRO n 
1 78  ASN n 
1 79  VAL n 
1 80  LEU n 
1 81  ARG n 
1 82  ALA n 
1 83  ASN n 
1 84  ASN n 
1 85  GLN n 
1 86  GLN n 
1 87  PHE n 
1 88  TRP n 
1 89  SER n 
1 90  HIS n 
1 91  GLU n 
1 92  TRP n 
1 93  THR n 
1 94  LYS n 
1 95  HIS n 
1 96  GLY n 
1 97  THR n 
1 98  CYS n 
1 99  SER n 
1 100 GLU n 
1 101 SER n 
1 102 THR n 
1 103 PHE n 
1 104 ASN n 
1 105 GLN n 
1 106 ALA n 
1 107 ALA n 
1 108 ALA n 
1 109 PHE n 
1 110 LYS n 
1 111 LEU n 
1 112 ALA n 
1 113 VAL n 
1 114 ASP n 
1 115 MET n 
1 116 ARG n 
1 117 ASN n 
1 118 ASN n 
1 119 TYR n 
1 120 ASP n 
1 121 ILE n 
1 122 ILE n 
1 123 GLY n 
1 124 ALA n 
1 125 LEU n 
1 126 ARG n 
1 127 PRO n 
1 128 HIS n 
1 129 ALA n 
1 130 ALA n 
1 131 GLY n 
1 132 PRO n 
1 133 ASN n 
1 134 GLY n 
1 135 ARG n 
1 136 THR n 
1 137 LYS n 
1 138 SER n 
1 139 ARG n 
1 140 GLN n 
1 141 ALA n 
1 142 ILE n 
1 143 LYS n 
1 144 GLY n 
1 145 PHE n 
1 146 LEU n 
1 147 LYS n 
1 148 ALA n 
1 149 LYS n 
1 150 PHE n 
1 151 GLY n 
1 152 LYS n 
1 153 PHE n 
1 154 PRO n 
1 155 GLY n 
1 156 LEU n 
1 157 ARG n 
1 158 CYS n 
1 159 ARG n 
1 160 THR n 
1 161 ASP n 
1 162 PRO n 
1 163 GLN n 
1 164 THR n 
1 165 LYS n 
1 166 VAL n 
1 167 SER n 
1 168 TYR n 
1 169 LEU n 
1 170 VAL n 
1 171 GLU n 
1 172 VAL n 
1 173 VAL n 
1 174 ALA n 
1 175 CYS n 
1 176 PHE n 
1 177 ALA n 
1 178 GLN n 
1 179 ASP n 
1 180 GLY n 
1 181 SER n 
1 182 THR n 
1 183 LEU n 
1 184 ILE n 
1 185 ASP n 
1 186 CYS n 
1 187 THR n 
1 188 ARG n 
1 189 ASP n 
1 190 THR n 
1 191 CYS n 
1 192 GLY n 
1 193 ALA n 
1 194 ASN n 
1 195 PHE n 
1 196 ILE n 
1 197 PHE n 
# 
_entity_src_gen.entity_id                          1 
_entity_src_gen.pdbx_src_id                        1 
_entity_src_gen.pdbx_alt_source_flag               sample 
_entity_src_gen.pdbx_seq_type                      ? 
_entity_src_gen.pdbx_beg_seq_num                   ? 
_entity_src_gen.pdbx_end_seq_num                   ? 
_entity_src_gen.gene_src_common_name               'balsam pear' 
_entity_src_gen.gene_src_genus                     Momordica 
_entity_src_gen.pdbx_gene_src_gene                 ? 
_entity_src_gen.gene_src_species                   ? 
_entity_src_gen.gene_src_strain                    ? 
_entity_src_gen.gene_src_tissue                    ? 
_entity_src_gen.gene_src_tissue_fraction           ? 
_entity_src_gen.gene_src_details                   ? 
_entity_src_gen.pdbx_gene_src_fragment             ? 
_entity_src_gen.pdbx_gene_src_scientific_name      'Momordica charantia' 
_entity_src_gen.pdbx_gene_src_ncbi_taxonomy_id     3673 
_entity_src_gen.pdbx_gene_src_variant              ? 
_entity_src_gen.pdbx_gene_src_cell_line            ? 
_entity_src_gen.pdbx_gene_src_atcc                 ? 
_entity_src_gen.pdbx_gene_src_organ                ? 
_entity_src_gen.pdbx_gene_src_organelle            ? 
_entity_src_gen.pdbx_gene_src_cell                 ? 
_entity_src_gen.pdbx_gene_src_cellular_location    ? 
_entity_src_gen.host_org_common_name               ? 
_entity_src_gen.pdbx_host_org_scientific_name      'Pichia pastoris' 
_entity_src_gen.pdbx_host_org_ncbi_taxonomy_id     4922 
_entity_src_gen.host_org_genus                     Pichia 
_entity_src_gen.pdbx_host_org_gene                 ? 
_entity_src_gen.pdbx_host_org_organ                ? 
_entity_src_gen.host_org_species                   ? 
_entity_src_gen.pdbx_host_org_tissue               ? 
_entity_src_gen.pdbx_host_org_tissue_fraction      ? 
_entity_src_gen.pdbx_host_org_strain               ? 
_entity_src_gen.pdbx_host_org_variant              ? 
_entity_src_gen.pdbx_host_org_cell_line            ? 
_entity_src_gen.pdbx_host_org_atcc                 ? 
_entity_src_gen.pdbx_host_org_culture_collection   ? 
_entity_src_gen.pdbx_host_org_cell                 ? 
_entity_src_gen.pdbx_host_org_organelle            ? 
_entity_src_gen.pdbx_host_org_cellular_location    ? 
_entity_src_gen.pdbx_host_org_vector_type          Plasmid 
_entity_src_gen.pdbx_host_org_vector               ? 
_entity_src_gen.host_org_details                   ? 
_entity_src_gen.expression_system_id               ? 
_entity_src_gen.plasmid_name                       pPIC9K 
_entity_src_gen.plasmid_details                    ? 
_entity_src_gen.pdbx_description                   ? 
# 
loop_
_chem_comp.id 
_chem_comp.type 
_chem_comp.mon_nstd_flag 
_chem_comp.name 
_chem_comp.pdbx_synonyms 
_chem_comp.formula 
_chem_comp.formula_weight 
ALA 'L-peptide linking' y ALANINE                    ? 'C3 H7 N O2'     89.093  
ARG 'L-peptide linking' y ARGININE                   ? 'C6 H15 N4 O2 1' 175.209 
ASN 'L-peptide linking' y ASPARAGINE                 ? 'C4 H8 N2 O3'    132.118 
ASP 'L-peptide linking' y 'ASPARTIC ACID'            ? 'C4 H7 N O4'     133.103 
CYS 'L-peptide linking' y CYSTEINE                   ? 'C3 H7 N O2 S'   121.158 
GLN 'L-peptide linking' y GLUTAMINE                  ? 'C5 H10 N2 O3'   146.144 
GLU 'L-peptide linking' y 'GLUTAMIC ACID'            ? 'C5 H9 N O4'     147.129 
GLY 'peptide linking'   y GLYCINE                    ? 'C2 H5 N O2'     75.067  
HIS 'L-peptide linking' y HISTIDINE                  ? 'C6 H10 N3 O2 1' 156.162 
HOH non-polymer         . WATER                      ? 'H2 O'           18.015  
ILE 'L-peptide linking' y ISOLEUCINE                 ? 'C6 H13 N O2'    131.173 
LEU 'L-peptide linking' y LEUCINE                    ? 'C6 H13 N O2'    131.173 
LYS 'L-peptide linking' y LYSINE                     ? 'C6 H15 N2 O2 1' 147.195 
MET 'L-peptide linking' y METHIONINE                 ? 'C5 H11 N O2 S'  149.211 
PHE 'L-peptide linking' y PHENYLALANINE              ? 'C9 H11 N O2'    165.189 
PRO 'L-peptide linking' y PROLINE                    ? 'C5 H9 N O2'     115.130 
SER 'L-peptide linking' y SERINE                     ? 'C3 H7 N O3'     105.093 
SO4 non-polymer         . 'SULFATE ION'              ? 'O4 S -2'        96.063  
THR 'L-peptide linking' y THREONINE                  ? 'C4 H9 N O3'     119.119 
TRP 'L-peptide linking' y TRYPTOPHAN                 ? 'C11 H12 N2 O2'  204.225 
TYR 'L-peptide linking' y TYROSINE                   ? 'C9 H11 N O3'    181.189 
U5P non-polymer         . "URIDINE-5'-MONOPHOSPHATE" ? 'C9 H13 N2 O9 P' 324.181 
VAL 'L-peptide linking' y VALINE                     ? 'C5 H11 N O2'    117.146 
# 
loop_
_pdbx_poly_seq_scheme.asym_id 
_pdbx_poly_seq_scheme.entity_id 
_pdbx_poly_seq_scheme.seq_id 
_pdbx_poly_seq_scheme.mon_id 
_pdbx_poly_seq_scheme.ndb_seq_num 
_pdbx_poly_seq_scheme.pdb_seq_num 
_pdbx_poly_seq_scheme.auth_seq_num 
_pdbx_poly_seq_scheme.pdb_mon_id 
_pdbx_poly_seq_scheme.auth_mon_id 
_pdbx_poly_seq_scheme.pdb_strand_id 
_pdbx_poly_seq_scheme.pdb_ins_code 
_pdbx_poly_seq_scheme.hetero 
A 1 1   GLU 1   -6  ?   ?   ?   A . n 
A 1 2   ALA 2   -5  ?   ?   ?   A . n 
A 1 3   GLU 3   -4  ?   ?   ?   A . n 
A 1 4   ALA 4   -3  ?   ?   ?   A . n 
A 1 5   TYR 5   -2  -2  TYR TYR A . n 
A 1 6   VAL 6   -1  -1  VAL VAL A . n 
A 1 7   GLU 7   0   0   GLU GLU A . n 
A 1 8   PHE 8   1   1   PHE PHE A . n 
A 1 9   ASP 9   2   2   ASP ASP A . n 
A 1 10  SER 10  3   3   SER SER A . n 
A 1 11  PHE 11  4   4   PHE PHE A . n 
A 1 12  TRP 12  5   5   TRP TRP A . n 
A 1 13  PHE 13  6   6   PHE PHE A . n 
A 1 14  VAL 14  7   7   VAL VAL A . n 
A 1 15  GLN 15  8   8   GLN GLN A . n 
A 1 16  GLN 16  9   9   GLN GLN A . n 
A 1 17  TRP 17  10  10  TRP TRP A . n 
A 1 18  PRO 18  11  11  PRO PRO A . n 
A 1 19  PRO 19  12  12  PRO PRO A . n 
A 1 20  ALA 20  13  13  ALA ALA A . n 
A 1 21  VAL 21  14  14  VAL VAL A . n 
A 1 22  CYS 22  15  15  CYS CYS A . n 
A 1 23  SER 23  16  16  SER SER A . n 
A 1 24  PHE 24  17  17  PHE PHE A . n 
A 1 25  GLN 25  18  18  GLN GLN A . n 
A 1 26  LYS 26  19  19  LYS LYS A . n 
A 1 27  SER 27  20  20  SER SER A . n 
A 1 28  GLY 28  21  21  GLY GLY A . n 
A 1 29  SER 29  22  22  SER SER A . n 
A 1 30  CYS 30  23  23  CYS CYS A . n 
A 1 31  PRO 31  24  24  PRO PRO A . n 
A 1 32  GLY 32  25  25  GLY GLY A . n 
A 1 33  SER 33  26  26  SER SER A . n 
A 1 34  GLY 34  27  27  GLY GLY A . n 
A 1 35  LEU 35  28  28  LEU LEU A . n 
A 1 36  ARG 36  29  29  ARG ARG A . n 
A 1 37  THR 37  30  30  THR THR A . n 
A 1 38  PHE 38  31  31  PHE PHE A . n 
A 1 39  THR 39  32  32  THR THR A . n 
A 1 40  ILE 40  33  33  ILE ILE A . n 
A 1 41  HIS 41  34  34  HIS HIS A . n 
A 1 42  GLY 42  35  35  GLY GLY A . n 
A 1 43  LEU 43  36  36  LEU LEU A . n 
A 1 44  TRP 44  37  37  TRP TRP A . n 
A 1 45  PRO 45  38  38  PRO PRO A . n 
A 1 46  GLN 46  39  39  GLN GLN A . n 
A 1 47  GLN 47  40  40  GLN GLN A . n 
A 1 48  SER 48  41  41  SER SER A . n 
A 1 49  GLY 49  42  42  GLY GLY A . n 
A 1 50  THR 50  43  43  THR THR A . n 
A 1 51  SER 51  44  44  SER SER A . n 
A 1 52  LEU 52  45  45  LEU LEU A . n 
A 1 53  THR 53  46  46  THR THR A . n 
A 1 54  ASN 54  47  47  ASN ASN A . n 
A 1 55  CYS 55  48  48  CYS CYS A . n 
A 1 56  PRO 56  49  49  PRO PRO A . n 
A 1 57  GLY 57  50  50  GLY GLY A . n 
A 1 58  SER 58  51  51  SER SER A . n 
A 1 59  PRO 59  52  52  PRO PRO A . n 
A 1 60  PHE 60  53  53  PHE PHE A . n 
A 1 61  ASP 61  54  54  ASP ASP A . n 
A 1 62  ILE 62  55  55  ILE ILE A . n 
A 1 63  THR 63  56  56  THR THR A . n 
A 1 64  LYS 64  57  57  LYS LYS A . n 
A 1 65  ILE 65  58  58  ILE ILE A . n 
A 1 66  SER 66  59  59  SER SER A . n 
A 1 67  HIS 67  60  60  HIS HIS A . n 
A 1 68  LEU 68  61  61  LEU LEU A . n 
A 1 69  GLN 69  62  62  GLN GLN A . n 
A 1 70  SER 70  63  63  SER SER A . n 
A 1 71  GLN 71  64  64  GLN GLN A . n 
A 1 72  LEU 72  65  65  LEU LEU A . n 
A 1 73  ASN 73  66  66  ASN ASN A . n 
A 1 74  THR 74  67  67  THR THR A . n 
A 1 75  LEU 75  68  68  LEU LEU A . n 
A 1 76  TRP 76  69  69  TRP TRP A . n 
A 1 77  PRO 77  70  70  PRO PRO A . n 
A 1 78  ASN 78  71  71  ASN ASN A . n 
A 1 79  VAL 79  72  72  VAL VAL A . n 
A 1 80  LEU 80  73  73  LEU LEU A . n 
A 1 81  ARG 81  74  74  ARG ARG A . n 
A 1 82  ALA 82  75  75  ALA ALA A . n 
A 1 83  ASN 83  76  76  ASN ASN A . n 
A 1 84  ASN 84  77  77  ASN ASN A . n 
A 1 85  GLN 85  78  78  GLN GLN A . n 
A 1 86  GLN 86  79  79  GLN GLN A . n 
A 1 87  PHE 87  80  80  PHE PHE A . n 
A 1 88  TRP 88  81  81  TRP TRP A . n 
A 1 89  SER 89  82  82  SER SER A . n 
A 1 90  HIS 90  83  83  HIS HIS A . n 
A 1 91  GLU 91  84  84  GLU GLU A . n 
A 1 92  TRP 92  85  85  TRP TRP A . n 
A 1 93  THR 93  86  86  THR THR A . n 
A 1 94  LYS 94  87  87  LYS LYS A . n 
A 1 95  HIS 95  88  88  HIS HIS A . n 
A 1 96  GLY 96  89  89  GLY GLY A . n 
A 1 97  THR 97  90  90  THR THR A . n 
A 1 98  CYS 98  91  91  CYS CYS A . n 
A 1 99  SER 99  92  92  SER SER A . n 
A 1 100 GLU 100 93  93  GLU GLU A . n 
A 1 101 SER 101 94  94  SER SER A . n 
A 1 102 THR 102 95  95  THR THR A . n 
A 1 103 PHE 103 96  96  PHE PHE A . n 
A 1 104 ASN 104 97  97  ASN ASN A . n 
A 1 105 GLN 105 98  98  GLN GLN A . n 
A 1 106 ALA 106 99  99  ALA ALA A . n 
A 1 107 ALA 107 100 100 ALA ALA A . n 
A 1 108 ALA 108 101 101 ALA ALA A . n 
A 1 109 PHE 109 102 102 PHE PHE A . n 
A 1 110 LYS 110 103 103 LYS LYS A . n 
A 1 111 LEU 111 104 104 LEU LEU A . n 
A 1 112 ALA 112 105 105 ALA ALA A . n 
A 1 113 VAL 113 106 106 VAL VAL A . n 
A 1 114 ASP 114 107 107 ASP ASP A . n 
A 1 115 MET 115 108 108 MET MET A . n 
A 1 116 ARG 116 109 109 ARG ARG A . n 
A 1 117 ASN 117 110 110 ASN ASN A . n 
A 1 118 ASN 118 111 111 ASN ASN A . n 
A 1 119 TYR 119 112 112 TYR TYR A . n 
A 1 120 ASP 120 113 113 ASP ASP A . n 
A 1 121 ILE 121 114 114 ILE ILE A . n 
A 1 122 ILE 122 115 115 ILE ILE A . n 
A 1 123 GLY 123 116 116 GLY GLY A . n 
A 1 124 ALA 124 117 117 ALA ALA A . n 
A 1 125 LEU 125 118 118 LEU LEU A . n 
A 1 126 ARG 126 119 119 ARG ARG A . n 
A 1 127 PRO 127 120 120 PRO PRO A . n 
A 1 128 HIS 128 121 121 HIS HIS A . n 
A 1 129 ALA 129 122 122 ALA ALA A . n 
A 1 130 ALA 130 123 123 ALA ALA A . n 
A 1 131 GLY 131 124 124 GLY GLY A . n 
A 1 132 PRO 132 125 125 PRO PRO A . n 
A 1 133 ASN 133 126 126 ASN ASN A . n 
A 1 134 GLY 134 127 127 GLY GLY A . n 
A 1 135 ARG 135 128 128 ARG ARG A . n 
A 1 136 THR 136 129 129 THR THR A . n 
A 1 137 LYS 137 130 130 LYS LYS A . n 
A 1 138 SER 138 131 131 SER SER A . n 
A 1 139 ARG 139 132 132 ARG ARG A . n 
A 1 140 GLN 140 133 133 GLN GLN A . n 
A 1 141 ALA 141 134 134 ALA ALA A . n 
A 1 142 ILE 142 135 135 ILE ILE A . n 
A 1 143 LYS 143 136 136 LYS LYS A . n 
A 1 144 GLY 144 137 137 GLY GLY A . n 
A 1 145 PHE 145 138 138 PHE PHE A . n 
A 1 146 LEU 146 139 139 LEU LEU A . n 
A 1 147 LYS 147 140 140 LYS LYS A . n 
A 1 148 ALA 148 141 141 ALA ALA A . n 
A 1 149 LYS 149 142 142 LYS LYS A . n 
A 1 150 PHE 150 143 143 PHE PHE A . n 
A 1 151 GLY 151 144 144 GLY GLY A . n 
A 1 152 LYS 152 145 145 LYS LYS A . n 
A 1 153 PHE 153 146 146 PHE PHE A . n 
A 1 154 PRO 154 147 147 PRO PRO A . n 
A 1 155 GLY 155 148 148 GLY GLY A . n 
A 1 156 LEU 156 149 149 LEU LEU A . n 
A 1 157 ARG 157 150 150 ARG ARG A . n 
A 1 158 CYS 158 151 151 CYS CYS A . n 
A 1 159 ARG 159 152 152 ARG ARG A . n 
A 1 160 THR 160 153 153 THR THR A . n 
A 1 161 ASP 161 154 154 ASP ASP A . n 
A 1 162 PRO 162 155 155 PRO PRO A . n 
A 1 163 GLN 163 156 156 GLN GLN A . n 
A 1 164 THR 164 157 157 THR THR A . n 
A 1 165 LYS 165 158 158 LYS LYS A . n 
A 1 166 VAL 166 159 159 VAL VAL A . n 
A 1 167 SER 167 160 160 SER SER A . n 
A 1 168 TYR 168 161 161 TYR TYR A . n 
A 1 169 LEU 169 162 162 LEU LEU A . n 
A 1 170 VAL 170 163 163 VAL VAL A . n 
A 1 171 GLU 171 164 164 GLU GLU A . n 
A 1 172 VAL 172 165 165 VAL VAL A . n 
A 1 173 VAL 173 166 166 VAL VAL A . n 
A 1 174 ALA 174 167 167 ALA ALA A . n 
A 1 175 CYS 175 168 168 CYS CYS A . n 
A 1 176 PHE 176 169 169 PHE PHE A . n 
A 1 177 ALA 177 170 170 ALA ALA A . n 
A 1 178 GLN 178 171 171 GLN GLN A . n 
A 1 179 ASP 179 172 172 ASP ASP A . n 
A 1 180 GLY 180 173 173 GLY GLY A . n 
A 1 181 SER 181 174 174 SER SER A . n 
A 1 182 THR 182 175 175 THR THR A . n 
A 1 183 LEU 183 176 176 LEU LEU A . n 
A 1 184 ILE 184 177 177 ILE ILE A . n 
A 1 185 ASP 185 178 178 ASP ASP A . n 
A 1 186 CYS 186 179 179 CYS CYS A . n 
A 1 187 THR 187 180 180 THR THR A . n 
A 1 188 ARG 188 181 181 ARG ARG A . n 
A 1 189 ASP 189 182 182 ASP ASP A . n 
A 1 190 THR 190 183 183 THR THR A . n 
A 1 191 CYS 191 184 184 CYS CYS A . n 
A 1 192 GLY 192 185 185 GLY GLY A . n 
A 1 193 ALA 193 186 186 ALA ALA A . n 
A 1 194 ASN 194 187 187 ASN ASN A . n 
A 1 195 PHE 195 188 188 PHE PHE A . n 
A 1 196 ILE 196 189 189 ILE ILE A . n 
A 1 197 PHE 197 190 190 PHE PHE A . n 
# 
loop_
_pdbx_nonpoly_scheme.asym_id 
_pdbx_nonpoly_scheme.entity_id 
_pdbx_nonpoly_scheme.mon_id 
_pdbx_nonpoly_scheme.ndb_seq_num 
_pdbx_nonpoly_scheme.pdb_seq_num 
_pdbx_nonpoly_scheme.auth_seq_num 
_pdbx_nonpoly_scheme.pdb_mon_id 
_pdbx_nonpoly_scheme.auth_mon_id 
_pdbx_nonpoly_scheme.pdb_strand_id 
_pdbx_nonpoly_scheme.pdb_ins_code 
B 2 SO4 1   301  301 SO4 SO4 A . 
C 2 SO4 1   302  302 SO4 SO4 A . 
D 2 SO4 1   303  303 SO4 SO4 A . 
E 3 U5P 1   1001 1   U5P U5P A . 
F 4 HOH 1   1002 1   HOH TIP A . 
F 4 HOH 2   1003 2   HOH TIP A . 
F 4 HOH 3   1004 3   HOH TIP A . 
F 4 HOH 4   1005 4   HOH TIP A . 
F 4 HOH 5   1006 5   HOH TIP A . 
F 4 HOH 6   1007 6   HOH TIP A . 
F 4 HOH 7   1008 7   HOH TIP A . 
F 4 HOH 8   1009 8   HOH TIP A . 
F 4 HOH 9   1010 9   HOH TIP A . 
F 4 HOH 10  1011 10  HOH TIP A . 
F 4 HOH 11  1012 11  HOH TIP A . 
F 4 HOH 12  1013 12  HOH TIP A . 
F 4 HOH 13  1014 13  HOH TIP A . 
F 4 HOH 14  1015 14  HOH TIP A . 
F 4 HOH 15  1016 15  HOH TIP A . 
F 4 HOH 16  1017 16  HOH TIP A . 
F 4 HOH 17  1018 17  HOH TIP A . 
F 4 HOH 18  1019 18  HOH TIP A . 
F 4 HOH 19  1020 19  HOH TIP A . 
F 4 HOH 20  1021 20  HOH TIP A . 
F 4 HOH 21  1022 21  HOH TIP A . 
F 4 HOH 22  1023 22  HOH TIP A . 
F 4 HOH 23  1024 23  HOH TIP A . 
F 4 HOH 24  1025 24  HOH TIP A . 
F 4 HOH 25  1026 25  HOH TIP A . 
F 4 HOH 26  1027 26  HOH TIP A . 
F 4 HOH 27  1028 27  HOH TIP A . 
F 4 HOH 28  1029 28  HOH TIP A . 
F 4 HOH 29  1030 29  HOH TIP A . 
F 4 HOH 30  1031 30  HOH TIP A . 
F 4 HOH 31  1032 31  HOH TIP A . 
F 4 HOH 32  1033 32  HOH TIP A . 
F 4 HOH 33  1034 33  HOH TIP A . 
F 4 HOH 34  1035 34  HOH TIP A . 
F 4 HOH 35  1036 35  HOH TIP A . 
F 4 HOH 36  1037 36  HOH TIP A . 
F 4 HOH 37  1038 37  HOH TIP A . 
F 4 HOH 38  1039 38  HOH TIP A . 
F 4 HOH 39  1040 39  HOH TIP A . 
F 4 HOH 40  1041 40  HOH TIP A . 
F 4 HOH 41  1042 41  HOH TIP A . 
F 4 HOH 42  1043 42  HOH TIP A . 
F 4 HOH 43  1044 43  HOH TIP A . 
F 4 HOH 44  1045 44  HOH TIP A . 
F 4 HOH 45  1046 45  HOH TIP A . 
F 4 HOH 46  1047 46  HOH TIP A . 
F 4 HOH 47  1048 47  HOH TIP A . 
F 4 HOH 48  1049 48  HOH TIP A . 
F 4 HOH 49  1050 49  HOH TIP A . 
F 4 HOH 50  1051 50  HOH TIP A . 
F 4 HOH 51  1052 51  HOH TIP A . 
F 4 HOH 52  1053 52  HOH TIP A . 
F 4 HOH 53  1054 53  HOH TIP A . 
F 4 HOH 54  1055 54  HOH TIP A . 
F 4 HOH 55  1056 55  HOH TIP A . 
F 4 HOH 56  1057 56  HOH TIP A . 
F 4 HOH 57  1058 57  HOH TIP A . 
F 4 HOH 58  1059 58  HOH TIP A . 
F 4 HOH 59  1060 59  HOH TIP A . 
F 4 HOH 60  1061 60  HOH TIP A . 
F 4 HOH 61  1062 61  HOH TIP A . 
F 4 HOH 62  1063 62  HOH TIP A . 
F 4 HOH 63  1064 63  HOH TIP A . 
F 4 HOH 64  1065 64  HOH TIP A . 
F 4 HOH 65  1066 65  HOH TIP A . 
F 4 HOH 66  1067 66  HOH TIP A . 
F 4 HOH 67  1068 67  HOH TIP A . 
F 4 HOH 68  1069 68  HOH TIP A . 
F 4 HOH 69  1070 69  HOH TIP A . 
F 4 HOH 70  1071 70  HOH TIP A . 
F 4 HOH 71  1072 71  HOH TIP A . 
F 4 HOH 72  1073 72  HOH TIP A . 
F 4 HOH 73  1074 73  HOH TIP A . 
F 4 HOH 74  1075 74  HOH TIP A . 
F 4 HOH 75  1076 75  HOH TIP A . 
F 4 HOH 76  1077 76  HOH TIP A . 
F 4 HOH 77  1078 77  HOH TIP A . 
F 4 HOH 78  1079 78  HOH TIP A . 
F 4 HOH 79  1080 79  HOH TIP A . 
F 4 HOH 80  1081 80  HOH TIP A . 
F 4 HOH 81  1082 81  HOH TIP A . 
F 4 HOH 82  1083 82  HOH TIP A . 
F 4 HOH 83  1084 83  HOH TIP A . 
F 4 HOH 84  1085 84  HOH TIP A . 
F 4 HOH 85  1086 85  HOH TIP A . 
F 4 HOH 86  1087 86  HOH TIP A . 
F 4 HOH 87  1088 87  HOH TIP A . 
F 4 HOH 88  1089 88  HOH TIP A . 
F 4 HOH 89  1090 89  HOH TIP A . 
F 4 HOH 90  1091 90  HOH TIP A . 
F 4 HOH 91  1092 91  HOH TIP A . 
F 4 HOH 92  1093 92  HOH TIP A . 
F 4 HOH 93  1094 93  HOH TIP A . 
F 4 HOH 94  1095 94  HOH TIP A . 
F 4 HOH 95  1096 95  HOH TIP A . 
F 4 HOH 96  1097 96  HOH TIP A . 
F 4 HOH 97  1098 97  HOH TIP A . 
F 4 HOH 98  1099 98  HOH TIP A . 
F 4 HOH 99  1100 99  HOH TIP A . 
F 4 HOH 100 1101 100 HOH TIP A . 
F 4 HOH 101 1102 101 HOH TIP A . 
F 4 HOH 102 1103 102 HOH TIP A . 
F 4 HOH 103 1104 103 HOH TIP A . 
F 4 HOH 104 1105 104 HOH TIP A . 
F 4 HOH 105 1106 105 HOH TIP A . 
F 4 HOH 106 1107 106 HOH TIP A . 
F 4 HOH 107 1108 107 HOH TIP A . 
F 4 HOH 108 1109 108 HOH TIP A . 
F 4 HOH 109 1110 109 HOH TIP A . 
F 4 HOH 110 1111 110 HOH TIP A . 
F 4 HOH 111 1112 111 HOH TIP A . 
F 4 HOH 112 1113 112 HOH TIP A . 
# 
loop_
_software.name 
_software.classification 
_software.version 
_software.citation_id 
_software.pdbx_ordinal 
CNS       refinement        1.1 ? 1 
MAR345    'data collection' .   ? 2 
SCALEPACK 'data scaling'    .   ? 3 
CNS       phasing           .   ? 4 
# 
_cell.entry_id           1V9H 
_cell.length_a           52.675 
_cell.length_b           61.996 
_cell.length_c           76.393 
_cell.angle_alpha        90.00 
_cell.angle_beta         90.00 
_cell.angle_gamma        90.00 
_cell.Z_PDB              4 
_cell.pdbx_unique_axis   ? 
# 
_symmetry.entry_id                         1V9H 
_symmetry.space_group_name_H-M             'P 21 21 21' 
_symmetry.pdbx_full_space_group_name_H-M   ? 
_symmetry.cell_setting                     ? 
_symmetry.Int_Tables_number                19 
_symmetry.space_group_name_Hall            ? 
# 
_exptl.entry_id          1V9H 
_exptl.method            'X-RAY DIFFRACTION' 
_exptl.crystals_number   1 
# 
_exptl_crystal.id                    1 
_exptl_crystal.density_meas          ? 
_exptl_crystal.density_Matthews      2.68 
_exptl_crystal.density_percent_sol   53.67 
_exptl_crystal.description           ? 
_exptl_crystal.F_000                 ? 
_exptl_crystal.preparation           ? 
# 
_exptl_crystal_grow.crystal_id      1 
_exptl_crystal_grow.method          'VAPOR DIFFUSION, HANGING DROP' 
_exptl_crystal_grow.temp            293 
_exptl_crystal_grow.temp_details    ? 
_exptl_crystal_grow.pH              4.6 
_exptl_crystal_grow.pdbx_details    
'2.0M ammonium sulfate, 100mM sodium acetate, pH 4.6, VAPOR DIFFUSION, HANGING DROP, temperature 293K' 
_exptl_crystal_grow.pdbx_pH_range   . 
# 
_diffrn.id                     1 
_diffrn.ambient_temp           100 
_diffrn.ambient_temp_details   ? 
_diffrn.crystal_id             1 
# 
_diffrn_detector.diffrn_id              1 
_diffrn_detector.detector               CCD 
_diffrn_detector.type                   MARRESEARCH 
_diffrn_detector.pdbx_collection_date   2002-11-04 
_diffrn_detector.details                mirrors 
# 
_diffrn_radiation.diffrn_id                        1 
_diffrn_radiation.wavelength_id                    1 
_diffrn_radiation.pdbx_monochromatic_or_laue_m_l   M 
_diffrn_radiation.monochromator                    'Si 111 channel' 
_diffrn_radiation.pdbx_diffrn_protocol             'SINGLE WAVELENGTH' 
_diffrn_radiation.pdbx_scattering_type             x-ray 
# 
_diffrn_radiation_wavelength.id           1 
_diffrn_radiation_wavelength.wavelength   0.8 
_diffrn_radiation_wavelength.wt           1.0 
# 
_diffrn_source.diffrn_id                   1 
_diffrn_source.source                      SYNCHROTRON 
_diffrn_source.type                        'SPRING-8 BEAMLINE BL41XU' 
_diffrn_source.pdbx_synchrotron_site       SPring-8 
_diffrn_source.pdbx_synchrotron_beamline   BL41XU 
_diffrn_source.pdbx_wavelength             ? 
_diffrn_source.pdbx_wavelength_list        0.8 
# 
_reflns.entry_id                     1V9H 
_reflns.observed_criterion_sigma_I   0 
_reflns.observed_criterion_sigma_F   0 
_reflns.d_resolution_low             50 
_reflns.d_resolution_high            2.0 
_reflns.number_obs                   17372 
_reflns.number_all                   17372 
_reflns.percent_possible_obs         99.4 
_reflns.pdbx_Rmerge_I_obs            0.109 
_reflns.pdbx_Rsym_value              ? 
_reflns.pdbx_netI_over_sigmaI        14.8 
_reflns.B_iso_Wilson_estimate        13.9 
_reflns.pdbx_redundancy              6.9 
_reflns.R_free_details               ? 
_reflns.limit_h_max                  ? 
_reflns.limit_h_min                  ? 
_reflns.limit_k_max                  ? 
_reflns.limit_k_min                  ? 
_reflns.limit_l_max                  ? 
_reflns.limit_l_min                  ? 
_reflns.observed_criterion_F_max     ? 
_reflns.observed_criterion_F_min     ? 
_reflns.pdbx_chi_squared             ? 
_reflns.pdbx_scaling_rejects         ? 
_reflns.pdbx_diffrn_id               1 
_reflns.pdbx_ordinal                 1 
# 
_reflns_shell.d_res_high             2.0 
_reflns_shell.d_res_low              2.07 
_reflns_shell.percent_possible_all   100 
_reflns_shell.Rmerge_I_obs           0.242 
_reflns_shell.pdbx_Rsym_value        ? 
_reflns_shell.meanI_over_sigI_obs    8.6 
_reflns_shell.pdbx_redundancy        7.0 
_reflns_shell.percent_possible_obs   ? 
_reflns_shell.number_unique_all      ? 
_reflns_shell.number_measured_all    ? 
_reflns_shell.number_measured_obs    ? 
_reflns_shell.number_unique_obs      ? 
_reflns_shell.pdbx_chi_squared       ? 
_reflns_shell.pdbx_diffrn_id         ? 
_reflns_shell.pdbx_ordinal           1 
# 
_refine.entry_id                                 1V9H 
_refine.ls_number_reflns_obs                     16986 
_refine.ls_number_reflns_all                     16986 
_refine.pdbx_ls_sigma_I                          0.0 
_refine.pdbx_ls_sigma_F                          0.0 
_refine.pdbx_data_cutoff_high_absF               517784.42 
_refine.pdbx_data_cutoff_low_absF                0.000000 
_refine.pdbx_data_cutoff_high_rms_absF           ? 
_refine.ls_d_res_low                             38.20 
_refine.ls_d_res_high                            2.00 
_refine.ls_percent_reflns_obs                    97.2 
_refine.ls_R_factor_obs                          0.2099 
_refine.ls_R_factor_all                          ? 
_refine.ls_R_factor_R_work                       0.2099 
_refine.ls_R_factor_R_free                       0.2568 
_refine.ls_R_factor_R_free_error                 0.009 
_refine.ls_R_factor_R_free_error_details         ? 
_refine.ls_percent_reflns_R_free                 4.9 
_refine.ls_number_reflns_R_free                  824 
_refine.ls_number_parameters                     ? 
_refine.ls_number_restraints                     ? 
_refine.occupancy_min                            ? 
_refine.occupancy_max                            ? 
_refine.correlation_coeff_Fo_to_Fc               ? 
_refine.correlation_coeff_Fo_to_Fc_free          ? 
_refine.B_iso_mean                               22.0 
_refine.aniso_B[1][1]                            2.51 
_refine.aniso_B[2][2]                            -0.05 
_refine.aniso_B[3][3]                            -2.47 
_refine.aniso_B[1][2]                            0.00 
_refine.aniso_B[1][3]                            0.00 
_refine.aniso_B[2][3]                            0.00 
_refine.solvent_model_details                    'FLAT MODEL' 
_refine.solvent_model_param_ksol                 0.398631 
_refine.solvent_model_param_bsol                 44.7098 
_refine.pdbx_solvent_vdw_probe_radii             ? 
_refine.pdbx_solvent_ion_probe_radii             ? 
_refine.pdbx_solvent_shrinkage_radii             ? 
_refine.pdbx_ls_cross_valid_method               THROUGHOUT 
_refine.details                                  ? 
_refine.pdbx_starting_model                      'PDB entry 1BK7' 
_refine.pdbx_method_to_determine_struct          'MOLECULAR REPLACEMENT' 
_refine.pdbx_isotropic_thermal_model             RESTRAINED 
_refine.pdbx_stereochemistry_target_values       'Engh & Huber' 
_refine.pdbx_stereochem_target_val_spec_case     ? 
_refine.pdbx_R_Free_selection_details            RANDOM 
_refine.pdbx_overall_ESU_R                       ? 
_refine.pdbx_overall_ESU_R_Free                  ? 
_refine.overall_SU_ML                            ? 
_refine.overall_SU_B                             ? 
_refine.ls_redundancy_reflns_obs                 ? 
_refine.B_iso_min                                ? 
_refine.B_iso_max                                ? 
_refine.overall_SU_R_Cruickshank_DPI             ? 
_refine.overall_SU_R_free                        ? 
_refine.ls_wR_factor_R_free                      ? 
_refine.ls_wR_factor_R_work                      ? 
_refine.overall_FOM_free_R_set                   ? 
_refine.overall_FOM_work_R_set                   ? 
_refine.pdbx_refine_id                           'X-RAY DIFFRACTION' 
_refine.pdbx_diffrn_id                           1 
_refine.pdbx_TLS_residual_ADP_flag               ? 
_refine.pdbx_overall_phase_error                 ? 
_refine.pdbx_overall_SU_R_free_Cruickshank_DPI   ? 
_refine.pdbx_overall_SU_R_Blow_DPI               ? 
_refine.pdbx_overall_SU_R_free_Blow_DPI          ? 
# 
_refine_analyze.entry_id                        1V9H 
_refine_analyze.Luzzati_coordinate_error_obs    0.22 
_refine_analyze.Luzzati_sigma_a_obs             0.04 
_refine_analyze.Luzzati_d_res_low_obs           5.00 
_refine_analyze.Luzzati_coordinate_error_free   0.27 
_refine_analyze.Luzzati_sigma_a_free            0.10 
_refine_analyze.Luzzati_d_res_low_free          ? 
_refine_analyze.number_disordered_residues      ? 
_refine_analyze.occupancy_sum_hydrogen          ? 
_refine_analyze.occupancy_sum_non_hydrogen      ? 
_refine_analyze.pdbx_Luzzati_d_res_high_obs     ? 
_refine_analyze.pdbx_refine_id                  'X-RAY DIFFRACTION' 
# 
_refine_hist.pdbx_refine_id                   'X-RAY DIFFRACTION' 
_refine_hist.cycle_id                         LAST 
_refine_hist.pdbx_number_atoms_protein        1517 
_refine_hist.pdbx_number_atoms_nucleic_acid   0 
_refine_hist.pdbx_number_atoms_ligand         36 
_refine_hist.number_atoms_solvent             112 
_refine_hist.number_atoms_total               1665 
_refine_hist.d_res_high                       2.00 
_refine_hist.d_res_low                        38.20 
# 
loop_
_refine_ls_restr.type 
_refine_ls_restr.dev_ideal 
_refine_ls_restr.dev_ideal_target 
_refine_ls_restr.weight 
_refine_ls_restr.number 
_refine_ls_restr.pdbx_refine_id 
_refine_ls_restr.pdbx_restraint_function 
c_bond_d           0.005 ? ? ? 'X-RAY DIFFRACTION' ? 
c_angle_deg        1.3   ? ? ? 'X-RAY DIFFRACTION' ? 
c_dihedral_angle_d 23.3  ? ? ? 'X-RAY DIFFRACTION' ? 
c_improper_angle_d 0.80  ? ? ? 'X-RAY DIFFRACTION' ? 
# 
_refine_ls_shell.pdbx_total_number_of_bins_used   6 
_refine_ls_shell.d_res_high                       2.00 
_refine_ls_shell.d_res_low                        2.13 
_refine_ls_shell.number_reflns_R_work             2601 
_refine_ls_shell.R_factor_R_work                  0.193 
_refine_ls_shell.percent_reflns_obs               95.6 
_refine_ls_shell.R_factor_R_free                  0.266 
_refine_ls_shell.R_factor_R_free_error            0.025 
_refine_ls_shell.percent_reflns_R_free            4.1 
_refine_ls_shell.number_reflns_R_free             112 
_refine_ls_shell.number_reflns_obs                ? 
_refine_ls_shell.redundancy_reflns_obs            ? 
_refine_ls_shell.number_reflns_all                ? 
_refine_ls_shell.pdbx_refine_id                   'X-RAY DIFFRACTION' 
_refine_ls_shell.R_factor_all                     ? 
# 
loop_
_pdbx_xplor_file.serial_no 
_pdbx_xplor_file.param_file 
_pdbx_xplor_file.topol_file 
_pdbx_xplor_file.pdbx_refine_id 
1 PROTEIN_REP.PARAM PROTEIN.TOP   'X-RAY DIFFRACTION' 
2 WATER.PARAM       WATER.TOP     'X-RAY DIFFRACTION' 
3 SO4_XPLOR.PARAM   SO4_XPLOR.TOP 'X-RAY DIFFRACTION' 
4 U5P_XPLOR.PARAM   U5P_XPLOR.TOP 'X-RAY DIFFRACTION' 
# 
_struct.entry_id                  1V9H 
_struct.title                     
;Crystal structure of the RNase MC1 mutant Y101A in complex with 5'-UMP
;
_struct.pdbx_model_details        ? 
_struct.pdbx_CASP_flag            ? 
_struct.pdbx_model_type_details   ? 
# 
_struct_keywords.entry_id        1V9H 
_struct_keywords.pdbx_keywords   HYDROLASE 
_struct_keywords.text            'Hydolase, Nucleic acid, RNA, HYDROLASE' 
# 
loop_
_struct_asym.id 
_struct_asym.pdbx_blank_PDB_chainid_flag 
_struct_asym.pdbx_modified 
_struct_asym.entity_id 
_struct_asym.details 
A N N 1 ? 
B N N 2 ? 
C N N 2 ? 
D N N 2 ? 
E N N 3 ? 
F N N 4 ? 
# 
_struct_ref.id                         1 
_struct_ref.db_name                    UNP 
_struct_ref.db_code                    RNMC_MOMCH 
_struct_ref.pdbx_db_accession          P23540 
_struct_ref.entity_id                  1 
_struct_ref.pdbx_seq_one_letter_code   
;FDSFWFVQQWPPAVCSFQKSGSCPGSGLRTFTIHGLWPQGSGTSLTNCPQGSPFDITKISHLQSQLNTLWPNVLRANNQQ
FWSHEWTKHGTCSESTFNQAAYFKLAVDMRNNYDIIGALRPHAAGPNGRTKSRQAIKGFLKAKFGKFPGLRCRTDPQTKV
SYLVQVVACFAQDGSTLIDCTRDTCGANFIF
;
_struct_ref.pdbx_align_begin           1 
_struct_ref.pdbx_db_isoform            ? 
# 
_struct_ref_seq.align_id                      1 
_struct_ref_seq.ref_id                        1 
_struct_ref_seq.pdbx_PDB_id_code              1V9H 
_struct_ref_seq.pdbx_strand_id                A 
_struct_ref_seq.seq_align_beg                 8 
_struct_ref_seq.pdbx_seq_align_beg_ins_code   ? 
_struct_ref_seq.seq_align_end                 197 
_struct_ref_seq.pdbx_seq_align_end_ins_code   ? 
_struct_ref_seq.pdbx_db_accession             P23540 
_struct_ref_seq.db_align_beg                  1 
_struct_ref_seq.pdbx_db_align_beg_ins_code    ? 
_struct_ref_seq.db_align_end                  191 
_struct_ref_seq.pdbx_db_align_end_ins_code    ? 
_struct_ref_seq.pdbx_auth_seq_align_beg       1 
_struct_ref_seq.pdbx_auth_seq_align_end       190 
# 
loop_
_struct_ref_seq_dif.align_id 
_struct_ref_seq_dif.pdbx_pdb_id_code 
_struct_ref_seq_dif.mon_id 
_struct_ref_seq_dif.pdbx_pdb_strand_id 
_struct_ref_seq_dif.seq_num 
_struct_ref_seq_dif.pdbx_pdb_ins_code 
_struct_ref_seq_dif.pdbx_seq_db_name 
_struct_ref_seq_dif.pdbx_seq_db_accession_code 
_struct_ref_seq_dif.db_mon_id 
_struct_ref_seq_dif.pdbx_seq_db_seq_num 
_struct_ref_seq_dif.details 
_struct_ref_seq_dif.pdbx_auth_seq_num 
_struct_ref_seq_dif.pdbx_ordinal 
1 1V9H GLU A 1   ? UNP P23540 ?   ?   'cloning artifact'    -6  1  
1 1V9H ALA A 2   ? UNP P23540 ?   ?   'cloning artifact'    -5  2  
1 1V9H GLU A 3   ? UNP P23540 ?   ?   'cloning artifact'    -4  3  
1 1V9H ALA A 4   ? UNP P23540 ?   ?   'cloning artifact'    -3  4  
1 1V9H TYR A 5   ? UNP P23540 ?   ?   'cloning artifact'    -2  5  
1 1V9H VAL A 6   ? UNP P23540 ?   ?   'cloning artifact'    -1  6  
1 1V9H GLU A 7   ? UNP P23540 ?   ?   'cloning artifact'    0   7  
1 1V9H GLN A 47  ? UNP P23540 GLY 40  'SEE REMARK 999'      40  8  
1 1V9H ?   A ?   ? UNP P23540 GLN 50  deletion              ?   9  
1 1V9H ALA A 108 ? UNP P23540 TYR 102 'engineered mutation' 101 10 
1 1V9H GLU A 171 ? UNP P23540 GLN 165 'SEE REMARK 999'      164 11 
# 
_pdbx_struct_assembly.id                   1 
_pdbx_struct_assembly.details              author_defined_assembly 
_pdbx_struct_assembly.method_details       ? 
_pdbx_struct_assembly.oligomeric_details   monomeric 
_pdbx_struct_assembly.oligomeric_count     1 
# 
_pdbx_struct_assembly_gen.assembly_id       1 
_pdbx_struct_assembly_gen.oper_expression   1 
_pdbx_struct_assembly_gen.asym_id_list      A,B,C,D,E,F 
# 
_pdbx_struct_oper_list.id                   1 
_pdbx_struct_oper_list.type                 'identity operation' 
_pdbx_struct_oper_list.name                 1_555 
_pdbx_struct_oper_list.symmetry_operation   x,y,z 
_pdbx_struct_oper_list.matrix[1][1]         1.0000000000 
_pdbx_struct_oper_list.matrix[1][2]         0.0000000000 
_pdbx_struct_oper_list.matrix[1][3]         0.0000000000 
_pdbx_struct_oper_list.vector[1]            0.0000000000 
_pdbx_struct_oper_list.matrix[2][1]         0.0000000000 
_pdbx_struct_oper_list.matrix[2][2]         1.0000000000 
_pdbx_struct_oper_list.matrix[2][3]         0.0000000000 
_pdbx_struct_oper_list.vector[2]            0.0000000000 
_pdbx_struct_oper_list.matrix[3][1]         0.0000000000 
_pdbx_struct_oper_list.matrix[3][2]         0.0000000000 
_pdbx_struct_oper_list.matrix[3][3]         1.0000000000 
_pdbx_struct_oper_list.vector[3]            0.0000000000 
# 
loop_
_struct_conf.conf_type_id 
_struct_conf.id 
_struct_conf.pdbx_PDB_helix_id 
_struct_conf.beg_label_comp_id 
_struct_conf.beg_label_asym_id 
_struct_conf.beg_label_seq_id 
_struct_conf.pdbx_beg_PDB_ins_code 
_struct_conf.end_label_comp_id 
_struct_conf.end_label_asym_id 
_struct_conf.end_label_seq_id 
_struct_conf.pdbx_end_PDB_ins_code 
_struct_conf.beg_auth_comp_id 
_struct_conf.beg_auth_asym_id 
_struct_conf.beg_auth_seq_id 
_struct_conf.end_auth_comp_id 
_struct_conf.end_auth_asym_id 
_struct_conf.end_auth_seq_id 
_struct_conf.pdbx_PDB_helix_class 
_struct_conf.details 
_struct_conf.pdbx_PDB_helix_length 
HELX_P HELX_P1 1 TRP A 17  ? PHE A 24  ? TRP A 10  PHE A 17  1 ? 8  
HELX_P HELX_P2 2 ASP A 61  ? SER A 66  ? ASP A 54  SER A 59  5 ? 6  
HELX_P HELX_P3 3 LEU A 68  ? TRP A 76  ? LEU A 61  TRP A 69  1 ? 9  
HELX_P HELX_P4 4 ASN A 83  ? HIS A 95  ? ASN A 76  HIS A 88  1 ? 13 
HELX_P HELX_P5 5 GLY A 96  ? GLU A 100 ? GLY A 89  GLU A 93  5 ? 5  
HELX_P HELX_P6 6 ASN A 104 ? ASN A 118 ? ASN A 97  ASN A 111 1 ? 15 
HELX_P HELX_P7 7 ASP A 120 ? ARG A 126 ? ASP A 113 ARG A 119 1 ? 7  
HELX_P HELX_P8 8 PRO A 127 ? ALA A 129 ? PRO A 120 ALA A 122 5 ? 3  
HELX_P HELX_P9 9 ARG A 139 ? GLY A 151 ? ARG A 132 GLY A 144 1 ? 13 
# 
_struct_conf_type.id          HELX_P 
_struct_conf_type.criteria    ? 
_struct_conf_type.reference   ? 
# 
loop_
_struct_conn.id 
_struct_conn.conn_type_id 
_struct_conn.pdbx_leaving_atom_flag 
_struct_conn.pdbx_PDB_id 
_struct_conn.ptnr1_label_asym_id 
_struct_conn.ptnr1_label_comp_id 
_struct_conn.ptnr1_label_seq_id 
_struct_conn.ptnr1_label_atom_id 
_struct_conn.pdbx_ptnr1_label_alt_id 
_struct_conn.pdbx_ptnr1_PDB_ins_code 
_struct_conn.pdbx_ptnr1_standard_comp_id 
_struct_conn.ptnr1_symmetry 
_struct_conn.ptnr2_label_asym_id 
_struct_conn.ptnr2_label_comp_id 
_struct_conn.ptnr2_label_seq_id 
_struct_conn.ptnr2_label_atom_id 
_struct_conn.pdbx_ptnr2_label_alt_id 
_struct_conn.pdbx_ptnr2_PDB_ins_code 
_struct_conn.ptnr1_auth_asym_id 
_struct_conn.ptnr1_auth_comp_id 
_struct_conn.ptnr1_auth_seq_id 
_struct_conn.ptnr2_auth_asym_id 
_struct_conn.ptnr2_auth_comp_id 
_struct_conn.ptnr2_auth_seq_id 
_struct_conn.ptnr2_symmetry 
_struct_conn.pdbx_ptnr3_label_atom_id 
_struct_conn.pdbx_ptnr3_label_seq_id 
_struct_conn.pdbx_ptnr3_label_comp_id 
_struct_conn.pdbx_ptnr3_label_asym_id 
_struct_conn.pdbx_ptnr3_label_alt_id 
_struct_conn.pdbx_ptnr3_PDB_ins_code 
_struct_conn.details 
_struct_conn.pdbx_dist_value 
_struct_conn.pdbx_value_order 
_struct_conn.pdbx_role 
disulf1 disulf ? ? A CYS 22  SG ? ? ? 1_555 A CYS 30  SG ? ? A CYS 15  A CYS 23  1_555 ? ? ? ? ? ? ? 2.033 ? ? 
disulf2 disulf ? ? A CYS 55  SG ? ? ? 1_555 A CYS 98  SG ? ? A CYS 48  A CYS 91  1_555 ? ? ? ? ? ? ? 2.048 ? ? 
disulf3 disulf ? ? A CYS 158 SG ? ? ? 1_555 A CYS 191 SG ? ? A CYS 151 A CYS 184 1_555 ? ? ? ? ? ? ? 2.033 ? ? 
disulf4 disulf ? ? A CYS 175 SG ? ? ? 1_555 A CYS 186 SG ? ? A CYS 168 A CYS 179 1_555 ? ? ? ? ? ? ? 2.040 ? ? 
# 
_struct_conn_type.id          disulf 
_struct_conn_type.criteria    ? 
_struct_conn_type.reference   ? 
# 
loop_
_pdbx_modification_feature.ordinal 
_pdbx_modification_feature.label_comp_id 
_pdbx_modification_feature.label_asym_id 
_pdbx_modification_feature.label_seq_id 
_pdbx_modification_feature.label_alt_id 
_pdbx_modification_feature.modified_residue_label_comp_id 
_pdbx_modification_feature.modified_residue_label_asym_id 
_pdbx_modification_feature.modified_residue_label_seq_id 
_pdbx_modification_feature.modified_residue_label_alt_id 
_pdbx_modification_feature.auth_comp_id 
_pdbx_modification_feature.auth_asym_id 
_pdbx_modification_feature.auth_seq_id 
_pdbx_modification_feature.PDB_ins_code 
_pdbx_modification_feature.symmetry 
_pdbx_modification_feature.modified_residue_auth_comp_id 
_pdbx_modification_feature.modified_residue_auth_asym_id 
_pdbx_modification_feature.modified_residue_auth_seq_id 
_pdbx_modification_feature.modified_residue_PDB_ins_code 
_pdbx_modification_feature.modified_residue_symmetry 
_pdbx_modification_feature.comp_id_linking_atom 
_pdbx_modification_feature.modified_residue_id_linking_atom 
_pdbx_modification_feature.modified_residue_id 
_pdbx_modification_feature.ref_pcm_id 
_pdbx_modification_feature.ref_comp_id 
_pdbx_modification_feature.type 
_pdbx_modification_feature.category 
1 CYS A 22  ? CYS A 30  ? CYS A 15  ? 1_555 CYS A 23  ? 1_555 SG SG . . . None 'Disulfide bridge' 
2 CYS A 55  ? CYS A 98  ? CYS A 48  ? 1_555 CYS A 91  ? 1_555 SG SG . . . None 'Disulfide bridge' 
3 CYS A 158 ? CYS A 191 ? CYS A 151 ? 1_555 CYS A 184 ? 1_555 SG SG . . . None 'Disulfide bridge' 
4 CYS A 175 ? CYS A 186 ? CYS A 168 ? 1_555 CYS A 179 ? 1_555 SG SG . . . None 'Disulfide bridge' 
# 
loop_
_struct_sheet.id 
_struct_sheet.type 
_struct_sheet.number_strands 
_struct_sheet.details 
A ? 5 ? 
B ? 5 ? 
C ? 2 ? 
# 
loop_
_struct_sheet_order.sheet_id 
_struct_sheet_order.range_id_1 
_struct_sheet_order.range_id_2 
_struct_sheet_order.offset 
_struct_sheet_order.sense 
A 1 2 ? anti-parallel 
A 2 3 ? anti-parallel 
A 3 4 ? anti-parallel 
A 4 5 ? anti-parallel 
B 1 2 ? anti-parallel 
B 2 3 ? anti-parallel 
B 3 4 ? anti-parallel 
B 4 5 ? anti-parallel 
C 1 2 ? anti-parallel 
# 
loop_
_struct_sheet_range.sheet_id 
_struct_sheet_range.id 
_struct_sheet_range.beg_label_comp_id 
_struct_sheet_range.beg_label_asym_id 
_struct_sheet_range.beg_label_seq_id 
_struct_sheet_range.pdbx_beg_PDB_ins_code 
_struct_sheet_range.end_label_comp_id 
_struct_sheet_range.end_label_asym_id 
_struct_sheet_range.end_label_seq_id 
_struct_sheet_range.pdbx_end_PDB_ins_code 
_struct_sheet_range.beg_auth_comp_id 
_struct_sheet_range.beg_auth_asym_id 
_struct_sheet_range.beg_auth_seq_id 
_struct_sheet_range.end_auth_comp_id 
_struct_sheet_range.end_auth_asym_id 
_struct_sheet_range.end_auth_seq_id 
A 1 THR A 50  ? SER A 51  ? THR A 43  SER A 44  
A 2 THR A 39  ? GLN A 47  ? THR A 32  GLN A 40  
A 3 SER A 10  ? GLN A 16  ? SER A 3   GLN A 9   
A 4 SER A 167 ? ALA A 177 ? SER A 160 ALA A 170 
A 5 GLY A 155 ? THR A 160 ? GLY A 148 THR A 153 
B 1 THR A 50  ? SER A 51  ? THR A 43  SER A 44  
B 2 THR A 39  ? GLN A 47  ? THR A 32  GLN A 40  
B 3 SER A 10  ? GLN A 16  ? SER A 3   GLN A 9   
B 4 SER A 167 ? ALA A 177 ? SER A 160 ALA A 170 
B 5 LEU A 183 ? ILE A 184 ? LEU A 176 ILE A 177 
C 1 ARG A 135 ? SER A 138 ? ARG A 128 SER A 131 
C 2 ASN A 194 ? PHE A 197 ? ASN A 187 PHE A 190 
# 
loop_
_pdbx_struct_sheet_hbond.sheet_id 
_pdbx_struct_sheet_hbond.range_id_1 
_pdbx_struct_sheet_hbond.range_id_2 
_pdbx_struct_sheet_hbond.range_1_label_atom_id 
_pdbx_struct_sheet_hbond.range_1_label_comp_id 
_pdbx_struct_sheet_hbond.range_1_label_asym_id 
_pdbx_struct_sheet_hbond.range_1_label_seq_id 
_pdbx_struct_sheet_hbond.range_1_PDB_ins_code 
_pdbx_struct_sheet_hbond.range_1_auth_atom_id 
_pdbx_struct_sheet_hbond.range_1_auth_comp_id 
_pdbx_struct_sheet_hbond.range_1_auth_asym_id 
_pdbx_struct_sheet_hbond.range_1_auth_seq_id 
_pdbx_struct_sheet_hbond.range_2_label_atom_id 
_pdbx_struct_sheet_hbond.range_2_label_comp_id 
_pdbx_struct_sheet_hbond.range_2_label_asym_id 
_pdbx_struct_sheet_hbond.range_2_label_seq_id 
_pdbx_struct_sheet_hbond.range_2_PDB_ins_code 
_pdbx_struct_sheet_hbond.range_2_auth_atom_id 
_pdbx_struct_sheet_hbond.range_2_auth_comp_id 
_pdbx_struct_sheet_hbond.range_2_auth_asym_id 
_pdbx_struct_sheet_hbond.range_2_auth_seq_id 
A 1 2 O THR A 50  ? O THR A 43  N GLN A 47  ? N GLN A 40  
A 2 3 O GLN A 46  ? O GLN A 39  N SER A 10  ? N SER A 3   
A 3 4 N PHE A 13  ? N PHE A 6   O ALA A 174 ? O ALA A 167 
A 4 5 O VAL A 173 ? O VAL A 166 N GLY A 155 ? N GLY A 148 
B 1 2 O THR A 50  ? O THR A 43  N GLN A 47  ? N GLN A 40  
B 2 3 O GLN A 46  ? O GLN A 39  N SER A 10  ? N SER A 3   
B 3 4 N PHE A 13  ? N PHE A 6   O ALA A 174 ? O ALA A 167 
B 4 5 N CYS A 175 ? N CYS A 168 O ILE A 184 ? O ILE A 177 
C 1 2 N LYS A 137 ? N LYS A 130 O PHE A 195 ? O PHE A 188 
# 
loop_
_struct_site.id 
_struct_site.pdbx_evidence_code 
_struct_site.pdbx_auth_asym_id 
_struct_site.pdbx_auth_comp_id 
_struct_site.pdbx_auth_seq_id 
_struct_site.pdbx_auth_ins_code 
_struct_site.pdbx_num_residues 
_struct_site.details 
AC1 Software A SO4 301  ? 9  'BINDING SITE FOR RESIDUE SO4 A 301'  
AC2 Software A SO4 302  ? 6  'BINDING SITE FOR RESIDUE SO4 A 302'  
AC3 Software A SO4 303  ? 4  'BINDING SITE FOR RESIDUE SO4 A 303'  
AC4 Software A U5P 1001 ? 15 'BINDING SITE FOR RESIDUE U5P A 1001' 
# 
loop_
_struct_site_gen.id 
_struct_site_gen.site_id 
_struct_site_gen.pdbx_num_res 
_struct_site_gen.label_comp_id 
_struct_site_gen.label_asym_id 
_struct_site_gen.label_seq_id 
_struct_site_gen.pdbx_auth_ins_code 
_struct_site_gen.auth_comp_id 
_struct_site_gen.auth_asym_id 
_struct_site_gen.auth_seq_id 
_struct_site_gen.label_atom_id 
_struct_site_gen.label_alt_id 
_struct_site_gen.symmetry 
_struct_site_gen.details 
1  AC1 9  PRO A 59  ? PRO A 52   . ? 2_545 ? 
2  AC1 9  PHE A 60  ? PHE A 53   . ? 2_545 ? 
3  AC1 9  THR A 93  ? THR A 86   . ? 2_545 ? 
4  AC1 9  ARG A 139 ? ARG A 132  . ? 1_555 ? 
5  AC1 9  GLY A 192 ? GLY A 185  . ? 1_555 ? 
6  AC1 9  ALA A 193 ? ALA A 186  . ? 1_555 ? 
7  AC1 9  HOH F .   ? HOH A 1030 . ? 2_545 ? 
8  AC1 9  HOH F .   ? HOH A 1043 . ? 2_545 ? 
9  AC1 9  HOH F .   ? HOH A 1068 . ? 2_545 ? 
10 AC2 6  GLY A 42  ? GLY A 35   . ? 1_555 ? 
11 AC2 6  LEU A 43  ? LEU A 36   . ? 1_555 ? 
12 AC2 6  TRP A 76  ? TRP A 69   . ? 1_555 ? 
13 AC2 6  GLU A 91  ? GLU A 84   . ? 1_555 ? 
14 AC2 6  TRP A 92  ? TRP A 85   . ? 1_555 ? 
15 AC2 6  GLY A 96  ? GLY A 89   . ? 1_555 ? 
16 AC3 4  ASN A 54  ? ASN A 47   . ? 1_555 ? 
17 AC3 4  HIS A 90  ? HIS A 83   . ? 1_555 ? 
18 AC3 4  LYS A 94  ? LYS A 87   . ? 1_555 ? 
19 AC3 4  HOH F .   ? HOH A 1083 . ? 1_555 ? 
20 AC4 15 GLN A 16  ? GLN A 9    . ? 1_555 ? 
21 AC4 15 HIS A 41  ? HIS A 34   . ? 1_555 ? 
22 AC4 15 ASN A 78  ? ASN A 71   . ? 1_555 ? 
23 AC4 15 VAL A 79  ? VAL A 72   . ? 1_555 ? 
24 AC4 15 LEU A 80  ? LEU A 73   . ? 1_555 ? 
25 AC4 15 ARG A 81  ? ARG A 74   . ? 1_555 ? 
26 AC4 15 PHE A 87  ? PHE A 80   . ? 1_555 ? 
27 AC4 15 HIS A 90  ? HIS A 83   . ? 1_555 ? 
28 AC4 15 GLU A 91  ? GLU A 84   . ? 1_555 ? 
29 AC4 15 LYS A 94  ? LYS A 87   . ? 1_555 ? 
30 AC4 15 HIS A 95  ? HIS A 88   . ? 1_555 ? 
31 AC4 15 HOH F .   ? HOH A 1039 . ? 1_555 ? 
32 AC4 15 HOH F .   ? HOH A 1050 . ? 1_555 ? 
33 AC4 15 HOH F .   ? HOH A 1055 . ? 1_555 ? 
34 AC4 15 HOH F .   ? HOH A 1077 . ? 1_555 ? 
# 
_pdbx_entry_details.entry_id                   1V9H 
_pdbx_entry_details.compound_details           ? 
_pdbx_entry_details.source_details             ? 
_pdbx_entry_details.nonpolymer_details         ? 
_pdbx_entry_details.sequence_details           ? 
_pdbx_entry_details.has_ligand_of_interest     ? 
_pdbx_entry_details.has_protein_modification   Y 
# 
loop_
_pdbx_validate_torsion.id 
_pdbx_validate_torsion.PDB_model_num 
_pdbx_validate_torsion.auth_comp_id 
_pdbx_validate_torsion.auth_asym_id 
_pdbx_validate_torsion.auth_seq_id 
_pdbx_validate_torsion.PDB_ins_code 
_pdbx_validate_torsion.label_alt_id 
_pdbx_validate_torsion.phi 
_pdbx_validate_torsion.psi 
1 1 GLN A 18  ? ? -117.01 57.20 
2 1 LYS A 19  ? ? -60.44  3.40  
3 1 PRO A 49  ? ? -69.77  75.73 
4 1 ASN A 126 ? ? -154.00 14.90 
# 
loop_
_pdbx_unobs_or_zero_occ_residues.id 
_pdbx_unobs_or_zero_occ_residues.PDB_model_num 
_pdbx_unobs_or_zero_occ_residues.polymer_flag 
_pdbx_unobs_or_zero_occ_residues.occupancy_flag 
_pdbx_unobs_or_zero_occ_residues.auth_asym_id 
_pdbx_unobs_or_zero_occ_residues.auth_comp_id 
_pdbx_unobs_or_zero_occ_residues.auth_seq_id 
_pdbx_unobs_or_zero_occ_residues.PDB_ins_code 
_pdbx_unobs_or_zero_occ_residues.label_asym_id 
_pdbx_unobs_or_zero_occ_residues.label_comp_id 
_pdbx_unobs_or_zero_occ_residues.label_seq_id 
1 1 Y 1 A GLU -6 ? A GLU 1 
2 1 Y 1 A ALA -5 ? A ALA 2 
3 1 Y 1 A GLU -4 ? A GLU 3 
4 1 Y 1 A ALA -3 ? A ALA 4 
# 
loop_
_chem_comp_atom.comp_id 
_chem_comp_atom.atom_id 
_chem_comp_atom.type_symbol 
_chem_comp_atom.pdbx_aromatic_flag 
_chem_comp_atom.pdbx_stereo_config 
_chem_comp_atom.pdbx_ordinal 
ALA N      N N N 1   
ALA CA     C N S 2   
ALA C      C N N 3   
ALA O      O N N 4   
ALA CB     C N N 5   
ALA OXT    O N N 6   
ALA H      H N N 7   
ALA H2     H N N 8   
ALA HA     H N N 9   
ALA HB1    H N N 10  
ALA HB2    H N N 11  
ALA HB3    H N N 12  
ALA HXT    H N N 13  
ARG N      N N N 14  
ARG CA     C N S 15  
ARG C      C N N 16  
ARG O      O N N 17  
ARG CB     C N N 18  
ARG CG     C N N 19  
ARG CD     C N N 20  
ARG NE     N N N 21  
ARG CZ     C N N 22  
ARG NH1    N N N 23  
ARG NH2    N N N 24  
ARG OXT    O N N 25  
ARG H      H N N 26  
ARG H2     H N N 27  
ARG HA     H N N 28  
ARG HB2    H N N 29  
ARG HB3    H N N 30  
ARG HG2    H N N 31  
ARG HG3    H N N 32  
ARG HD2    H N N 33  
ARG HD3    H N N 34  
ARG HE     H N N 35  
ARG HH11   H N N 36  
ARG HH12   H N N 37  
ARG HH21   H N N 38  
ARG HH22   H N N 39  
ARG HXT    H N N 40  
ASN N      N N N 41  
ASN CA     C N S 42  
ASN C      C N N 43  
ASN O      O N N 44  
ASN CB     C N N 45  
ASN CG     C N N 46  
ASN OD1    O N N 47  
ASN ND2    N N N 48  
ASN OXT    O N N 49  
ASN H      H N N 50  
ASN H2     H N N 51  
ASN HA     H N N 52  
ASN HB2    H N N 53  
ASN HB3    H N N 54  
ASN HD21   H N N 55  
ASN HD22   H N N 56  
ASN HXT    H N N 57  
ASP N      N N N 58  
ASP CA     C N S 59  
ASP C      C N N 60  
ASP O      O N N 61  
ASP CB     C N N 62  
ASP CG     C N N 63  
ASP OD1    O N N 64  
ASP OD2    O N N 65  
ASP OXT    O N N 66  
ASP H      H N N 67  
ASP H2     H N N 68  
ASP HA     H N N 69  
ASP HB2    H N N 70  
ASP HB3    H N N 71  
ASP HD2    H N N 72  
ASP HXT    H N N 73  
CYS N      N N N 74  
CYS CA     C N R 75  
CYS C      C N N 76  
CYS O      O N N 77  
CYS CB     C N N 78  
CYS SG     S N N 79  
CYS OXT    O N N 80  
CYS H      H N N 81  
CYS H2     H N N 82  
CYS HA     H N N 83  
CYS HB2    H N N 84  
CYS HB3    H N N 85  
CYS HG     H N N 86  
CYS HXT    H N N 87  
GLN N      N N N 88  
GLN CA     C N S 89  
GLN C      C N N 90  
GLN O      O N N 91  
GLN CB     C N N 92  
GLN CG     C N N 93  
GLN CD     C N N 94  
GLN OE1    O N N 95  
GLN NE2    N N N 96  
GLN OXT    O N N 97  
GLN H      H N N 98  
GLN H2     H N N 99  
GLN HA     H N N 100 
GLN HB2    H N N 101 
GLN HB3    H N N 102 
GLN HG2    H N N 103 
GLN HG3    H N N 104 
GLN HE21   H N N 105 
GLN HE22   H N N 106 
GLN HXT    H N N 107 
GLU N      N N N 108 
GLU CA     C N S 109 
GLU C      C N N 110 
GLU O      O N N 111 
GLU CB     C N N 112 
GLU CG     C N N 113 
GLU CD     C N N 114 
GLU OE1    O N N 115 
GLU OE2    O N N 116 
GLU OXT    O N N 117 
GLU H      H N N 118 
GLU H2     H N N 119 
GLU HA     H N N 120 
GLU HB2    H N N 121 
GLU HB3    H N N 122 
GLU HG2    H N N 123 
GLU HG3    H N N 124 
GLU HE2    H N N 125 
GLU HXT    H N N 126 
GLY N      N N N 127 
GLY CA     C N N 128 
GLY C      C N N 129 
GLY O      O N N 130 
GLY OXT    O N N 131 
GLY H      H N N 132 
GLY H2     H N N 133 
GLY HA2    H N N 134 
GLY HA3    H N N 135 
GLY HXT    H N N 136 
HIS N      N N N 137 
HIS CA     C N S 138 
HIS C      C N N 139 
HIS O      O N N 140 
HIS CB     C N N 141 
HIS CG     C Y N 142 
HIS ND1    N Y N 143 
HIS CD2    C Y N 144 
HIS CE1    C Y N 145 
HIS NE2    N Y N 146 
HIS OXT    O N N 147 
HIS H      H N N 148 
HIS H2     H N N 149 
HIS HA     H N N 150 
HIS HB2    H N N 151 
HIS HB3    H N N 152 
HIS HD1    H N N 153 
HIS HD2    H N N 154 
HIS HE1    H N N 155 
HIS HE2    H N N 156 
HIS HXT    H N N 157 
HOH O      O N N 158 
HOH H1     H N N 159 
HOH H2     H N N 160 
ILE N      N N N 161 
ILE CA     C N S 162 
ILE C      C N N 163 
ILE O      O N N 164 
ILE CB     C N S 165 
ILE CG1    C N N 166 
ILE CG2    C N N 167 
ILE CD1    C N N 168 
ILE OXT    O N N 169 
ILE H      H N N 170 
ILE H2     H N N 171 
ILE HA     H N N 172 
ILE HB     H N N 173 
ILE HG12   H N N 174 
ILE HG13   H N N 175 
ILE HG21   H N N 176 
ILE HG22   H N N 177 
ILE HG23   H N N 178 
ILE HD11   H N N 179 
ILE HD12   H N N 180 
ILE HD13   H N N 181 
ILE HXT    H N N 182 
LEU N      N N N 183 
LEU CA     C N S 184 
LEU C      C N N 185 
LEU O      O N N 186 
LEU CB     C N N 187 
LEU CG     C N N 188 
LEU CD1    C N N 189 
LEU CD2    C N N 190 
LEU OXT    O N N 191 
LEU H      H N N 192 
LEU H2     H N N 193 
LEU HA     H N N 194 
LEU HB2    H N N 195 
LEU HB3    H N N 196 
LEU HG     H N N 197 
LEU HD11   H N N 198 
LEU HD12   H N N 199 
LEU HD13   H N N 200 
LEU HD21   H N N 201 
LEU HD22   H N N 202 
LEU HD23   H N N 203 
LEU HXT    H N N 204 
LYS N      N N N 205 
LYS CA     C N S 206 
LYS C      C N N 207 
LYS O      O N N 208 
LYS CB     C N N 209 
LYS CG     C N N 210 
LYS CD     C N N 211 
LYS CE     C N N 212 
LYS NZ     N N N 213 
LYS OXT    O N N 214 
LYS H      H N N 215 
LYS H2     H N N 216 
LYS HA     H N N 217 
LYS HB2    H N N 218 
LYS HB3    H N N 219 
LYS HG2    H N N 220 
LYS HG3    H N N 221 
LYS HD2    H N N 222 
LYS HD3    H N N 223 
LYS HE2    H N N 224 
LYS HE3    H N N 225 
LYS HZ1    H N N 226 
LYS HZ2    H N N 227 
LYS HZ3    H N N 228 
LYS HXT    H N N 229 
MET N      N N N 230 
MET CA     C N S 231 
MET C      C N N 232 
MET O      O N N 233 
MET CB     C N N 234 
MET CG     C N N 235 
MET SD     S N N 236 
MET CE     C N N 237 
MET OXT    O N N 238 
MET H      H N N 239 
MET H2     H N N 240 
MET HA     H N N 241 
MET HB2    H N N 242 
MET HB3    H N N 243 
MET HG2    H N N 244 
MET HG3    H N N 245 
MET HE1    H N N 246 
MET HE2    H N N 247 
MET HE3    H N N 248 
MET HXT    H N N 249 
PHE N      N N N 250 
PHE CA     C N S 251 
PHE C      C N N 252 
PHE O      O N N 253 
PHE CB     C N N 254 
PHE CG     C Y N 255 
PHE CD1    C Y N 256 
PHE CD2    C Y N 257 
PHE CE1    C Y N 258 
PHE CE2    C Y N 259 
PHE CZ     C Y N 260 
PHE OXT    O N N 261 
PHE H      H N N 262 
PHE H2     H N N 263 
PHE HA     H N N 264 
PHE HB2    H N N 265 
PHE HB3    H N N 266 
PHE HD1    H N N 267 
PHE HD2    H N N 268 
PHE HE1    H N N 269 
PHE HE2    H N N 270 
PHE HZ     H N N 271 
PHE HXT    H N N 272 
PRO N      N N N 273 
PRO CA     C N S 274 
PRO C      C N N 275 
PRO O      O N N 276 
PRO CB     C N N 277 
PRO CG     C N N 278 
PRO CD     C N N 279 
PRO OXT    O N N 280 
PRO H      H N N 281 
PRO HA     H N N 282 
PRO HB2    H N N 283 
PRO HB3    H N N 284 
PRO HG2    H N N 285 
PRO HG3    H N N 286 
PRO HD2    H N N 287 
PRO HD3    H N N 288 
PRO HXT    H N N 289 
SER N      N N N 290 
SER CA     C N S 291 
SER C      C N N 292 
SER O      O N N 293 
SER CB     C N N 294 
SER OG     O N N 295 
SER OXT    O N N 296 
SER H      H N N 297 
SER H2     H N N 298 
SER HA     H N N 299 
SER HB2    H N N 300 
SER HB3    H N N 301 
SER HG     H N N 302 
SER HXT    H N N 303 
SO4 S      S N N 304 
SO4 O1     O N N 305 
SO4 O2     O N N 306 
SO4 O3     O N N 307 
SO4 O4     O N N 308 
THR N      N N N 309 
THR CA     C N S 310 
THR C      C N N 311 
THR O      O N N 312 
THR CB     C N R 313 
THR OG1    O N N 314 
THR CG2    C N N 315 
THR OXT    O N N 316 
THR H      H N N 317 
THR H2     H N N 318 
THR HA     H N N 319 
THR HB     H N N 320 
THR HG1    H N N 321 
THR HG21   H N N 322 
THR HG22   H N N 323 
THR HG23   H N N 324 
THR HXT    H N N 325 
TRP N      N N N 326 
TRP CA     C N S 327 
TRP C      C N N 328 
TRP O      O N N 329 
TRP CB     C N N 330 
TRP CG     C Y N 331 
TRP CD1    C Y N 332 
TRP CD2    C Y N 333 
TRP NE1    N Y N 334 
TRP CE2    C Y N 335 
TRP CE3    C Y N 336 
TRP CZ2    C Y N 337 
TRP CZ3    C Y N 338 
TRP CH2    C Y N 339 
TRP OXT    O N N 340 
TRP H      H N N 341 
TRP H2     H N N 342 
TRP HA     H N N 343 
TRP HB2    H N N 344 
TRP HB3    H N N 345 
TRP HD1    H N N 346 
TRP HE1    H N N 347 
TRP HE3    H N N 348 
TRP HZ2    H N N 349 
TRP HZ3    H N N 350 
TRP HH2    H N N 351 
TRP HXT    H N N 352 
TYR N      N N N 353 
TYR CA     C N S 354 
TYR C      C N N 355 
TYR O      O N N 356 
TYR CB     C N N 357 
TYR CG     C Y N 358 
TYR CD1    C Y N 359 
TYR CD2    C Y N 360 
TYR CE1    C Y N 361 
TYR CE2    C Y N 362 
TYR CZ     C Y N 363 
TYR OH     O N N 364 
TYR OXT    O N N 365 
TYR H      H N N 366 
TYR H2     H N N 367 
TYR HA     H N N 368 
TYR HB2    H N N 369 
TYR HB3    H N N 370 
TYR HD1    H N N 371 
TYR HD2    H N N 372 
TYR HE1    H N N 373 
TYR HE2    H N N 374 
TYR HH     H N N 375 
TYR HXT    H N N 376 
U5P N1     N N N 377 
U5P C2     C N N 378 
U5P N3     N N N 379 
U5P C4     C N N 380 
U5P C5     C N N 381 
U5P C6     C N N 382 
U5P O2     O N N 383 
U5P O4     O N N 384 
U5P "C1'"  C N R 385 
U5P "C2'"  C N R 386 
U5P "O2'"  O N N 387 
U5P "C3'"  C N S 388 
U5P "C4'"  C N R 389 
U5P "O3'"  O N N 390 
U5P "O4'"  O N N 391 
U5P "C5'"  C N N 392 
U5P "O5'"  O N N 393 
U5P P      P N N 394 
U5P O1P    O N N 395 
U5P O2P    O N N 396 
U5P O3P    O N N 397 
U5P HN3    H N N 398 
U5P H5     H N N 399 
U5P H6     H N N 400 
U5P "H1'"  H N N 401 
U5P "H2'"  H N N 402 
U5P "HO2'" H N N 403 
U5P "H3'"  H N N 404 
U5P "H4'"  H N N 405 
U5P "HO3'" H N N 406 
U5P "H5'1" H N N 407 
U5P "H5'2" H N N 408 
U5P HOP2   H N N 409 
U5P HOP3   H N N 410 
VAL N      N N N 411 
VAL CA     C N S 412 
VAL C      C N N 413 
VAL O      O N N 414 
VAL CB     C N N 415 
VAL CG1    C N N 416 
VAL CG2    C N N 417 
VAL OXT    O N N 418 
VAL H      H N N 419 
VAL H2     H N N 420 
VAL HA     H N N 421 
VAL HB     H N N 422 
VAL HG11   H N N 423 
VAL HG12   H N N 424 
VAL HG13   H N N 425 
VAL HG21   H N N 426 
VAL HG22   H N N 427 
VAL HG23   H N N 428 
VAL HXT    H N N 429 
# 
loop_
_chem_comp_bond.comp_id 
_chem_comp_bond.atom_id_1 
_chem_comp_bond.atom_id_2 
_chem_comp_bond.value_order 
_chem_comp_bond.pdbx_aromatic_flag 
_chem_comp_bond.pdbx_stereo_config 
_chem_comp_bond.pdbx_ordinal 
ALA N     CA     sing N N 1   
ALA N     H      sing N N 2   
ALA N     H2     sing N N 3   
ALA CA    C      sing N N 4   
ALA CA    CB     sing N N 5   
ALA CA    HA     sing N N 6   
ALA C     O      doub N N 7   
ALA C     OXT    sing N N 8   
ALA CB    HB1    sing N N 9   
ALA CB    HB2    sing N N 10  
ALA CB    HB3    sing N N 11  
ALA OXT   HXT    sing N N 12  
ARG N     CA     sing N N 13  
ARG N     H      sing N N 14  
ARG N     H2     sing N N 15  
ARG CA    C      sing N N 16  
ARG CA    CB     sing N N 17  
ARG CA    HA     sing N N 18  
ARG C     O      doub N N 19  
ARG C     OXT    sing N N 20  
ARG CB    CG     sing N N 21  
ARG CB    HB2    sing N N 22  
ARG CB    HB3    sing N N 23  
ARG CG    CD     sing N N 24  
ARG CG    HG2    sing N N 25  
ARG CG    HG3    sing N N 26  
ARG CD    NE     sing N N 27  
ARG CD    HD2    sing N N 28  
ARG CD    HD3    sing N N 29  
ARG NE    CZ     sing N N 30  
ARG NE    HE     sing N N 31  
ARG CZ    NH1    sing N N 32  
ARG CZ    NH2    doub N N 33  
ARG NH1   HH11   sing N N 34  
ARG NH1   HH12   sing N N 35  
ARG NH2   HH21   sing N N 36  
ARG NH2   HH22   sing N N 37  
ARG OXT   HXT    sing N N 38  
ASN N     CA     sing N N 39  
ASN N     H      sing N N 40  
ASN N     H2     sing N N 41  
ASN CA    C      sing N N 42  
ASN CA    CB     sing N N 43  
ASN CA    HA     sing N N 44  
ASN C     O      doub N N 45  
ASN C     OXT    sing N N 46  
ASN CB    CG     sing N N 47  
ASN CB    HB2    sing N N 48  
ASN CB    HB3    sing N N 49  
ASN CG    OD1    doub N N 50  
ASN CG    ND2    sing N N 51  
ASN ND2   HD21   sing N N 52  
ASN ND2   HD22   sing N N 53  
ASN OXT   HXT    sing N N 54  
ASP N     CA     sing N N 55  
ASP N     H      sing N N 56  
ASP N     H2     sing N N 57  
ASP CA    C      sing N N 58  
ASP CA    CB     sing N N 59  
ASP CA    HA     sing N N 60  
ASP C     O      doub N N 61  
ASP C     OXT    sing N N 62  
ASP CB    CG     sing N N 63  
ASP CB    HB2    sing N N 64  
ASP CB    HB3    sing N N 65  
ASP CG    OD1    doub N N 66  
ASP CG    OD2    sing N N 67  
ASP OD2   HD2    sing N N 68  
ASP OXT   HXT    sing N N 69  
CYS N     CA     sing N N 70  
CYS N     H      sing N N 71  
CYS N     H2     sing N N 72  
CYS CA    C      sing N N 73  
CYS CA    CB     sing N N 74  
CYS CA    HA     sing N N 75  
CYS C     O      doub N N 76  
CYS C     OXT    sing N N 77  
CYS CB    SG     sing N N 78  
CYS CB    HB2    sing N N 79  
CYS CB    HB3    sing N N 80  
CYS SG    HG     sing N N 81  
CYS OXT   HXT    sing N N 82  
GLN N     CA     sing N N 83  
GLN N     H      sing N N 84  
GLN N     H2     sing N N 85  
GLN CA    C      sing N N 86  
GLN CA    CB     sing N N 87  
GLN CA    HA     sing N N 88  
GLN C     O      doub N N 89  
GLN C     OXT    sing N N 90  
GLN CB    CG     sing N N 91  
GLN CB    HB2    sing N N 92  
GLN CB    HB3    sing N N 93  
GLN CG    CD     sing N N 94  
GLN CG    HG2    sing N N 95  
GLN CG    HG3    sing N N 96  
GLN CD    OE1    doub N N 97  
GLN CD    NE2    sing N N 98  
GLN NE2   HE21   sing N N 99  
GLN NE2   HE22   sing N N 100 
GLN OXT   HXT    sing N N 101 
GLU N     CA     sing N N 102 
GLU N     H      sing N N 103 
GLU N     H2     sing N N 104 
GLU CA    C      sing N N 105 
GLU CA    CB     sing N N 106 
GLU CA    HA     sing N N 107 
GLU C     O      doub N N 108 
GLU C     OXT    sing N N 109 
GLU CB    CG     sing N N 110 
GLU CB    HB2    sing N N 111 
GLU CB    HB3    sing N N 112 
GLU CG    CD     sing N N 113 
GLU CG    HG2    sing N N 114 
GLU CG    HG3    sing N N 115 
GLU CD    OE1    doub N N 116 
GLU CD    OE2    sing N N 117 
GLU OE2   HE2    sing N N 118 
GLU OXT   HXT    sing N N 119 
GLY N     CA     sing N N 120 
GLY N     H      sing N N 121 
GLY N     H2     sing N N 122 
GLY CA    C      sing N N 123 
GLY CA    HA2    sing N N 124 
GLY CA    HA3    sing N N 125 
GLY C     O      doub N N 126 
GLY C     OXT    sing N N 127 
GLY OXT   HXT    sing N N 128 
HIS N     CA     sing N N 129 
HIS N     H      sing N N 130 
HIS N     H2     sing N N 131 
HIS CA    C      sing N N 132 
HIS CA    CB     sing N N 133 
HIS CA    HA     sing N N 134 
HIS C     O      doub N N 135 
HIS C     OXT    sing N N 136 
HIS CB    CG     sing N N 137 
HIS CB    HB2    sing N N 138 
HIS CB    HB3    sing N N 139 
HIS CG    ND1    sing Y N 140 
HIS CG    CD2    doub Y N 141 
HIS ND1   CE1    doub Y N 142 
HIS ND1   HD1    sing N N 143 
HIS CD2   NE2    sing Y N 144 
HIS CD2   HD2    sing N N 145 
HIS CE1   NE2    sing Y N 146 
HIS CE1   HE1    sing N N 147 
HIS NE2   HE2    sing N N 148 
HIS OXT   HXT    sing N N 149 
HOH O     H1     sing N N 150 
HOH O     H2     sing N N 151 
ILE N     CA     sing N N 152 
ILE N     H      sing N N 153 
ILE N     H2     sing N N 154 
ILE CA    C      sing N N 155 
ILE CA    CB     sing N N 156 
ILE CA    HA     sing N N 157 
ILE C     O      doub N N 158 
ILE C     OXT    sing N N 159 
ILE CB    CG1    sing N N 160 
ILE CB    CG2    sing N N 161 
ILE CB    HB     sing N N 162 
ILE CG1   CD1    sing N N 163 
ILE CG1   HG12   sing N N 164 
ILE CG1   HG13   sing N N 165 
ILE CG2   HG21   sing N N 166 
ILE CG2   HG22   sing N N 167 
ILE CG2   HG23   sing N N 168 
ILE CD1   HD11   sing N N 169 
ILE CD1   HD12   sing N N 170 
ILE CD1   HD13   sing N N 171 
ILE OXT   HXT    sing N N 172 
LEU N     CA     sing N N 173 
LEU N     H      sing N N 174 
LEU N     H2     sing N N 175 
LEU CA    C      sing N N 176 
LEU CA    CB     sing N N 177 
LEU CA    HA     sing N N 178 
LEU C     O      doub N N 179 
LEU C     OXT    sing N N 180 
LEU CB    CG     sing N N 181 
LEU CB    HB2    sing N N 182 
LEU CB    HB3    sing N N 183 
LEU CG    CD1    sing N N 184 
LEU CG    CD2    sing N N 185 
LEU CG    HG     sing N N 186 
LEU CD1   HD11   sing N N 187 
LEU CD1   HD12   sing N N 188 
LEU CD1   HD13   sing N N 189 
LEU CD2   HD21   sing N N 190 
LEU CD2   HD22   sing N N 191 
LEU CD2   HD23   sing N N 192 
LEU OXT   HXT    sing N N 193 
LYS N     CA     sing N N 194 
LYS N     H      sing N N 195 
LYS N     H2     sing N N 196 
LYS CA    C      sing N N 197 
LYS CA    CB     sing N N 198 
LYS CA    HA     sing N N 199 
LYS C     O      doub N N 200 
LYS C     OXT    sing N N 201 
LYS CB    CG     sing N N 202 
LYS CB    HB2    sing N N 203 
LYS CB    HB3    sing N N 204 
LYS CG    CD     sing N N 205 
LYS CG    HG2    sing N N 206 
LYS CG    HG3    sing N N 207 
LYS CD    CE     sing N N 208 
LYS CD    HD2    sing N N 209 
LYS CD    HD3    sing N N 210 
LYS CE    NZ     sing N N 211 
LYS CE    HE2    sing N N 212 
LYS CE    HE3    sing N N 213 
LYS NZ    HZ1    sing N N 214 
LYS NZ    HZ2    sing N N 215 
LYS NZ    HZ3    sing N N 216 
LYS OXT   HXT    sing N N 217 
MET N     CA     sing N N 218 
MET N     H      sing N N 219 
MET N     H2     sing N N 220 
MET CA    C      sing N N 221 
MET CA    CB     sing N N 222 
MET CA    HA     sing N N 223 
MET C     O      doub N N 224 
MET C     OXT    sing N N 225 
MET CB    CG     sing N N 226 
MET CB    HB2    sing N N 227 
MET CB    HB3    sing N N 228 
MET CG    SD     sing N N 229 
MET CG    HG2    sing N N 230 
MET CG    HG3    sing N N 231 
MET SD    CE     sing N N 232 
MET CE    HE1    sing N N 233 
MET CE    HE2    sing N N 234 
MET CE    HE3    sing N N 235 
MET OXT   HXT    sing N N 236 
PHE N     CA     sing N N 237 
PHE N     H      sing N N 238 
PHE N     H2     sing N N 239 
PHE CA    C      sing N N 240 
PHE CA    CB     sing N N 241 
PHE CA    HA     sing N N 242 
PHE C     O      doub N N 243 
PHE C     OXT    sing N N 244 
PHE CB    CG     sing N N 245 
PHE CB    HB2    sing N N 246 
PHE CB    HB3    sing N N 247 
PHE CG    CD1    doub Y N 248 
PHE CG    CD2    sing Y N 249 
PHE CD1   CE1    sing Y N 250 
PHE CD1   HD1    sing N N 251 
PHE CD2   CE2    doub Y N 252 
PHE CD2   HD2    sing N N 253 
PHE CE1   CZ     doub Y N 254 
PHE CE1   HE1    sing N N 255 
PHE CE2   CZ     sing Y N 256 
PHE CE2   HE2    sing N N 257 
PHE CZ    HZ     sing N N 258 
PHE OXT   HXT    sing N N 259 
PRO N     CA     sing N N 260 
PRO N     CD     sing N N 261 
PRO N     H      sing N N 262 
PRO CA    C      sing N N 263 
PRO CA    CB     sing N N 264 
PRO CA    HA     sing N N 265 
PRO C     O      doub N N 266 
PRO C     OXT    sing N N 267 
PRO CB    CG     sing N N 268 
PRO CB    HB2    sing N N 269 
PRO CB    HB3    sing N N 270 
PRO CG    CD     sing N N 271 
PRO CG    HG2    sing N N 272 
PRO CG    HG3    sing N N 273 
PRO CD    HD2    sing N N 274 
PRO CD    HD3    sing N N 275 
PRO OXT   HXT    sing N N 276 
SER N     CA     sing N N 277 
SER N     H      sing N N 278 
SER N     H2     sing N N 279 
SER CA    C      sing N N 280 
SER CA    CB     sing N N 281 
SER CA    HA     sing N N 282 
SER C     O      doub N N 283 
SER C     OXT    sing N N 284 
SER CB    OG     sing N N 285 
SER CB    HB2    sing N N 286 
SER CB    HB3    sing N N 287 
SER OG    HG     sing N N 288 
SER OXT   HXT    sing N N 289 
SO4 S     O1     doub N N 290 
SO4 S     O2     doub N N 291 
SO4 S     O3     sing N N 292 
SO4 S     O4     sing N N 293 
THR N     CA     sing N N 294 
THR N     H      sing N N 295 
THR N     H2     sing N N 296 
THR CA    C      sing N N 297 
THR CA    CB     sing N N 298 
THR CA    HA     sing N N 299 
THR C     O      doub N N 300 
THR C     OXT    sing N N 301 
THR CB    OG1    sing N N 302 
THR CB    CG2    sing N N 303 
THR CB    HB     sing N N 304 
THR OG1   HG1    sing N N 305 
THR CG2   HG21   sing N N 306 
THR CG2   HG22   sing N N 307 
THR CG2   HG23   sing N N 308 
THR OXT   HXT    sing N N 309 
TRP N     CA     sing N N 310 
TRP N     H      sing N N 311 
TRP N     H2     sing N N 312 
TRP CA    C      sing N N 313 
TRP CA    CB     sing N N 314 
TRP CA    HA     sing N N 315 
TRP C     O      doub N N 316 
TRP C     OXT    sing N N 317 
TRP CB    CG     sing N N 318 
TRP CB    HB2    sing N N 319 
TRP CB    HB3    sing N N 320 
TRP CG    CD1    doub Y N 321 
TRP CG    CD2    sing Y N 322 
TRP CD1   NE1    sing Y N 323 
TRP CD1   HD1    sing N N 324 
TRP CD2   CE2    doub Y N 325 
TRP CD2   CE3    sing Y N 326 
TRP NE1   CE2    sing Y N 327 
TRP NE1   HE1    sing N N 328 
TRP CE2   CZ2    sing Y N 329 
TRP CE3   CZ3    doub Y N 330 
TRP CE3   HE3    sing N N 331 
TRP CZ2   CH2    doub Y N 332 
TRP CZ2   HZ2    sing N N 333 
TRP CZ3   CH2    sing Y N 334 
TRP CZ3   HZ3    sing N N 335 
TRP CH2   HH2    sing N N 336 
TRP OXT   HXT    sing N N 337 
TYR N     CA     sing N N 338 
TYR N     H      sing N N 339 
TYR N     H2     sing N N 340 
TYR CA    C      sing N N 341 
TYR CA    CB     sing N N 342 
TYR CA    HA     sing N N 343 
TYR C     O      doub N N 344 
TYR C     OXT    sing N N 345 
TYR CB    CG     sing N N 346 
TYR CB    HB2    sing N N 347 
TYR CB    HB3    sing N N 348 
TYR CG    CD1    doub Y N 349 
TYR CG    CD2    sing Y N 350 
TYR CD1   CE1    sing Y N 351 
TYR CD1   HD1    sing N N 352 
TYR CD2   CE2    doub Y N 353 
TYR CD2   HD2    sing N N 354 
TYR CE1   CZ     doub Y N 355 
TYR CE1   HE1    sing N N 356 
TYR CE2   CZ     sing Y N 357 
TYR CE2   HE2    sing N N 358 
TYR CZ    OH     sing N N 359 
TYR OH    HH     sing N N 360 
TYR OXT   HXT    sing N N 361 
U5P N1    C2     sing N N 362 
U5P N1    C6     sing N N 363 
U5P N1    "C1'"  sing N N 364 
U5P C2    N3     sing N N 365 
U5P C2    O2     doub N N 366 
U5P N3    C4     sing N N 367 
U5P N3    HN3    sing N N 368 
U5P C4    C5     sing N N 369 
U5P C4    O4     doub N N 370 
U5P C5    C6     doub N N 371 
U5P C5    H5     sing N N 372 
U5P C6    H6     sing N N 373 
U5P "C1'" "C2'"  sing N N 374 
U5P "C1'" "O4'"  sing N N 375 
U5P "C1'" "H1'"  sing N N 376 
U5P "C2'" "O2'"  sing N N 377 
U5P "C2'" "C3'"  sing N N 378 
U5P "C2'" "H2'"  sing N N 379 
U5P "O2'" "HO2'" sing N N 380 
U5P "C3'" "C4'"  sing N N 381 
U5P "C3'" "O3'"  sing N N 382 
U5P "C3'" "H3'"  sing N N 383 
U5P "C4'" "O4'"  sing N N 384 
U5P "C4'" "C5'"  sing N N 385 
U5P "C4'" "H4'"  sing N N 386 
U5P "O3'" "HO3'" sing N N 387 
U5P "C5'" "O5'"  sing N N 388 
U5P "C5'" "H5'1" sing N N 389 
U5P "C5'" "H5'2" sing N N 390 
U5P "O5'" P      sing N N 391 
U5P P     O1P    doub N N 392 
U5P P     O2P    sing N N 393 
U5P P     O3P    sing N N 394 
U5P O2P   HOP2   sing N N 395 
U5P O3P   HOP3   sing N N 396 
VAL N     CA     sing N N 397 
VAL N     H      sing N N 398 
VAL N     H2     sing N N 399 
VAL CA    C      sing N N 400 
VAL CA    CB     sing N N 401 
VAL CA    HA     sing N N 402 
VAL C     O      doub N N 403 
VAL C     OXT    sing N N 404 
VAL CB    CG1    sing N N 405 
VAL CB    CG2    sing N N 406 
VAL CB    HB     sing N N 407 
VAL CG1   HG11   sing N N 408 
VAL CG1   HG12   sing N N 409 
VAL CG1   HG13   sing N N 410 
VAL CG2   HG21   sing N N 411 
VAL CG2   HG22   sing N N 412 
VAL CG2   HG23   sing N N 413 
VAL OXT   HXT    sing N N 414 
# 
_pdbx_initial_refinement_model.id               1 
_pdbx_initial_refinement_model.entity_id_list   ? 
_pdbx_initial_refinement_model.type             'experimental model' 
_pdbx_initial_refinement_model.source_name      PDB 
_pdbx_initial_refinement_model.accession_code   1BK7 
_pdbx_initial_refinement_model.details          'PDB entry 1BK7' 
# 
_atom_sites.entry_id                    1V9H 
_atom_sites.fract_transf_matrix[1][1]   0.00743859 
_atom_sites.fract_transf_matrix[1][2]   -0.01723311 
_atom_sites.fract_transf_matrix[1][3]   0.00284248 
_atom_sites.fract_transf_matrix[2][1]   -0.00127912 
_atom_sites.fract_transf_matrix[2][2]   0.00207779 
_atom_sites.fract_transf_matrix[2][3]   0.01594439 
_atom_sites.fract_transf_matrix[3][1]   -0.01199845 
_atom_sites.fract_transf_matrix[3][2]   -0.00522552 
_atom_sites.fract_transf_matrix[3][3]   -0.00028160 
_atom_sites.fract_transf_vector[1]      0.389463 
_atom_sites.fract_transf_vector[2]      -0.590987 
_atom_sites.fract_transf_vector[3]      0.284488 
# 
loop_
_atom_type.symbol 
C 
N 
O 
P 
S 
# 
loop_
_atom_site.group_PDB 
_atom_site.id 
_atom_site.type_symbol 
_atom_site.label_atom_id 
_atom_site.label_alt_id 
_atom_site.label_comp_id 
_atom_site.label_asym_id 
_atom_site.label_entity_id 
_atom_site.label_seq_id 
_atom_site.pdbx_PDB_ins_code 
_atom_site.Cartn_x 
_atom_site.Cartn_y 
_atom_site.Cartn_z 
_atom_site.occupancy 
_atom_site.B_iso_or_equiv 
_atom_site.pdbx_formal_charge 
_atom_site.auth_seq_id 
_atom_site.auth_comp_id 
_atom_site.auth_asym_id 
_atom_site.auth_atom_id 
_atom_site.pdbx_PDB_model_num 
ATOM   1    N N     . TYR A 1 5   ? 10.909  11.963  21.829  1.00 31.76 ? -2   TYR A N     1 
ATOM   2    C CA    . TYR A 1 5   ? 10.794  11.416  20.445  1.00 29.65 ? -2   TYR A CA    1 
ATOM   3    C C     . TYR A 1 5   ? 9.812   10.252  20.465  1.00 29.46 ? -2   TYR A C     1 
ATOM   4    O O     . TYR A 1 5   ? 9.507   9.717   21.529  1.00 28.24 ? -2   TYR A O     1 
ATOM   5    C CB    . TYR A 1 5   ? 12.164  10.941  19.958  1.00 29.31 ? -2   TYR A CB    1 
ATOM   6    C CG    . TYR A 1 5   ? 13.237  12.015  19.964  1.00 28.74 ? -2   TYR A CG    1 
ATOM   7    C CD1   . TYR A 1 5   ? 14.537  11.723  19.562  1.00 28.60 ? -2   TYR A CD1   1 
ATOM   8    C CD2   . TYR A 1 5   ? 12.951  13.324  20.362  1.00 28.07 ? -2   TYR A CD2   1 
ATOM   9    C CE1   . TYR A 1 5   ? 15.527  12.701  19.555  1.00 29.27 ? -2   TYR A CE1   1 
ATOM   10   C CE2   . TYR A 1 5   ? 13.939  14.311  20.359  1.00 30.15 ? -2   TYR A CE2   1 
ATOM   11   C CZ    . TYR A 1 5   ? 15.222  13.989  19.953  1.00 28.50 ? -2   TYR A CZ    1 
ATOM   12   O OH    . TYR A 1 5   ? 16.199  14.957  19.933  1.00 28.27 ? -2   TYR A OH    1 
ATOM   13   N N     . VAL A 1 6   ? 9.313   9.854   19.300  1.00 28.93 ? -1   VAL A N     1 
ATOM   14   C CA    . VAL A 1 6   ? 8.355   8.752   19.257  1.00 31.21 ? -1   VAL A CA    1 
ATOM   15   C C     . VAL A 1 6   ? 8.920   7.476   18.646  1.00 29.97 ? -1   VAL A C     1 
ATOM   16   O O     . VAL A 1 6   ? 9.736   7.516   17.727  1.00 29.05 ? -1   VAL A O     1 
ATOM   17   C CB    . VAL A 1 6   ? 7.079   9.147   18.476  1.00 31.75 ? -1   VAL A CB    1 
ATOM   18   C CG1   . VAL A 1 6   ? 6.056   8.018   18.541  1.00 34.15 ? -1   VAL A CG1   1 
ATOM   19   C CG2   . VAL A 1 6   ? 6.487   10.419  19.054  1.00 34.50 ? -1   VAL A CG2   1 
ATOM   20   N N     . GLU A 1 7   ? 8.476   6.341   19.177  1.00 30.65 ? 0    GLU A N     1 
ATOM   21   C CA    . GLU A 1 7   ? 8.904   5.035   18.692  1.00 30.89 ? 0    GLU A CA    1 
ATOM   22   C C     . GLU A 1 7   ? 7.716   4.328   18.052  1.00 28.46 ? 0    GLU A C     1 
ATOM   23   O O     . GLU A 1 7   ? 6.721   4.058   18.723  1.00 28.70 ? 0    GLU A O     1 
ATOM   24   C CB    . GLU A 1 7   ? 9.418   4.179   19.847  1.00 34.68 ? 0    GLU A CB    1 
ATOM   25   C CG    . GLU A 1 7   ? 10.894  3.855   19.784  1.00 40.24 ? 0    GLU A CG    1 
ATOM   26   C CD    . GLU A 1 7   ? 11.304  3.210   18.476  1.00 42.03 ? 0    GLU A CD    1 
ATOM   27   O OE1   . GLU A 1 7   ? 11.356  3.925   17.454  1.00 42.83 ? 0    GLU A OE1   1 
ATOM   28   O OE2   . GLU A 1 7   ? 11.569  1.988   18.468  1.00 43.09 ? 0    GLU A OE2   1 
ATOM   29   N N     . PHE A 1 8   ? 7.811   4.025   16.762  1.00 24.34 ? 1    PHE A N     1 
ATOM   30   C CA    . PHE A 1 8   ? 6.719   3.336   16.088  1.00 21.78 ? 1    PHE A CA    1 
ATOM   31   C C     . PHE A 1 8   ? 6.516   1.976   16.753  1.00 21.25 ? 1    PHE A C     1 
ATOM   32   O O     . PHE A 1 8   ? 7.463   1.400   17.291  1.00 20.27 ? 1    PHE A O     1 
ATOM   33   C CB    . PHE A 1 8   ? 7.033   3.144   14.600  1.00 21.08 ? 1    PHE A CB    1 
ATOM   34   C CG    . PHE A 1 8   ? 8.212   2.253   14.333  1.00 19.95 ? 1    PHE A CG    1 
ATOM   35   C CD1   . PHE A 1 8   ? 9.508   2.709   14.529  1.00 20.25 ? 1    PHE A CD1   1 
ATOM   36   C CD2   . PHE A 1 8   ? 8.025   0.953   13.874  1.00 23.38 ? 1    PHE A CD2   1 
ATOM   37   C CE1   . PHE A 1 8   ? 10.600  1.888   14.274  1.00 19.95 ? 1    PHE A CE1   1 
ATOM   38   C CE2   . PHE A 1 8   ? 9.119   0.123   13.614  1.00 21.58 ? 1    PHE A CE2   1 
ATOM   39   C CZ    . PHE A 1 8   ? 10.404  0.594   13.813  1.00 21.06 ? 1    PHE A CZ    1 
ATOM   40   N N     . ASP A 1 9   ? 5.285   1.476   16.720  1.00 21.18 ? 2    ASP A N     1 
ATOM   41   C CA    . ASP A 1 9   ? 4.970   0.181   17.323  1.00 22.66 ? 2    ASP A CA    1 
ATOM   42   C C     . ASP A 1 9   ? 4.443   -0.830  16.308  1.00 22.24 ? 2    ASP A C     1 
ATOM   43   O O     . ASP A 1 9   ? 4.163   -1.977  16.653  1.00 24.99 ? 2    ASP A O     1 
ATOM   44   C CB    . ASP A 1 9   ? 3.950   0.340   18.456  1.00 24.91 ? 2    ASP A CB    1 
ATOM   45   C CG    . ASP A 1 9   ? 2.657   0.995   18.000  1.00 28.59 ? 2    ASP A CG    1 
ATOM   46   O OD1   . ASP A 1 9   ? 2.220   0.753   16.854  1.00 31.90 ? 2    ASP A OD1   1 
ATOM   47   O OD2   . ASP A 1 9   ? 2.064   1.746   18.800  1.00 30.40 ? 2    ASP A OD2   1 
ATOM   48   N N     . SER A 1 10  ? 4.299   -0.404  15.058  1.00 18.93 ? 3    SER A N     1 
ATOM   49   C CA    . SER A 1 10  ? 3.820   -1.294  14.006  1.00 17.29 ? 3    SER A CA    1 
ATOM   50   C C     . SER A 1 10  ? 3.942   -0.623  12.645  1.00 15.64 ? 3    SER A C     1 
ATOM   51   O O     . SER A 1 10  ? 4.280   0.555   12.557  1.00 15.15 ? 3    SER A O     1 
ATOM   52   C CB    . SER A 1 10  ? 2.365   -1.693  14.260  1.00 16.65 ? 3    SER A CB    1 
ATOM   53   O OG    . SER A 1 10  ? 1.523   -0.558  14.307  1.00 19.76 ? 3    SER A OG    1 
ATOM   54   N N     . PHE A 1 11  ? 3.663   -1.387  11.594  1.00 14.40 ? 4    PHE A N     1 
ATOM   55   C CA    . PHE A 1 11  ? 3.739   -0.906  10.217  1.00 14.16 ? 4    PHE A CA    1 
ATOM   56   C C     . PHE A 1 11  ? 2.452   -1.197  9.470   1.00 14.36 ? 4    PHE A C     1 
ATOM   57   O O     . PHE A 1 11  ? 1.772   -2.188  9.744   1.00 13.04 ? 4    PHE A O     1 
ATOM   58   C CB    . PHE A 1 11  ? 4.835   -1.635  9.433   1.00 15.61 ? 4    PHE A CB    1 
ATOM   59   C CG    . PHE A 1 11  ? 6.232   -1.197  9.745   1.00 17.55 ? 4    PHE A CG    1 
ATOM   60   C CD1   . PHE A 1 11  ? 6.729   0.003   9.245   1.00 15.93 ? 4    PHE A CD1   1 
ATOM   61   C CD2   . PHE A 1 11  ? 7.081   -2.029  10.467  1.00 19.32 ? 4    PHE A CD2   1 
ATOM   62   C CE1   . PHE A 1 11  ? 8.060   0.366   9.453   1.00 17.96 ? 4    PHE A CE1   1 
ATOM   63   C CE2   . PHE A 1 11  ? 8.414   -1.675  10.682  1.00 18.86 ? 4    PHE A CE2   1 
ATOM   64   C CZ    . PHE A 1 11  ? 8.904   -0.477  10.172  1.00 17.97 ? 4    PHE A CZ    1 
ATOM   65   N N     . TRP A 1 12  ? 2.146   -0.324  8.518   1.00 14.09 ? 5    TRP A N     1 
ATOM   66   C CA    . TRP A 1 12  ? 1.013   -0.477  7.625   1.00 13.57 ? 5    TRP A CA    1 
ATOM   67   C C     . TRP A 1 12  ? 1.701   -0.582  6.265   1.00 13.25 ? 5    TRP A C     1 
ATOM   68   O O     . TRP A 1 12  ? 2.336   0.377   5.816   1.00 11.66 ? 5    TRP A O     1 
ATOM   69   C CB    . TRP A 1 12  ? 0.119   0.770   7.629   1.00 13.88 ? 5    TRP A CB    1 
ATOM   70   C CG    . TRP A 1 12  ? -1.031  0.742   8.598   1.00 12.85 ? 5    TRP A CG    1 
ATOM   71   C CD1   . TRP A 1 12  ? -1.107  0.054   9.776   1.00 12.34 ? 5    TRP A CD1   1 
ATOM   72   C CD2   . TRP A 1 12  ? -2.253  1.477   8.482   1.00 14.10 ? 5    TRP A CD2   1 
ATOM   73   N NE1   . TRP A 1 12  ? -2.306  0.318   10.402  1.00 14.00 ? 5    TRP A NE1   1 
ATOM   74   C CE2   . TRP A 1 12  ? -3.027  1.188   9.627   1.00 14.97 ? 5    TRP A CE2   1 
ATOM   75   C CE3   . TRP A 1 12  ? -2.769  2.355   7.517   1.00 15.47 ? 5    TRP A CE3   1 
ATOM   76   C CZ2   . TRP A 1 12  ? -4.293  1.745   9.836   1.00 15.85 ? 5    TRP A CZ2   1 
ATOM   77   C CZ3   . TRP A 1 12  ? -4.033  2.910   7.723   1.00 16.94 ? 5    TRP A CZ3   1 
ATOM   78   C CH2   . TRP A 1 12  ? -4.778  2.600   8.875   1.00 17.97 ? 5    TRP A CH2   1 
ATOM   79   N N     . PHE A 1 13  ? 1.628   -1.753  5.641   1.00 12.10 ? 6    PHE A N     1 
ATOM   80   C CA    . PHE A 1 13  ? 2.208   -1.939  4.318   1.00 11.39 ? 6    PHE A CA    1 
ATOM   81   C C     . PHE A 1 13  ? 1.038   -1.694  3.368   1.00 13.23 ? 6    PHE A C     1 
ATOM   82   O O     . PHE A 1 13  ? 0.151   -2.541  3.222   1.00 12.40 ? 6    PHE A O     1 
ATOM   83   C CB    . PHE A 1 13  ? 2.742   -3.356  4.144   1.00 10.52 ? 6    PHE A CB    1 
ATOM   84   C CG    . PHE A 1 13  ? 3.205   -3.651  2.750   1.00 13.06 ? 6    PHE A CG    1 
ATOM   85   C CD1   . PHE A 1 13  ? 4.203   -2.883  2.158   1.00 12.79 ? 6    PHE A CD1   1 
ATOM   86   C CD2   . PHE A 1 13  ? 2.622   -4.680  2.014   1.00 13.18 ? 6    PHE A CD2   1 
ATOM   87   C CE1   . PHE A 1 13  ? 4.614   -3.134  0.849   1.00 15.40 ? 6    PHE A CE1   1 
ATOM   88   C CE2   . PHE A 1 13  ? 3.025   -4.938  0.708   1.00 13.95 ? 6    PHE A CE2   1 
ATOM   89   C CZ    . PHE A 1 13  ? 4.023   -4.163  0.124   1.00 13.27 ? 6    PHE A CZ    1 
ATOM   90   N N     . VAL A 1 14  ? 1.040   -0.528  2.736   1.00 11.72 ? 7    VAL A N     1 
ATOM   91   C CA    . VAL A 1 14  ? -0.059  -0.123  1.869   1.00 11.73 ? 7    VAL A CA    1 
ATOM   92   C C     . VAL A 1 14  ? 0.135   -0.361  0.380   1.00 11.34 ? 7    VAL A C     1 
ATOM   93   O O     . VAL A 1 14  ? 1.083   0.144   -0.222  1.00 12.33 ? 7    VAL A O     1 
ATOM   94   C CB    . VAL A 1 14  ? -0.368  1.380   2.083   1.00 13.52 ? 7    VAL A CB    1 
ATOM   95   C CG1   . VAL A 1 14  ? -1.684  1.762   1.398   1.00 9.55  ? 7    VAL A CG1   1 
ATOM   96   C CG2   . VAL A 1 14  ? -0.413  1.688   3.573   1.00 14.06 ? 7    VAL A CG2   1 
ATOM   97   N N     . GLN A 1 15  ? -0.771  -1.139  -0.205  1.00 10.52 ? 8    GLN A N     1 
ATOM   98   C CA    . GLN A 1 15  ? -0.744  -1.419  -1.636  1.00 11.83 ? 8    GLN A CA    1 
ATOM   99   C C     . GLN A 1 15  ? -1.945  -0.723  -2.250  1.00 12.28 ? 8    GLN A C     1 
ATOM   100  O O     . GLN A 1 15  ? -2.988  -0.605  -1.610  1.00 12.29 ? 8    GLN A O     1 
ATOM   101  C CB    . GLN A 1 15  ? -0.830  -2.921  -1.912  1.00 13.58 ? 8    GLN A CB    1 
ATOM   102  C CG    . GLN A 1 15  ? 0.418   -3.698  -1.531  1.00 12.83 ? 8    GLN A CG    1 
ATOM   103  C CD    . GLN A 1 15  ? 0.387   -5.115  -2.068  1.00 13.98 ? 8    GLN A CD    1 
ATOM   104  O OE1   . GLN A 1 15  ? 0.437   -5.328  -3.276  1.00 14.77 ? 8    GLN A OE1   1 
ATOM   105  N NE2   . GLN A 1 15  ? 0.294   -6.090  -1.175  1.00 12.08 ? 8    GLN A NE2   1 
ATOM   106  N N     . GLN A 1 16  ? -1.796  -0.258  -3.486  1.00 12.34 ? 9    GLN A N     1 
ATOM   107  C CA    . GLN A 1 16  ? -2.872  0.451   -4.166  1.00 13.54 ? 9    GLN A CA    1 
ATOM   108  C C     . GLN A 1 16  ? -3.296  -0.226  -5.463  1.00 14.04 ? 9    GLN A C     1 
ATOM   109  O O     . GLN A 1 16  ? -2.496  -0.904  -6.101  1.00 13.74 ? 9    GLN A O     1 
ATOM   110  C CB    . GLN A 1 16  ? -2.434  1.895   -4.457  1.00 12.83 ? 9    GLN A CB    1 
ATOM   111  C CG    . GLN A 1 16  ? -1.186  2.032   -5.332  1.00 14.58 ? 9    GLN A CG    1 
ATOM   112  C CD    . GLN A 1 16  ? -0.801  3.490   -5.568  1.00 15.27 ? 9    GLN A CD    1 
ATOM   113  O OE1   . GLN A 1 16  ? -1.533  4.396   -5.186  1.00 15.51 ? 9    GLN A OE1   1 
ATOM   114  N NE2   . GLN A 1 16  ? 0.348   3.717   -6.199  1.00 15.91 ? 9    GLN A NE2   1 
ATOM   115  N N     . TRP A 1 17  ? -4.563  -0.043  -5.832  1.00 13.08 ? 10   TRP A N     1 
ATOM   116  C CA    . TRP A 1 17  ? -5.117  -0.602  -7.069  1.00 14.94 ? 10   TRP A CA    1 
ATOM   117  C C     . TRP A 1 17  ? -5.051  0.531   -8.102  1.00 14.42 ? 10   TRP A C     1 
ATOM   118  O O     . TRP A 1 17  ? -5.890  1.437   -8.107  1.00 13.59 ? 10   TRP A O     1 
ATOM   119  C CB    . TRP A 1 17  ? -6.568  -1.040  -6.842  1.00 15.07 ? 10   TRP A CB    1 
ATOM   120  C CG    . TRP A 1 17  ? -7.217  -1.667  -8.043  1.00 18.45 ? 10   TRP A CG    1 
ATOM   121  C CD1   . TRP A 1 17  ? -8.367  -1.256  -8.659  1.00 17.87 ? 10   TRP A CD1   1 
ATOM   122  C CD2   . TRP A 1 17  ? -6.756  -2.811  -8.775  1.00 16.21 ? 10   TRP A CD2   1 
ATOM   123  N NE1   . TRP A 1 17  ? -8.647  -2.071  -9.729  1.00 18.68 ? 10   TRP A NE1   1 
ATOM   124  C CE2   . TRP A 1 17  ? -7.676  -3.034  -9.823  1.00 17.60 ? 10   TRP A CE2   1 
ATOM   125  C CE3   . TRP A 1 17  ? -5.657  -3.671  -8.646  1.00 17.63 ? 10   TRP A CE3   1 
ATOM   126  C CZ2   . TRP A 1 17  ? -7.530  -4.079  -10.738 1.00 17.31 ? 10   TRP A CZ2   1 
ATOM   127  C CZ3   . TRP A 1 17  ? -5.513  -4.715  -9.560  1.00 17.57 ? 10   TRP A CZ3   1 
ATOM   128  C CH2   . TRP A 1 17  ? -6.448  -4.907  -10.592 1.00 16.59 ? 10   TRP A CH2   1 
ATOM   129  N N     . PRO A 1 18  ? -4.049  0.486   -8.994  1.00 13.67 ? 11   PRO A N     1 
ATOM   130  C CA    . PRO A 1 18  ? -3.828  1.493   -10.036 1.00 14.68 ? 11   PRO A CA    1 
ATOM   131  C C     . PRO A 1 18  ? -5.047  2.026   -10.790 1.00 15.53 ? 11   PRO A C     1 
ATOM   132  O O     . PRO A 1 18  ? -5.227  3.237   -10.897 1.00 16.97 ? 11   PRO A O     1 
ATOM   133  C CB    . PRO A 1 18  ? -2.803  0.817   -10.953 1.00 14.99 ? 11   PRO A CB    1 
ATOM   134  C CG    . PRO A 1 18  ? -2.006  0.000   -9.991  1.00 13.04 ? 11   PRO A CG    1 
ATOM   135  C CD    . PRO A 1 18  ? -3.090  -0.625  -9.141  1.00 13.51 ? 11   PRO A CD    1 
ATOM   136  N N     . PRO A 1 19  ? -5.898  1.137   -11.321 1.00 16.58 ? 12   PRO A N     1 
ATOM   137  C CA    . PRO A 1 19  ? -7.078  1.607   -12.056 1.00 18.99 ? 12   PRO A CA    1 
ATOM   138  C C     . PRO A 1 19  ? -7.965  2.552   -11.239 1.00 20.46 ? 12   PRO A C     1 
ATOM   139  O O     . PRO A 1 19  ? -8.380  3.606   -11.722 1.00 19.34 ? 12   PRO A O     1 
ATOM   140  C CB    . PRO A 1 19  ? -7.800  0.311   -12.412 1.00 18.03 ? 12   PRO A CB    1 
ATOM   141  C CG    . PRO A 1 19  ? -6.684  -0.675  -12.530 1.00 19.89 ? 12   PRO A CG    1 
ATOM   142  C CD    . PRO A 1 19  ? -5.822  -0.333  -11.341 1.00 15.18 ? 12   PRO A CD    1 
ATOM   143  N N     . ALA A 1 20  ? -8.251  2.169   -9.998  1.00 19.82 ? 13   ALA A N     1 
ATOM   144  C CA    . ALA A 1 20  ? -9.092  2.983   -9.127  1.00 21.17 ? 13   ALA A CA    1 
ATOM   145  C C     . ALA A 1 20  ? -8.418  4.303   -8.768  1.00 22.52 ? 13   ALA A C     1 
ATOM   146  O O     . ALA A 1 20  ? -9.038  5.364   -8.839  1.00 23.75 ? 13   ALA A O     1 
ATOM   147  C CB    . ALA A 1 20  ? -9.440  2.204   -7.860  1.00 21.37 ? 13   ALA A CB    1 
ATOM   148  N N     . VAL A 1 21  ? -7.151  4.236   -8.375  1.00 22.32 ? 14   VAL A N     1 
ATOM   149  C CA    . VAL A 1 21  ? -6.400  5.432   -8.020  1.00 22.55 ? 14   VAL A CA    1 
ATOM   150  C C     . VAL A 1 21  ? -6.391  6.413   -9.187  1.00 24.57 ? 14   VAL A C     1 
ATOM   151  O O     . VAL A 1 21  ? -6.574  7.619   -9.008  1.00 23.52 ? 14   VAL A O     1 
ATOM   152  C CB    . VAL A 1 21  ? -4.940  5.082   -7.648  1.00 23.93 ? 14   VAL A CB    1 
ATOM   153  C CG1   . VAL A 1 21  ? -4.121  6.356   -7.473  1.00 24.23 ? 14   VAL A CG1   1 
ATOM   154  C CG2   . VAL A 1 21  ? -4.920  4.254   -6.365  1.00 23.17 ? 14   VAL A CG2   1 
ATOM   155  N N     . CYS A 1 22  ? -6.173  5.892   -10.387 1.00 24.55 ? 15   CYS A N     1 
ATOM   156  C CA    . CYS A 1 22  ? -6.147  6.733   -11.571 1.00 26.20 ? 15   CYS A CA    1 
ATOM   157  C C     . CYS A 1 22  ? -7.505  7.357   -11.894 1.00 27.42 ? 15   CYS A C     1 
ATOM   158  O O     . CYS A 1 22  ? -7.575  8.514   -12.310 1.00 26.84 ? 15   CYS A O     1 
ATOM   159  C CB    . CYS A 1 22  ? -5.639  5.930   -12.769 1.00 26.80 ? 15   CYS A CB    1 
ATOM   160  S SG    . CYS A 1 22  ? -3.825  5.928   -12.900 1.00 28.78 ? 15   CYS A SG    1 
ATOM   161  N N     . SER A 1 23  ? -8.579  6.602   -11.690 1.00 29.39 ? 16   SER A N     1 
ATOM   162  C CA    . SER A 1 23  ? -9.921  7.102   -11.980 1.00 32.05 ? 16   SER A CA    1 
ATOM   163  C C     . SER A 1 23  ? -10.266 8.364   -11.195 1.00 33.58 ? 16   SER A C     1 
ATOM   164  O O     . SER A 1 23  ? -11.052 9.190   -11.656 1.00 35.31 ? 16   SER A O     1 
ATOM   165  C CB    . SER A 1 23  ? -10.968 6.023   -11.694 1.00 31.66 ? 16   SER A CB    1 
ATOM   166  O OG    . SER A 1 23  ? -11.103 5.797   -10.304 1.00 33.13 ? 16   SER A OG    1 
ATOM   167  N N     . PHE A 1 24  ? -9.681  8.515   -10.012 1.00 34.28 ? 17   PHE A N     1 
ATOM   168  C CA    . PHE A 1 24  ? -9.943  9.687   -9.183  1.00 36.32 ? 17   PHE A CA    1 
ATOM   169  C C     . PHE A 1 24  ? -9.098  10.892  -9.583  1.00 39.75 ? 17   PHE A C     1 
ATOM   170  O O     . PHE A 1 24  ? -9.119  11.925  -8.914  1.00 40.57 ? 17   PHE A O     1 
ATOM   171  C CB    . PHE A 1 24  ? -9.720  9.342   -7.708  1.00 33.35 ? 17   PHE A CB    1 
ATOM   172  C CG    . PHE A 1 24  ? -10.830 8.528   -7.110  1.00 29.68 ? 17   PHE A CG    1 
ATOM   173  C CD1   . PHE A 1 24  ? -12.019 9.134   -6.718  1.00 29.14 ? 17   PHE A CD1   1 
ATOM   174  C CD2   . PHE A 1 24  ? -10.711 7.150   -6.988  1.00 27.94 ? 17   PHE A CD2   1 
ATOM   175  C CE1   . PHE A 1 24  ? -13.077 8.377   -6.214  1.00 28.41 ? 17   PHE A CE1   1 
ATOM   176  C CE2   . PHE A 1 24  ? -11.759 6.381   -6.487  1.00 27.93 ? 17   PHE A CE2   1 
ATOM   177  C CZ    . PHE A 1 24  ? -12.946 6.996   -6.100  1.00 28.46 ? 17   PHE A CZ    1 
ATOM   178  N N     . GLN A 1 25  ? -8.359  10.751  -10.679 1.00 43.14 ? 18   GLN A N     1 
ATOM   179  C CA    . GLN A 1 25  ? -7.519  11.828  -11.195 1.00 46.95 ? 18   GLN A CA    1 
ATOM   180  C C     . GLN A 1 25  ? -8.053  12.197  -12.574 1.00 49.19 ? 18   GLN A C     1 
ATOM   181  O O     . GLN A 1 25  ? -7.331  12.154  -13.571 1.00 49.83 ? 18   GLN A O     1 
ATOM   182  C CB    . GLN A 1 25  ? -6.065  11.365  -11.303 1.00 47.80 ? 18   GLN A CB    1 
ATOM   183  C CG    . GLN A 1 25  ? -5.457  10.913  -9.983  1.00 50.71 ? 18   GLN A CG    1 
ATOM   184  C CD    . GLN A 1 25  ? -5.344  12.035  -8.965  1.00 51.99 ? 18   GLN A CD    1 
ATOM   185  O OE1   . GLN A 1 25  ? -4.675  13.041  -9.206  1.00 53.64 ? 18   GLN A OE1   1 
ATOM   186  N NE2   . GLN A 1 25  ? -5.996  11.864  -7.820  1.00 52.40 ? 18   GLN A NE2   1 
ATOM   187  N N     . LYS A 1 26  ? -9.329  12.562  -12.611 1.00 51.81 ? 19   LYS A N     1 
ATOM   188  C CA    . LYS A 1 26  ? -10.020 12.924  -13.845 1.00 55.13 ? 19   LYS A CA    1 
ATOM   189  C C     . LYS A 1 26  ? -9.420  14.122  -14.582 1.00 55.94 ? 19   LYS A C     1 
ATOM   190  O O     . LYS A 1 26  ? -9.952  14.549  -15.609 1.00 56.75 ? 19   LYS A O     1 
ATOM   191  C CB    . LYS A 1 26  ? -11.494 13.207  -13.535 1.00 56.38 ? 19   LYS A CB    1 
ATOM   192  C CG    . LYS A 1 26  ? -12.194 12.077  -12.792 1.00 57.74 ? 19   LYS A CG    1 
ATOM   193  C CD    . LYS A 1 26  ? -13.609 12.459  -12.386 1.00 58.99 ? 19   LYS A CD    1 
ATOM   194  C CE    . LYS A 1 26  ? -14.285 11.328  -11.621 1.00 59.59 ? 19   LYS A CE    1 
ATOM   195  N NZ    . LYS A 1 26  ? -15.645 11.705  -11.136 1.00 60.31 ? 19   LYS A NZ    1 
ATOM   196  N N     . SER A 1 27  ? -8.315  14.656  -14.074 1.00 56.48 ? 20   SER A N     1 
ATOM   197  C CA    . SER A 1 27  ? -7.684  15.814  -14.699 1.00 56.79 ? 20   SER A CA    1 
ATOM   198  C C     . SER A 1 27  ? -6.271  15.549  -15.213 1.00 56.57 ? 20   SER A C     1 
ATOM   199  O O     . SER A 1 27  ? -5.289  15.854  -14.535 1.00 57.22 ? 20   SER A O     1 
ATOM   200  C CB    . SER A 1 27  ? -7.658  16.983  -13.709 1.00 57.12 ? 20   SER A CB    1 
ATOM   201  O OG    . SER A 1 27  ? -7.055  18.129  -14.283 1.00 58.74 ? 20   SER A OG    1 
ATOM   202  N N     . GLY A 1 28  ? -6.170  14.989  -16.416 1.00 55.62 ? 21   GLY A N     1 
ATOM   203  C CA    . GLY A 1 28  ? -4.862  14.717  -16.989 1.00 53.97 ? 21   GLY A CA    1 
ATOM   204  C C     . GLY A 1 28  ? -4.633  13.277  -17.413 1.00 52.41 ? 21   GLY A C     1 
ATOM   205  O O     . GLY A 1 28  ? -5.581  12.511  -17.588 1.00 53.17 ? 21   GLY A O     1 
ATOM   206  N N     . SER A 1 29  ? -3.364  12.917  -17.582 1.00 49.70 ? 22   SER A N     1 
ATOM   207  C CA    . SER A 1 29  ? -2.980  11.567  -17.985 1.00 46.74 ? 22   SER A CA    1 
ATOM   208  C C     . SER A 1 29  ? -2.565  10.753  -16.764 1.00 43.29 ? 22   SER A C     1 
ATOM   209  O O     . SER A 1 29  ? -2.133  11.314  -15.757 1.00 43.74 ? 22   SER A O     1 
ATOM   210  C CB    . SER A 1 29  ? -1.815  11.628  -18.974 1.00 47.44 ? 22   SER A CB    1 
ATOM   211  O OG    . SER A 1 29  ? -0.691  12.259  -18.386 1.00 49.26 ? 22   SER A OG    1 
ATOM   212  N N     . CYS A 1 30  ? -2.688  9.431   -16.859 1.00 38.85 ? 23   CYS A N     1 
ATOM   213  C CA    . CYS A 1 30  ? -2.326  8.553   -15.750 1.00 34.18 ? 23   CYS A CA    1 
ATOM   214  C C     . CYS A 1 30  ? -1.540  7.350   -16.270 1.00 30.77 ? 23   CYS A C     1 
ATOM   215  O O     . CYS A 1 30  ? -2.111  6.417   -16.836 1.00 28.51 ? 23   CYS A O     1 
ATOM   216  C CB    . CYS A 1 30  ? -3.592  8.092   -15.027 1.00 32.98 ? 23   CYS A CB    1 
ATOM   217  S SG    . CYS A 1 30  ? -3.435  7.897   -13.223 1.00 34.57 ? 23   CYS A SG    1 
ATOM   218  N N     . PRO A 1 31  ? -0.213  7.359   -16.073 1.00 28.82 ? 24   PRO A N     1 
ATOM   219  C CA    . PRO A 1 31  ? 0.722   6.310   -16.498 1.00 27.38 ? 24   PRO A CA    1 
ATOM   220  C C     . PRO A 1 31  ? 0.368   4.877   -16.091 1.00 25.42 ? 24   PRO A C     1 
ATOM   221  O O     . PRO A 1 31  ? 0.546   3.947   -16.874 1.00 24.72 ? 24   PRO A O     1 
ATOM   222  C CB    . PRO A 1 31  ? 2.049   6.760   -15.884 1.00 29.68 ? 24   PRO A CB    1 
ATOM   223  C CG    . PRO A 1 31  ? 1.917   8.249   -15.850 1.00 30.98 ? 24   PRO A CG    1 
ATOM   224  C CD    . PRO A 1 31  ? 0.505   8.431   -15.359 1.00 28.61 ? 24   PRO A CD    1 
ATOM   225  N N     . GLY A 1 32  ? -0.129  4.698   -14.874 1.00 21.91 ? 25   GLY A N     1 
ATOM   226  C CA    . GLY A 1 32  ? -0.451  3.359   -14.413 1.00 21.67 ? 25   GLY A CA    1 
ATOM   227  C C     . GLY A 1 32  ? -1.871  2.877   -14.636 1.00 21.07 ? 25   GLY A C     1 
ATOM   228  O O     . GLY A 1 32  ? -2.255  1.840   -14.106 1.00 21.20 ? 25   GLY A O     1 
ATOM   229  N N     . SER A 1 33  ? -2.645  3.610   -15.427 1.00 21.18 ? 26   SER A N     1 
ATOM   230  C CA    . SER A 1 33  ? -4.038  3.254   -15.705 1.00 23.50 ? 26   SER A CA    1 
ATOM   231  C C     . SER A 1 33  ? -4.241  1.823   -16.188 1.00 21.61 ? 26   SER A C     1 
ATOM   232  O O     . SER A 1 33  ? -5.237  1.189   -15.849 1.00 21.19 ? 26   SER A O     1 
ATOM   233  C CB    . SER A 1 33  ? -4.619  4.205   -16.754 1.00 24.75 ? 26   SER A CB    1 
ATOM   234  O OG    . SER A 1 33  ? -4.582  5.538   -16.284 1.00 36.47 ? 26   SER A OG    1 
ATOM   235  N N     . GLY A 1 34  ? -3.303  1.327   -16.987 1.00 19.77 ? 27   GLY A N     1 
ATOM   236  C CA    . GLY A 1 34  ? -3.418  -0.017  -17.525 1.00 18.89 ? 27   GLY A CA    1 
ATOM   237  C C     . GLY A 1 34  ? -2.921  -1.144  -16.636 1.00 18.67 ? 27   GLY A C     1 
ATOM   238  O O     . GLY A 1 34  ? -3.024  -2.311  -16.999 1.00 18.35 ? 27   GLY A O     1 
ATOM   239  N N     . LEU A 1 35  ? -2.372  -0.810  -15.478 1.00 18.58 ? 28   LEU A N     1 
ATOM   240  C CA    . LEU A 1 35  ? -1.886  -1.838  -14.572 1.00 20.38 ? 28   LEU A CA    1 
ATOM   241  C C     . LEU A 1 35  ? -3.088  -2.577  -13.996 1.00 21.21 ? 28   LEU A C     1 
ATOM   242  O O     . LEU A 1 35  ? -4.109  -1.957  -13.678 1.00 24.19 ? 28   LEU A O     1 
ATOM   243  C CB    . LEU A 1 35  ? -1.052  -1.202  -13.457 1.00 21.79 ? 28   LEU A CB    1 
ATOM   244  C CG    . LEU A 1 35  ? 0.381   -0.793  -13.822 1.00 22.32 ? 28   LEU A CG    1 
ATOM   245  C CD1   . LEU A 1 35  ? 0.409   -0.050  -15.136 1.00 27.19 ? 28   LEU A CD1   1 
ATOM   246  C CD2   . LEU A 1 35  ? 0.959   0.066   -12.713 1.00 23.12 ? 28   LEU A CD2   1 
ATOM   247  N N     . ARG A 1 36  ? -2.981  -3.901  -13.901 1.00 17.53 ? 29   ARG A N     1 
ATOM   248  C CA    . ARG A 1 36  ? -4.058  -4.728  -13.366 1.00 19.83 ? 29   ARG A CA    1 
ATOM   249  C C     . ARG A 1 36  ? -3.538  -5.579  -12.209 1.00 18.46 ? 29   ARG A C     1 
ATOM   250  O O     . ARG A 1 36  ? -3.925  -6.734  -12.048 1.00 18.62 ? 29   ARG A O     1 
ATOM   251  C CB    . ARG A 1 36  ? -4.633  -5.640  -14.457 1.00 21.82 ? 29   ARG A CB    1 
ATOM   252  C CG    . ARG A 1 36  ? -5.288  -4.915  -15.635 1.00 26.48 ? 29   ARG A CG    1 
ATOM   253  C CD    . ARG A 1 36  ? -6.663  -4.387  -15.282 1.00 31.48 ? 29   ARG A CD    1 
ATOM   254  N NE    . ARG A 1 36  ? -6.691  -2.932  -15.214 1.00 38.13 ? 29   ARG A NE    1 
ATOM   255  C CZ    . ARG A 1 36  ? -6.634  -2.127  -16.271 1.00 39.23 ? 29   ARG A CZ    1 
ATOM   256  N NH1   . ARG A 1 36  ? -6.547  -2.634  -17.496 1.00 41.13 ? 29   ARG A NH1   1 
ATOM   257  N NH2   . ARG A 1 36  ? -6.658  -0.814  -16.103 1.00 36.70 ? 29   ARG A NH2   1 
ATOM   258  N N     . THR A 1 37  ? -2.652  -4.997  -11.411 1.00 16.64 ? 30   THR A N     1 
ATOM   259  C CA    . THR A 1 37  ? -2.087  -5.684  -10.255 1.00 15.77 ? 30   THR A CA    1 
ATOM   260  C C     . THR A 1 37  ? -1.860  -4.648  -9.164  1.00 15.53 ? 30   THR A C     1 
ATOM   261  O O     . THR A 1 37  ? -1.643  -3.475  -9.460  1.00 15.13 ? 30   THR A O     1 
ATOM   262  C CB    . THR A 1 37  ? -0.729  -6.332  -10.585 1.00 17.97 ? 30   THR A CB    1 
ATOM   263  O OG1   . THR A 1 37  ? -0.258  -7.055  -9.442  1.00 15.74 ? 30   THR A OG1   1 
ATOM   264  C CG2   . THR A 1 37  ? 0.298   -5.259  -10.950 1.00 17.25 ? 30   THR A CG2   1 
ATOM   265  N N     . PHE A 1 38  ? -1.916  -5.068  -7.907  1.00 15.25 ? 31   PHE A N     1 
ATOM   266  C CA    . PHE A 1 38  ? -1.688  -4.129  -6.814  1.00 15.40 ? 31   PHE A CA    1 
ATOM   267  C C     . PHE A 1 38  ? -0.220  -3.747  -6.789  1.00 15.91 ? 31   PHE A C     1 
ATOM   268  O O     . PHE A 1 38  ? 0.651   -4.604  -6.946  1.00 15.93 ? 31   PHE A O     1 
ATOM   269  C CB    . PHE A 1 38  ? -2.076  -4.756  -5.476  1.00 14.51 ? 31   PHE A CB    1 
ATOM   270  C CG    . PHE A 1 38  ? -3.534  -4.631  -5.157  1.00 15.29 ? 31   PHE A CG    1 
ATOM   271  C CD1   . PHE A 1 38  ? -4.005  -3.555  -4.404  1.00 14.44 ? 31   PHE A CD1   1 
ATOM   272  C CD2   . PHE A 1 38  ? -4.447  -5.568  -5.636  1.00 13.43 ? 31   PHE A CD2   1 
ATOM   273  C CE1   . PHE A 1 38  ? -5.367  -3.418  -4.133  1.00 12.65 ? 31   PHE A CE1   1 
ATOM   274  C CE2   . PHE A 1 38  ? -5.808  -5.436  -5.372  1.00 11.32 ? 31   PHE A CE2   1 
ATOM   275  C CZ    . PHE A 1 38  ? -6.269  -4.360  -4.618  1.00 14.06 ? 31   PHE A CZ    1 
ATOM   276  N N     . THR A 1 39  ? 0.039   -2.456  -6.609  1.00 16.09 ? 32   THR A N     1 
ATOM   277  C CA    . THR A 1 39  ? 1.397   -1.942  -6.541  1.00 15.26 ? 32   THR A CA    1 
ATOM   278  C C     . THR A 1 39  ? 1.595   -1.263  -5.187  1.00 14.76 ? 32   THR A C     1 
ATOM   279  O O     . THR A 1 39  ? 0.633   -0.911  -4.497  1.00 14.37 ? 32   THR A O     1 
ATOM   280  C CB    . THR A 1 39  ? 1.684   -0.930  -7.677  1.00 16.21 ? 32   THR A CB    1 
ATOM   281  O OG1   . THR A 1 39  ? 0.752   0.152   -7.605  1.00 18.29 ? 32   THR A OG1   1 
ATOM   282  C CG2   . THR A 1 39  ? 1.574   -1.606  -9.047  1.00 17.01 ? 32   THR A CG2   1 
ATOM   283  N N     . ILE A 1 40  ? 2.851   -1.087  -4.809  1.00 13.28 ? 33   ILE A N     1 
ATOM   284  C CA    . ILE A 1 40  ? 3.184   -0.485  -3.529  1.00 12.47 ? 33   ILE A CA    1 
ATOM   285  C C     . ILE A 1 40  ? 2.892   1.003   -3.452  1.00 12.67 ? 33   ILE A C     1 
ATOM   286  O O     . ILE A 1 40  ? 3.244   1.757   -4.353  1.00 11.37 ? 33   ILE A O     1 
ATOM   287  C CB    . ILE A 1 40  ? 4.689   -0.661  -3.215  1.00 13.35 ? 33   ILE A CB    1 
ATOM   288  C CG1   . ILE A 1 40  ? 5.061   -2.144  -3.216  1.00 12.39 ? 33   ILE A CG1   1 
ATOM   289  C CG2   . ILE A 1 40  ? 5.022   -0.009  -1.872  1.00 11.55 ? 33   ILE A CG2   1 
ATOM   290  C CD1   . ILE A 1 40  ? 6.570   -2.383  -3.181  1.00 14.32 ? 33   ILE A CD1   1 
ATOM   291  N N     . HIS A 1 41  ? 2.239   1.426   -2.377  1.00 13.47 ? 34   HIS A N     1 
ATOM   292  C CA    . HIS A 1 41  ? 2.014   2.849   -2.177  1.00 13.79 ? 34   HIS A CA    1 
ATOM   293  C C     . HIS A 1 41  ? 3.151   3.232   -1.235  1.00 12.32 ? 34   HIS A C     1 
ATOM   294  O O     . HIS A 1 41  ? 3.941   4.127   -1.527  1.00 13.19 ? 34   HIS A O     1 
ATOM   295  C CB    . HIS A 1 41  ? 0.659   3.128   -1.527  1.00 13.30 ? 34   HIS A CB    1 
ATOM   296  C CG    . HIS A 1 41  ? 0.397   4.584   -1.286  1.00 16.56 ? 34   HIS A CG    1 
ATOM   297  N ND1   . HIS A 1 41  ? -0.860  5.080   -1.014  1.00 18.73 ? 34   HIS A ND1   1 
ATOM   298  C CD2   . HIS A 1 41  ? 1.234   5.650   -1.260  1.00 19.13 ? 34   HIS A CD2   1 
ATOM   299  C CE1   . HIS A 1 41  ? -0.787  6.386   -0.834  1.00 19.19 ? 34   HIS A CE1   1 
ATOM   300  N NE2   . HIS A 1 41  ? 0.472   6.758   -0.976  1.00 18.47 ? 34   HIS A NE2   1 
ATOM   301  N N     . GLY A 1 42  ? 3.240   2.537   -0.104  1.00 12.58 ? 35   GLY A N     1 
ATOM   302  C CA    . GLY A 1 42  ? 4.315   2.815   0.830   1.00 12.65 ? 35   GLY A CA    1 
ATOM   303  C C     . GLY A 1 42  ? 4.244   1.986   2.097   1.00 13.84 ? 35   GLY A C     1 
ATOM   304  O O     . GLY A 1 42  ? 3.281   1.248   2.325   1.00 12.15 ? 35   GLY A O     1 
ATOM   305  N N     . LEU A 1 43  ? 5.283   2.104   2.916   1.00 11.68 ? 36   LEU A N     1 
ATOM   306  C CA    . LEU A 1 43  ? 5.357   1.396   4.185   1.00 13.62 ? 36   LEU A CA    1 
ATOM   307  C C     . LEU A 1 43  ? 5.267   2.498   5.234   1.00 13.88 ? 36   LEU A C     1 
ATOM   308  O O     . LEU A 1 43  ? 6.174   3.326   5.348   1.00 12.97 ? 36   LEU A O     1 
ATOM   309  C CB    . LEU A 1 43  ? 6.685   0.649   4.288   1.00 12.88 ? 36   LEU A CB    1 
ATOM   310  C CG    . LEU A 1 43  ? 6.900   -0.213  5.536   1.00 14.03 ? 36   LEU A CG    1 
ATOM   311  C CD1   . LEU A 1 43  ? 5.785   -1.248  5.677   1.00 14.40 ? 36   LEU A CD1   1 
ATOM   312  C CD2   . LEU A 1 43  ? 8.248   -0.891  5.425   1.00 13.37 ? 36   LEU A CD2   1 
ATOM   313  N N     . TRP A 1 44  ? 4.171   2.505   5.990   1.00 11.68 ? 37   TRP A N     1 
ATOM   314  C CA    . TRP A 1 44  ? 3.921   3.550   6.980   1.00 12.00 ? 37   TRP A CA    1 
ATOM   315  C C     . TRP A 1 44  ? 4.045   3.168   8.452   1.00 12.30 ? 37   TRP A C     1 
ATOM   316  O O     . TRP A 1 44  ? 3.216   2.427   8.974   1.00 12.57 ? 37   TRP A O     1 
ATOM   317  C CB    . TRP A 1 44  ? 2.510   4.127   6.775   1.00 13.71 ? 37   TRP A CB    1 
ATOM   318  C CG    . TRP A 1 44  ? 2.174   4.549   5.367   1.00 13.24 ? 37   TRP A CG    1 
ATOM   319  C CD1   . TRP A 1 44  ? 3.045   4.763   4.341   1.00 14.01 ? 37   TRP A CD1   1 
ATOM   320  C CD2   . TRP A 1 44  ? 0.873   4.878   4.863   1.00 13.96 ? 37   TRP A CD2   1 
ATOM   321  N NE1   . TRP A 1 44  ? 2.371   5.210   3.229   1.00 15.21 ? 37   TRP A NE1   1 
ATOM   322  C CE2   . TRP A 1 44  ? 1.035   5.290   3.522   1.00 15.13 ? 37   TRP A CE2   1 
ATOM   323  C CE3   . TRP A 1 44  ? -0.417  4.869   5.417   1.00 14.57 ? 37   TRP A CE3   1 
ATOM   324  C CZ2   . TRP A 1 44  ? -0.045  5.690   2.722   1.00 14.20 ? 37   TRP A CZ2   1 
ATOM   325  C CZ3   . TRP A 1 44  ? -1.492  5.268   4.622   1.00 15.43 ? 37   TRP A CZ3   1 
ATOM   326  C CH2   . TRP A 1 44  ? -1.297  5.672   3.289   1.00 16.09 ? 37   TRP A CH2   1 
ATOM   327  N N     . PRO A 1 45  ? 5.080   3.676   9.143   1.00 12.30 ? 38   PRO A N     1 
ATOM   328  C CA    . PRO A 1 45  ? 5.229   3.347   10.561  1.00 12.91 ? 38   PRO A CA    1 
ATOM   329  C C     . PRO A 1 45  ? 4.006   3.884   11.300  1.00 14.02 ? 38   PRO A C     1 
ATOM   330  O O     . PRO A 1 45  ? 3.508   4.967   10.973  1.00 14.77 ? 38   PRO A O     1 
ATOM   331  C CB    . PRO A 1 45  ? 6.510   4.080   10.956  1.00 12.84 ? 38   PRO A CB    1 
ATOM   332  C CG    . PRO A 1 45  ? 7.322   4.037   9.677   1.00 12.77 ? 38   PRO A CG    1 
ATOM   333  C CD    . PRO A 1 45  ? 6.273   4.385   8.636   1.00 13.28 ? 38   PRO A CD    1 
ATOM   334  N N     . GLN A 1 46  ? 3.520   3.118   12.274  1.00 14.29 ? 39   GLN A N     1 
ATOM   335  C CA    . GLN A 1 46  ? 2.352   3.498   13.069  1.00 16.31 ? 39   GLN A CA    1 
ATOM   336  C C     . GLN A 1 46  ? 2.736   3.675   14.531  1.00 17.77 ? 39   GLN A C     1 
ATOM   337  O O     . GLN A 1 46  ? 3.726   3.114   14.994  1.00 17.59 ? 39   GLN A O     1 
ATOM   338  C CB    . GLN A 1 46  ? 1.267   2.415   13.003  1.00 16.89 ? 39   GLN A CB    1 
ATOM   339  C CG    . GLN A 1 46  ? 0.766   2.079   11.608  1.00 13.80 ? 39   GLN A CG    1 
ATOM   340  C CD    . GLN A 1 46  ? 0.036   3.226   10.953  1.00 14.49 ? 39   GLN A CD    1 
ATOM   341  O OE1   . GLN A 1 46  ? -1.019  3.658   11.420  1.00 15.31 ? 39   GLN A OE1   1 
ATOM   342  N NE2   . GLN A 1 46  ? 0.591   3.727   9.860   1.00 14.50 ? 39   GLN A NE2   1 
ATOM   343  N N     . GLN A 1 47  ? 1.923   4.443   15.249  1.00 20.38 ? 40   GLN A N     1 
ATOM   344  C CA    . GLN A 1 47  ? 2.126   4.701   16.665  1.00 25.41 ? 40   GLN A CA    1 
ATOM   345  C C     . GLN A 1 47  ? 0.766   4.892   17.328  1.00 26.16 ? 40   GLN A C     1 
ATOM   346  O O     . GLN A 1 47  ? 0.041   5.835   17.011  1.00 23.52 ? 40   GLN A O     1 
ATOM   347  C CB    . GLN A 1 47  ? 2.989   5.952   16.849  1.00 28.30 ? 40   GLN A CB    1 
ATOM   348  C CG    . GLN A 1 47  ? 3.003   6.515   18.260  1.00 34.62 ? 40   GLN A CG    1 
ATOM   349  C CD    . GLN A 1 47  ? 3.208   5.448   19.309  1.00 37.43 ? 40   GLN A CD    1 
ATOM   350  O OE1   . GLN A 1 47  ? 4.004   4.528   19.128  1.00 39.37 ? 40   GLN A OE1   1 
ATOM   351  N NE2   . GLN A 1 47  ? 2.494   5.570   20.423  1.00 38.89 ? 40   GLN A NE2   1 
ATOM   352  N N     . SER A 1 48  ? 0.413   3.983   18.228  1.00 28.13 ? 41   SER A N     1 
ATOM   353  C CA    . SER A 1 48  ? -0.866  4.068   18.932  1.00 30.97 ? 41   SER A CA    1 
ATOM   354  C C     . SER A 1 48  ? -2.042  4.359   18.004  1.00 30.49 ? 41   SER A C     1 
ATOM   355  O O     . SER A 1 48  ? -2.835  5.263   18.264  1.00 31.11 ? 41   SER A O     1 
ATOM   356  C CB    . SER A 1 48  ? -0.806  5.155   20.010  1.00 32.07 ? 41   SER A CB    1 
ATOM   357  O OG    . SER A 1 48  ? 0.186   4.863   20.976  1.00 37.71 ? 41   SER A OG    1 
ATOM   358  N N     . GLY A 1 49  ? -2.142  3.609   16.911  1.00 30.69 ? 42   GLY A N     1 
ATOM   359  C CA    . GLY A 1 49  ? -3.247  3.788   15.986  1.00 30.68 ? 42   GLY A CA    1 
ATOM   360  C C     . GLY A 1 49  ? -3.151  4.925   14.989  1.00 31.16 ? 42   GLY A C     1 
ATOM   361  O O     . GLY A 1 49  ? -4.119  5.211   14.283  1.00 31.54 ? 42   GLY A O     1 
ATOM   362  N N     . THR A 1 50  ? -1.999  5.582   14.913  1.00 28.77 ? 43   THR A N     1 
ATOM   363  C CA    . THR A 1 50  ? -1.850  6.684   13.976  1.00 28.29 ? 43   THR A CA    1 
ATOM   364  C C     . THR A 1 50  ? -0.541  6.601   13.194  1.00 24.09 ? 43   THR A C     1 
ATOM   365  O O     . THR A 1 50  ? 0.471   6.128   13.709  1.00 22.83 ? 43   THR A O     1 
ATOM   366  C CB    . THR A 1 50  ? -1.920  8.039   14.709  1.00 30.53 ? 43   THR A CB    1 
ATOM   367  O OG1   . THR A 1 50  ? -1.939  9.100   13.749  1.00 36.83 ? 43   THR A OG1   1 
ATOM   368  C CG2   . THR A 1 50  ? -0.724  8.218   15.621  1.00 32.18 ? 43   THR A CG2   1 
ATOM   369  N N     . SER A 1 51  ? -0.570  7.052   11.945  1.00 21.18 ? 44   SER A N     1 
ATOM   370  C CA    . SER A 1 51  ? 0.619   7.036   11.102  1.00 20.12 ? 44   SER A CA    1 
ATOM   371  C C     . SER A 1 51  ? 1.606   8.105   11.564  1.00 19.46 ? 44   SER A C     1 
ATOM   372  O O     . SER A 1 51  ? 1.239   9.269   11.710  1.00 20.20 ? 44   SER A O     1 
ATOM   373  C CB    . SER A 1 51  ? 0.248   7.304   9.637   1.00 19.01 ? 44   SER A CB    1 
ATOM   374  O OG    . SER A 1 51  ? -0.555  6.270   9.097   1.00 24.46 ? 44   SER A OG    1 
ATOM   375  N N     . LEU A 1 52  ? 2.849   7.706   11.810  1.00 17.54 ? 45   LEU A N     1 
ATOM   376  C CA    . LEU A 1 52  ? 3.882   8.653   12.219  1.00 18.57 ? 45   LEU A CA    1 
ATOM   377  C C     . LEU A 1 52  ? 4.422   9.257   10.933  1.00 19.78 ? 45   LEU A C     1 
ATOM   378  O O     . LEU A 1 52  ? 4.804   8.524   10.020  1.00 20.57 ? 45   LEU A O     1 
ATOM   379  C CB    . LEU A 1 52  ? 5.019   7.945   12.952  1.00 20.92 ? 45   LEU A CB    1 
ATOM   380  C CG    . LEU A 1 52  ? 4.748   7.426   14.357  1.00 23.54 ? 45   LEU A CG    1 
ATOM   381  C CD1   . LEU A 1 52  ? 5.977   6.689   14.872  1.00 24.54 ? 45   LEU A CD1   1 
ATOM   382  C CD2   . LEU A 1 52  ? 4.398   8.599   15.269  1.00 27.94 ? 45   LEU A CD2   1 
ATOM   383  N N     . THR A 1 53  ? 4.475   10.582  10.860  1.00 17.40 ? 46   THR A N     1 
ATOM   384  C CA    . THR A 1 53  ? 4.949   11.228  9.646   1.00 18.39 ? 46   THR A CA    1 
ATOM   385  C C     . THR A 1 53  ? 5.947   12.355  9.859   1.00 18.01 ? 46   THR A C     1 
ATOM   386  O O     . THR A 1 53  ? 6.014   12.958  10.934  1.00 16.10 ? 46   THR A O     1 
ATOM   387  C CB    . THR A 1 53  ? 3.776   11.823  8.845   1.00 18.63 ? 46   THR A CB    1 
ATOM   388  O OG1   . THR A 1 53  ? 3.145   12.841  9.630   1.00 21.20 ? 46   THR A OG1   1 
ATOM   389  C CG2   . THR A 1 53  ? 2.745   10.751  8.507   1.00 20.03 ? 46   THR A CG2   1 
ATOM   390  N N     . ASN A 1 54  ? 6.714   12.629  8.807   1.00 16.45 ? 47   ASN A N     1 
ATOM   391  C CA    . ASN A 1 54  ? 7.691   13.709  8.795   1.00 17.23 ? 47   ASN A CA    1 
ATOM   392  C C     . ASN A 1 54  ? 8.638   13.772  9.985   1.00 18.00 ? 47   ASN A C     1 
ATOM   393  O O     . ASN A 1 54  ? 8.764   14.804  10.648  1.00 17.83 ? 47   ASN A O     1 
ATOM   394  C CB    . ASN A 1 54  ? 6.947   15.037  8.627   1.00 18.22 ? 47   ASN A CB    1 
ATOM   395  C CG    . ASN A 1 54  ? 6.152   15.081  7.337   1.00 21.17 ? 47   ASN A CG    1 
ATOM   396  O OD1   . ASN A 1 54  ? 6.666   14.720  6.283   1.00 24.88 ? 47   ASN A OD1   1 
ATOM   397  N ND2   . ASN A 1 54  ? 4.902   15.516  7.411   1.00 21.98 ? 47   ASN A ND2   1 
ATOM   398  N N     . CYS A 1 55  ? 9.322   12.663  10.232  1.00 16.67 ? 48   CYS A N     1 
ATOM   399  C CA    . CYS A 1 55  ? 10.276  12.572  11.322  1.00 17.09 ? 48   CYS A CA    1 
ATOM   400  C C     . CYS A 1 55  ? 11.617  13.190  10.904  1.00 17.79 ? 48   CYS A C     1 
ATOM   401  O O     . CYS A 1 55  ? 11.929  13.272  9.716   1.00 15.71 ? 48   CYS A O     1 
ATOM   402  C CB    . CYS A 1 55  ? 10.430  11.098  11.732  1.00 19.34 ? 48   CYS A CB    1 
ATOM   403  S SG    . CYS A 1 55  ? 8.886   10.451  12.473  1.00 23.81 ? 48   CYS A SG    1 
ATOM   404  N N     . PRO A 1 56  ? 12.414  13.659  11.880  1.00 18.35 ? 49   PRO A N     1 
ATOM   405  C CA    . PRO A 1 56  ? 13.726  14.281  11.634  1.00 19.41 ? 49   PRO A CA    1 
ATOM   406  C C     . PRO A 1 56  ? 14.746  13.249  11.154  1.00 19.40 ? 49   PRO A C     1 
ATOM   407  O O     . PRO A 1 56  ? 15.620  12.833  11.921  1.00 20.75 ? 49   PRO A O     1 
ATOM   408  C CB    . PRO A 1 56  ? 14.121  14.842  13.005  1.00 19.49 ? 49   PRO A CB    1 
ATOM   409  C CG    . PRO A 1 56  ? 12.862  14.828  13.809  1.00 23.71 ? 49   PRO A CG    1 
ATOM   410  C CD    . PRO A 1 56  ? 12.113  13.627  13.318  1.00 19.63 ? 49   PRO A CD    1 
ATOM   411  N N     . GLY A 1 57  ? 14.637  12.845  9.892   1.00 19.86 ? 50   GLY A N     1 
ATOM   412  C CA    . GLY A 1 57  ? 15.546  11.845  9.356   1.00 17.15 ? 50   GLY A CA    1 
ATOM   413  C C     . GLY A 1 57  ? 16.407  12.293  8.192   1.00 16.85 ? 50   GLY A C     1 
ATOM   414  O O     . GLY A 1 57  ? 16.401  13.456  7.803   1.00 18.76 ? 50   GLY A O     1 
ATOM   415  N N     . SER A 1 58  ? 17.140  11.346  7.626   1.00 16.34 ? 51   SER A N     1 
ATOM   416  C CA    . SER A 1 58  ? 18.045  11.608  6.519   1.00 17.71 ? 51   SER A CA    1 
ATOM   417  C C     . SER A 1 58  ? 17.353  11.951  5.203   1.00 16.78 ? 51   SER A C     1 
ATOM   418  O O     . SER A 1 58  ? 16.249  11.496  4.922   1.00 15.85 ? 51   SER A O     1 
ATOM   419  C CB    . SER A 1 58  ? 18.949  10.396  6.290   1.00 18.59 ? 51   SER A CB    1 
ATOM   420  O OG    . SER A 1 58  ? 19.586  9.995   7.490   1.00 22.86 ? 51   SER A OG    1 
ATOM   421  N N     . PRO A 1 59  ? 18.011  12.770  4.375   1.00 17.50 ? 52   PRO A N     1 
ATOM   422  C CA    . PRO A 1 59  ? 17.444  13.151  3.084   1.00 17.16 ? 52   PRO A CA    1 
ATOM   423  C C     . PRO A 1 59  ? 17.359  11.889  2.234   1.00 17.33 ? 52   PRO A C     1 
ATOM   424  O O     . PRO A 1 59  ? 18.148  10.959  2.417   1.00 17.98 ? 52   PRO A O     1 
ATOM   425  C CB    . PRO A 1 59  ? 18.479  14.129  2.518   1.00 18.07 ? 52   PRO A CB    1 
ATOM   426  C CG    . PRO A 1 59  ? 19.171  14.667  3.733   1.00 18.43 ? 52   PRO A CG    1 
ATOM   427  C CD    . PRO A 1 59  ? 19.295  13.454  4.615   1.00 16.58 ? 52   PRO A CD    1 
ATOM   428  N N     . PHE A 1 60  ? 16.403  11.847  1.314   1.00 16.82 ? 53   PHE A N     1 
ATOM   429  C CA    . PHE A 1 60  ? 16.276  10.698  0.424   1.00 17.89 ? 53   PHE A CA    1 
ATOM   430  C C     . PHE A 1 60  ? 17.507  10.682  -0.482  1.00 18.49 ? 53   PHE A C     1 
ATOM   431  O O     . PHE A 1 60  ? 17.930  11.729  -0.966  1.00 18.54 ? 53   PHE A O     1 
ATOM   432  C CB    . PHE A 1 60  ? 15.018  10.834  -0.434  1.00 16.83 ? 53   PHE A CB    1 
ATOM   433  C CG    . PHE A 1 60  ? 14.862  9.750   -1.464  1.00 16.66 ? 53   PHE A CG    1 
ATOM   434  C CD1   . PHE A 1 60  ? 14.449  8.475   -1.098  1.00 16.65 ? 53   PHE A CD1   1 
ATOM   435  C CD2   . PHE A 1 60  ? 15.116  10.011  -2.806  1.00 17.32 ? 53   PHE A CD2   1 
ATOM   436  C CE1   . PHE A 1 60  ? 14.286  7.472   -2.056  1.00 17.16 ? 53   PHE A CE1   1 
ATOM   437  C CE2   . PHE A 1 60  ? 14.956  9.010   -3.776  1.00 17.03 ? 53   PHE A CE2   1 
ATOM   438  C CZ    . PHE A 1 60  ? 14.541  7.747   -3.400  1.00 13.79 ? 53   PHE A CZ    1 
ATOM   439  N N     . ASP A 1 61  ? 18.082  9.503   -0.700  1.00 19.17 ? 54   ASP A N     1 
ATOM   440  C CA    . ASP A 1 61  ? 19.255  9.365   -1.562  1.00 21.42 ? 54   ASP A CA    1 
ATOM   441  C C     . ASP A 1 61  ? 19.022  8.198   -2.522  1.00 20.78 ? 54   ASP A C     1 
ATOM   442  O O     . ASP A 1 61  ? 19.123  7.038   -2.132  1.00 19.39 ? 54   ASP A O     1 
ATOM   443  C CB    . ASP A 1 61  ? 20.507  9.087   -0.728  1.00 23.89 ? 54   ASP A CB    1 
ATOM   444  C CG    . ASP A 1 61  ? 21.783  9.134   -1.555  1.00 27.58 ? 54   ASP A CG    1 
ATOM   445  O OD1   . ASP A 1 61  ? 21.693  9.064   -2.800  1.00 27.32 ? 54   ASP A OD1   1 
ATOM   446  O OD2   . ASP A 1 61  ? 22.876  9.235   -0.960  1.00 30.33 ? 54   ASP A OD2   1 
ATOM   447  N N     . ILE A 1 62  ? 18.718  8.514   -3.774  1.00 22.18 ? 55   ILE A N     1 
ATOM   448  C CA    . ILE A 1 62  ? 18.449  7.489   -4.778  1.00 22.23 ? 55   ILE A CA    1 
ATOM   449  C C     . ILE A 1 62  ? 19.573  6.461   -4.909  1.00 23.36 ? 55   ILE A C     1 
ATOM   450  O O     . ILE A 1 62  ? 19.314  5.283   -5.156  1.00 22.89 ? 55   ILE A O     1 
ATOM   451  C CB    . ILE A 1 62  ? 18.182  8.129   -6.166  1.00 23.35 ? 55   ILE A CB    1 
ATOM   452  C CG1   . ILE A 1 62  ? 17.693  7.066   -7.152  1.00 23.57 ? 55   ILE A CG1   1 
ATOM   453  C CG2   . ILE A 1 62  ? 19.456  8.790   -6.699  1.00 24.83 ? 55   ILE A CG2   1 
ATOM   454  C CD1   . ILE A 1 62  ? 16.334  6.480   -6.804  1.00 22.99 ? 55   ILE A CD1   1 
ATOM   455  N N     . THR A 1 63  ? 20.819  6.892   -4.728  1.00 24.30 ? 56   THR A N     1 
ATOM   456  C CA    . THR A 1 63  ? 21.938  5.965   -4.861  1.00 24.45 ? 56   THR A CA    1 
ATOM   457  C C     . THR A 1 63  ? 21.936  4.873   -3.791  1.00 23.37 ? 56   THR A C     1 
ATOM   458  O O     . THR A 1 63  ? 22.535  3.819   -3.978  1.00 23.27 ? 56   THR A O     1 
ATOM   459  C CB    . THR A 1 63  ? 23.308  6.705   -4.838  1.00 25.75 ? 56   THR A CB    1 
ATOM   460  O OG1   . THR A 1 63  ? 23.478  7.384   -3.591  1.00 26.46 ? 56   THR A OG1   1 
ATOM   461  C CG2   . THR A 1 63  ? 23.382  7.715   -5.968  1.00 26.13 ? 56   THR A CG2   1 
ATOM   462  N N     . LYS A 1 64  ? 21.253  5.115   -2.676  1.00 23.46 ? 57   LYS A N     1 
ATOM   463  C CA    . LYS A 1 64  ? 21.193  4.122   -1.607  1.00 22.98 ? 57   LYS A CA    1 
ATOM   464  C C     . LYS A 1 64  ? 20.324  2.914   -1.971  1.00 22.68 ? 57   LYS A C     1 
ATOM   465  O O     . LYS A 1 64  ? 20.416  1.866   -1.343  1.00 22.53 ? 57   LYS A O     1 
ATOM   466  C CB    . LYS A 1 64  ? 20.676  4.762   -0.314  1.00 24.23 ? 57   LYS A CB    1 
ATOM   467  C CG    . LYS A 1 64  ? 21.666  5.725   0.334   1.00 25.03 ? 57   LYS A CG    1 
ATOM   468  C CD    . LYS A 1 64  ? 21.097  6.351   1.605   1.00 27.02 ? 57   LYS A CD    1 
ATOM   469  C CE    . LYS A 1 64  ? 22.128  7.253   2.283   1.00 27.48 ? 57   LYS A CE    1 
ATOM   470  N NZ    . LYS A 1 64  ? 21.574  7.923   3.490   1.00 30.25 ? 57   LYS A NZ    1 
ATOM   471  N N     . ILE A 1 65  ? 19.483  3.060   -2.989  1.00 22.63 ? 58   ILE A N     1 
ATOM   472  C CA    . ILE A 1 65  ? 18.622  1.960   -3.409  1.00 23.06 ? 58   ILE A CA    1 
ATOM   473  C C     . ILE A 1 65  ? 18.753  1.675   -4.904  1.00 24.95 ? 58   ILE A C     1 
ATOM   474  O O     . ILE A 1 65  ? 17.882  1.041   -5.501  1.00 24.48 ? 58   ILE A O     1 
ATOM   475  C CB    . ILE A 1 65  ? 17.145  2.261   -3.085  1.00 21.71 ? 58   ILE A CB    1 
ATOM   476  C CG1   . ILE A 1 65  ? 16.722  3.578   -3.745  1.00 20.69 ? 58   ILE A CG1   1 
ATOM   477  C CG2   . ILE A 1 65  ? 16.951  2.328   -1.578  1.00 22.70 ? 58   ILE A CG2   1 
ATOM   478  C CD1   . ILE A 1 65  ? 15.229  3.862   -3.663  1.00 21.88 ? 58   ILE A CD1   1 
ATOM   479  N N     . SER A 1 66  ? 19.849  2.139   -5.499  1.00 27.08 ? 59   SER A N     1 
ATOM   480  C CA    . SER A 1 66  ? 20.095  1.948   -6.926  1.00 29.32 ? 59   SER A CA    1 
ATOM   481  C C     . SER A 1 66  ? 20.004  0.483   -7.338  1.00 29.59 ? 59   SER A C     1 
ATOM   482  O O     . SER A 1 66  ? 19.618  0.174   -8.461  1.00 31.07 ? 59   SER A O     1 
ATOM   483  C CB    . SER A 1 66  ? 21.477  2.498   -7.306  1.00 30.93 ? 59   SER A CB    1 
ATOM   484  O OG    . SER A 1 66  ? 22.510  1.778   -6.658  1.00 32.88 ? 59   SER A OG    1 
ATOM   485  N N     . HIS A 1 67  ? 20.356  -0.411  -6.423  1.00 30.25 ? 60   HIS A N     1 
ATOM   486  C CA    . HIS A 1 67  ? 20.320  -1.845  -6.687  1.00 31.63 ? 60   HIS A CA    1 
ATOM   487  C C     . HIS A 1 67  ? 18.905  -2.426  -6.674  1.00 32.18 ? 60   HIS A C     1 
ATOM   488  O O     . HIS A 1 67  ? 18.699  -3.567  -7.088  1.00 32.02 ? 60   HIS A O     1 
ATOM   489  C CB    . HIS A 1 67  ? 21.174  -2.581  -5.657  1.00 35.26 ? 60   HIS A CB    1 
ATOM   490  C CG    . HIS A 1 67  ? 20.831  -2.239  -4.240  1.00 39.91 ? 60   HIS A CG    1 
ATOM   491  N ND1   . HIS A 1 67  ? 21.005  -0.975  -3.718  1.00 41.20 ? 60   HIS A ND1   1 
ATOM   492  C CD2   . HIS A 1 67  ? 20.310  -2.990  -3.240  1.00 41.53 ? 60   HIS A CD2   1 
ATOM   493  C CE1   . HIS A 1 67  ? 20.606  -0.962  -2.457  1.00 42.10 ? 60   HIS A CE1   1 
ATOM   494  N NE2   . HIS A 1 67  ? 20.180  -2.173  -2.143  1.00 42.39 ? 60   HIS A NE2   1 
ATOM   495  N N     . LEU A 1 68  ? 17.940  -1.648  -6.191  1.00 29.97 ? 61   LEU A N     1 
ATOM   496  C CA    . LEU A 1 68  ? 16.551  -2.097  -6.130  1.00 30.63 ? 61   LEU A CA    1 
ATOM   497  C C     . LEU A 1 68  ? 15.698  -1.444  -7.210  1.00 31.18 ? 61   LEU A C     1 
ATOM   498  O O     . LEU A 1 68  ? 14.581  -1.890  -7.468  1.00 30.46 ? 61   LEU A O     1 
ATOM   499  C CB    . LEU A 1 68  ? 15.929  -1.767  -4.767  1.00 28.87 ? 61   LEU A CB    1 
ATOM   500  C CG    . LEU A 1 68  ? 16.474  -2.403  -3.487  1.00 31.49 ? 61   LEU A CG    1 
ATOM   501  C CD1   . LEU A 1 68  ? 15.691  -1.872  -2.290  1.00 30.03 ? 61   LEU A CD1   1 
ATOM   502  C CD2   . LEU A 1 68  ? 16.350  -3.912  -3.561  1.00 30.35 ? 61   LEU A CD2   1 
ATOM   503  N N     . GLN A 1 69  ? 16.219  -0.387  -7.830  1.00 32.65 ? 62   GLN A N     1 
ATOM   504  C CA    . GLN A 1 69  ? 15.477  0.336   -8.860  1.00 34.73 ? 62   GLN A CA    1 
ATOM   505  C C     . GLN A 1 69  ? 14.779  -0.592  -9.837  1.00 35.04 ? 62   GLN A C     1 
ATOM   506  O O     . GLN A 1 69  ? 13.673  -0.306  -10.301 1.00 35.29 ? 62   GLN A O     1 
ATOM   507  C CB    . GLN A 1 69  ? 16.396  1.295   -9.620  1.00 35.55 ? 62   GLN A CB    1 
ATOM   508  C CG    . GLN A 1 69  ? 16.751  2.542   -8.839  1.00 38.68 ? 62   GLN A CG    1 
ATOM   509  C CD    . GLN A 1 69  ? 17.365  3.623   -9.708  1.00 40.10 ? 62   GLN A CD    1 
ATOM   510  O OE1   . GLN A 1 69  ? 18.467  3.467   -10.233 1.00 42.14 ? 62   GLN A OE1   1 
ATOM   511  N NE2   . GLN A 1 69  ? 16.646  4.728   -9.870  1.00 41.37 ? 62   GLN A NE2   1 
ATOM   512  N N     . SER A 1 70  ? 15.429  -1.706  -10.147 1.00 35.06 ? 63   SER A N     1 
ATOM   513  C CA    . SER A 1 70  ? 14.861  -2.684  -11.055 1.00 35.95 ? 63   SER A CA    1 
ATOM   514  C C     . SER A 1 70  ? 13.492  -3.111  -10.532 1.00 34.73 ? 63   SER A C     1 
ATOM   515  O O     . SER A 1 70  ? 12.472  -2.881  -11.177 1.00 35.18 ? 63   SER A O     1 
ATOM   516  C CB    . SER A 1 70  ? 15.785  -3.899  -11.155 1.00 36.91 ? 63   SER A CB    1 
ATOM   517  O OG    . SER A 1 70  ? 15.205  -4.917  -11.949 1.00 40.71 ? 63   SER A OG    1 
ATOM   518  N N     . GLN A 1 71  ? 13.484  -3.725  -9.351  1.00 33.36 ? 64   GLN A N     1 
ATOM   519  C CA    . GLN A 1 71  ? 12.252  -4.195  -8.726  1.00 30.49 ? 64   GLN A CA    1 
ATOM   520  C C     . GLN A 1 71  ? 11.268  -3.059  -8.446  1.00 27.78 ? 64   GLN A C     1 
ATOM   521  O O     . GLN A 1 71  ? 10.056  -3.221  -8.607  1.00 25.63 ? 64   GLN A O     1 
ATOM   522  C CB    . GLN A 1 71  ? 12.552  -4.910  -7.402  1.00 33.62 ? 64   GLN A CB    1 
ATOM   523  C CG    . GLN A 1 71  ? 13.447  -6.144  -7.485  1.00 38.95 ? 64   GLN A CG    1 
ATOM   524  C CD    . GLN A 1 71  ? 14.933  -5.820  -7.416  1.00 41.45 ? 64   GLN A CD    1 
ATOM   525  O OE1   . GLN A 1 71  ? 15.753  -6.694  -7.135  1.00 42.68 ? 64   GLN A OE1   1 
ATOM   526  N NE2   . GLN A 1 71  ? 15.288  -4.566  -7.682  1.00 43.46 ? 64   GLN A NE2   1 
ATOM   527  N N     . LEU A 1 72  ? 11.791  -1.913  -8.024  1.00 22.27 ? 65   LEU A N     1 
ATOM   528  C CA    . LEU A 1 72  ? 10.943  -0.774  -7.697  1.00 21.05 ? 65   LEU A CA    1 
ATOM   529  C C     . LEU A 1 72  ? 10.163  -0.215  -8.880  1.00 20.79 ? 65   LEU A C     1 
ATOM   530  O O     . LEU A 1 72  ? 9.003   0.173   -8.733  1.00 17.87 ? 65   LEU A O     1 
ATOM   531  C CB    . LEU A 1 72  ? 11.782  0.329   -7.047  1.00 18.57 ? 65   LEU A CB    1 
ATOM   532  C CG    . LEU A 1 72  ? 12.377  -0.067  -5.691  1.00 19.16 ? 65   LEU A CG    1 
ATOM   533  C CD1   . LEU A 1 72  ? 13.341  1.009   -5.218  1.00 19.39 ? 65   LEU A CD1   1 
ATOM   534  C CD2   . LEU A 1 72  ? 11.244  -0.268  -4.672  1.00 18.11 ? 65   LEU A CD2   1 
ATOM   535  N N     . ASN A 1 73  ? 10.793  -0.178  -10.051 1.00 19.87 ? 66   ASN A N     1 
ATOM   536  C CA    . ASN A 1 73  ? 10.129  0.337   -11.240 1.00 21.00 ? 66   ASN A CA    1 
ATOM   537  C C     . ASN A 1 73  ? 8.955   -0.539  -11.644 1.00 20.08 ? 66   ASN A C     1 
ATOM   538  O O     . ASN A 1 73  ? 8.041   -0.085  -12.323 1.00 20.77 ? 66   ASN A O     1 
ATOM   539  C CB    . ASN A 1 73  ? 11.117  0.454   -12.409 1.00 21.98 ? 66   ASN A CB    1 
ATOM   540  C CG    . ASN A 1 73  ? 12.059  1.632   -12.255 1.00 24.54 ? 66   ASN A CG    1 
ATOM   541  O OD1   . ASN A 1 73  ? 11.632  2.740   -11.926 1.00 25.05 ? 66   ASN A OD1   1 
ATOM   542  N ND2   . ASN A 1 73  ? 13.345  1.403   -12.500 1.00 24.75 ? 66   ASN A ND2   1 
ATOM   543  N N     . THR A 1 74  ? 8.977   -1.795  -11.221 1.00 20.72 ? 67   THR A N     1 
ATOM   544  C CA    . THR A 1 74  ? 7.898   -2.720  -11.544 1.00 19.98 ? 67   THR A CA    1 
ATOM   545  C C     . THR A 1 74  ? 6.847   -2.834  -10.442 1.00 18.98 ? 67   THR A C     1 
ATOM   546  O O     . THR A 1 74  ? 5.651   -2.864  -10.720 1.00 19.39 ? 67   THR A O     1 
ATOM   547  C CB    . THR A 1 74  ? 8.447   -4.137  -11.825 1.00 23.46 ? 67   THR A CB    1 
ATOM   548  O OG1   . THR A 1 74  ? 9.194   -4.125  -13.048 1.00 26.49 ? 67   THR A OG1   1 
ATOM   549  C CG2   . THR A 1 74  ? 7.310   -5.140  -11.939 1.00 23.20 ? 67   THR A CG2   1 
ATOM   550  N N     . LEU A 1 75  ? 7.294   -2.898  -9.193  1.00 16.19 ? 68   LEU A N     1 
ATOM   551  C CA    . LEU A 1 75  ? 6.381   -3.056  -8.068  1.00 17.30 ? 68   LEU A CA    1 
ATOM   552  C C     . LEU A 1 75  ? 5.988   -1.760  -7.369  1.00 16.49 ? 68   LEU A C     1 
ATOM   553  O O     . LEU A 1 75  ? 4.983   -1.718  -6.658  1.00 16.68 ? 68   LEU A O     1 
ATOM   554  C CB    . LEU A 1 75  ? 6.998   -4.005  -7.038  1.00 18.31 ? 68   LEU A CB    1 
ATOM   555  C CG    . LEU A 1 75  ? 7.414   -5.396  -7.531  1.00 20.68 ? 68   LEU A CG    1 
ATOM   556  C CD1   . LEU A 1 75  ? 8.060   -6.156  -6.388  1.00 21.76 ? 68   LEU A CD1   1 
ATOM   557  C CD2   . LEU A 1 75  ? 6.203   -6.156  -8.061  1.00 21.25 ? 68   LEU A CD2   1 
ATOM   558  N N     . TRP A 1 76  ? 6.770   -0.705  -7.569  1.00 14.07 ? 69   TRP A N     1 
ATOM   559  C CA    . TRP A 1 76  ? 6.484   0.566   -6.914  1.00 13.96 ? 69   TRP A CA    1 
ATOM   560  C C     . TRP A 1 76  ? 6.452   1.749   -7.884  1.00 14.58 ? 69   TRP A C     1 
ATOM   561  O O     . TRP A 1 76  ? 7.066   2.783   -7.635  1.00 16.30 ? 69   TRP A O     1 
ATOM   562  C CB    . TRP A 1 76  ? 7.532   0.823   -5.826  1.00 11.76 ? 69   TRP A CB    1 
ATOM   563  C CG    . TRP A 1 76  ? 7.099   1.799   -4.753  1.00 12.31 ? 69   TRP A CG    1 
ATOM   564  C CD1   . TRP A 1 76  ? 6.233   2.850   -4.892  1.00 10.92 ? 69   TRP A CD1   1 
ATOM   565  C CD2   . TRP A 1 76  ? 7.547   1.828   -3.394  1.00 11.28 ? 69   TRP A CD2   1 
ATOM   566  N NE1   . TRP A 1 76  ? 6.117   3.527   -3.703  1.00 13.37 ? 69   TRP A NE1   1 
ATOM   567  C CE2   . TRP A 1 76  ? 6.913   2.924   -2.766  1.00 10.79 ? 69   TRP A CE2   1 
ATOM   568  C CE3   . TRP A 1 76  ? 8.424   1.036   -2.644  1.00 12.30 ? 69   TRP A CE3   1 
ATOM   569  C CZ2   . TRP A 1 76  ? 7.130   3.249   -1.420  1.00 12.96 ? 69   TRP A CZ2   1 
ATOM   570  C CZ3   . TRP A 1 76  ? 8.640   1.359   -1.307  1.00 13.42 ? 69   TRP A CZ3   1 
ATOM   571  C CH2   . TRP A 1 76  ? 7.994   2.458   -0.711  1.00 12.77 ? 69   TRP A CH2   1 
ATOM   572  N N     . PRO A 1 77  ? 5.729   1.619   -9.001  1.00 15.72 ? 70   PRO A N     1 
ATOM   573  C CA    . PRO A 1 77  ? 5.688   2.742   -9.938  1.00 16.43 ? 70   PRO A CA    1 
ATOM   574  C C     . PRO A 1 77  ? 4.820   3.894   -9.436  1.00 16.57 ? 70   PRO A C     1 
ATOM   575  O O     . PRO A 1 77  ? 3.942   3.706   -8.595  1.00 14.52 ? 70   PRO A O     1 
ATOM   576  C CB    . PRO A 1 77  ? 5.084   2.116   -11.185 1.00 16.54 ? 70   PRO A CB    1 
ATOM   577  C CG    . PRO A 1 77  ? 4.090   1.155   -10.592 1.00 15.89 ? 70   PRO A CG    1 
ATOM   578  C CD    . PRO A 1 77  ? 4.898   0.501   -9.485  1.00 15.66 ? 70   PRO A CD    1 
ATOM   579  N N     . ASN A 1 78  ? 5.089   5.089   -9.942  1.00 14.91 ? 71   ASN A N     1 
ATOM   580  C CA    . ASN A 1 78  ? 4.269   6.237   -9.610  1.00 16.77 ? 71   ASN A CA    1 
ATOM   581  C C     . ASN A 1 78  ? 3.151   6.075   -10.644 1.00 17.98 ? 71   ASN A C     1 
ATOM   582  O O     . ASN A 1 78  ? 3.391   6.244   -11.843 1.00 17.40 ? 71   ASN A O     1 
ATOM   583  C CB    . ASN A 1 78  ? 5.030   7.538   -9.865  1.00 17.09 ? 71   ASN A CB    1 
ATOM   584  C CG    . ASN A 1 78  ? 4.217   8.763   -9.503  1.00 16.17 ? 71   ASN A CG    1 
ATOM   585  O OD1   . ASN A 1 78  ? 2.990   8.732   -9.525  1.00 15.97 ? 71   ASN A OD1   1 
ATOM   586  N ND2   . ASN A 1 78  ? 4.899   9.854   -9.181  1.00 14.36 ? 71   ASN A ND2   1 
ATOM   587  N N     . VAL A 1 79  ? 1.946   5.722   -10.201 1.00 17.36 ? 72   VAL A N     1 
ATOM   588  C CA    . VAL A 1 79  ? 0.849   5.509   -11.143 1.00 19.36 ? 72   VAL A CA    1 
ATOM   589  C C     . VAL A 1 79  ? 0.212   6.797   -11.647 1.00 20.47 ? 72   VAL A C     1 
ATOM   590  O O     . VAL A 1 79  ? -0.408  6.813   -12.711 1.00 20.24 ? 72   VAL A O     1 
ATOM   591  C CB    . VAL A 1 79  ? -0.273  4.620   -10.529 1.00 21.24 ? 72   VAL A CB    1 
ATOM   592  C CG1   . VAL A 1 79  ? 0.314   3.313   -10.008 1.00 17.88 ? 72   VAL A CG1   1 
ATOM   593  C CG2   . VAL A 1 79  ? -0.994  5.367   -9.423  1.00 22.12 ? 72   VAL A CG2   1 
ATOM   594  N N     . LEU A 1 80  ? 0.375   7.875   -10.888 1.00 21.30 ? 73   LEU A N     1 
ATOM   595  C CA    . LEU A 1 80  ? -0.214  9.160   -11.247 1.00 24.14 ? 73   LEU A CA    1 
ATOM   596  C C     . LEU A 1 80  ? 0.623   9.993   -12.209 1.00 25.56 ? 73   LEU A C     1 
ATOM   597  O O     . LEU A 1 80  ? 0.085   10.657  -13.092 1.00 26.39 ? 73   LEU A O     1 
ATOM   598  C CB    . LEU A 1 80  ? -0.491  9.976   -9.978  1.00 22.20 ? 73   LEU A CB    1 
ATOM   599  C CG    . LEU A 1 80  ? -1.451  9.338   -8.971  1.00 22.87 ? 73   LEU A CG    1 
ATOM   600  C CD1   . LEU A 1 80  ? -1.646  10.263  -7.769  1.00 22.84 ? 73   LEU A CD1   1 
ATOM   601  C CD2   . LEU A 1 80  ? -2.782  9.066   -9.652  1.00 23.08 ? 73   LEU A CD2   1 
ATOM   602  N N     . ARG A 1 81  ? 1.938   9.955   -12.032 1.00 27.49 ? 74   ARG A N     1 
ATOM   603  C CA    . ARG A 1 81  ? 2.853   10.722  -12.868 1.00 30.15 ? 74   ARG A CA    1 
ATOM   604  C C     . ARG A 1 81  ? 4.042   9.865   -13.273 1.00 29.36 ? 74   ARG A C     1 
ATOM   605  O O     . ARG A 1 81  ? 4.390   8.908   -12.583 1.00 29.29 ? 74   ARG A O     1 
ATOM   606  C CB    . ARG A 1 81  ? 3.356   11.947  -12.099 1.00 32.25 ? 74   ARG A CB    1 
ATOM   607  C CG    . ARG A 1 81  ? 2.293   12.985  -11.801 1.00 37.54 ? 74   ARG A CG    1 
ATOM   608  C CD    . ARG A 1 81  ? 2.811   14.028  -10.823 1.00 39.81 ? 74   ARG A CD    1 
ATOM   609  N NE    . ARG A 1 81  ? 2.694   13.589  -9.433  1.00 41.14 ? 74   ARG A NE    1 
ATOM   610  C CZ    . ARG A 1 81  ? 1.542   13.507  -8.776  1.00 42.62 ? 74   ARG A CZ    1 
ATOM   611  N NH1   . ARG A 1 81  ? 0.407   13.836  -9.381  1.00 43.41 ? 74   ARG A NH1   1 
ATOM   612  N NH2   . ARG A 1 81  ? 1.519   13.105  -7.512  1.00 43.75 ? 74   ARG A NH2   1 
ATOM   613  N N     . ALA A 1 82  ? 4.676   10.231  -14.381 1.00 28.82 ? 75   ALA A N     1 
ATOM   614  C CA    . ALA A 1 82  ? 5.825   9.489   -14.888 1.00 28.30 ? 75   ALA A CA    1 
ATOM   615  C C     . ALA A 1 82  ? 7.138   9.859   -14.195 1.00 27.75 ? 75   ALA A C     1 
ATOM   616  O O     . ALA A 1 82  ? 8.130   10.162  -14.858 1.00 27.94 ? 75   ALA A O     1 
ATOM   617  C CB    . ALA A 1 82  ? 5.953   9.703   -16.395 1.00 29.07 ? 75   ALA A CB    1 
ATOM   618  N N     . ASN A 1 83  ? 7.139   9.832   -12.866 1.00 25.17 ? 76   ASN A N     1 
ATOM   619  C CA    . ASN A 1 83  ? 8.338   10.145  -12.090 1.00 24.17 ? 76   ASN A CA    1 
ATOM   620  C C     . ASN A 1 83  ? 8.339   9.252   -10.849 1.00 21.46 ? 76   ASN A C     1 
ATOM   621  O O     . ASN A 1 83  ? 7.830   9.629   -9.794  1.00 19.81 ? 76   ASN A O     1 
ATOM   622  C CB    . ASN A 1 83  ? 8.336   11.616  -11.667 1.00 25.32 ? 76   ASN A CB    1 
ATOM   623  C CG    . ASN A 1 83  ? 9.664   12.055  -11.072 1.00 27.98 ? 76   ASN A CG    1 
ATOM   624  O OD1   . ASN A 1 83  ? 10.420  11.242  -10.538 1.00 27.81 ? 76   ASN A OD1   1 
ATOM   625  N ND2   . ASN A 1 83  ? 9.947   13.351  -11.149 1.00 30.06 ? 76   ASN A ND2   1 
ATOM   626  N N     . ASN A 1 84  ? 8.910   8.062   -10.978 1.00 20.36 ? 77   ASN A N     1 
ATOM   627  C CA    . ASN A 1 84  ? 8.934   7.133   -9.860  1.00 19.62 ? 77   ASN A CA    1 
ATOM   628  C C     . ASN A 1 84  ? 9.780   7.615   -8.687  1.00 19.71 ? 77   ASN A C     1 
ATOM   629  O O     . ASN A 1 84  ? 9.368   7.497   -7.536  1.00 16.80 ? 77   ASN A O     1 
ATOM   630  C CB    . ASN A 1 84  ? 9.417   5.760   -10.325 1.00 19.13 ? 77   ASN A CB    1 
ATOM   631  C CG    . ASN A 1 84  ? 8.476   5.121   -11.331 1.00 19.26 ? 77   ASN A CG    1 
ATOM   632  O OD1   . ASN A 1 84  ? 7.353   5.580   -11.525 1.00 18.16 ? 77   ASN A OD1   1 
ATOM   633  N ND2   . ASN A 1 84  ? 8.933   4.052   -11.972 1.00 20.14 ? 77   ASN A ND2   1 
ATOM   634  N N     . GLN A 1 85  ? 10.955  8.164   -8.977  1.00 18.60 ? 78   GLN A N     1 
ATOM   635  C CA    . GLN A 1 85  ? 11.839  8.645   -7.924  1.00 20.13 ? 78   GLN A CA    1 
ATOM   636  C C     . GLN A 1 85  ? 11.172  9.678   -7.012  1.00 18.11 ? 78   GLN A C     1 
ATOM   637  O O     . GLN A 1 85  ? 11.384  9.666   -5.803  1.00 17.40 ? 78   GLN A O     1 
ATOM   638  C CB    . GLN A 1 85  ? 13.117  9.234   -8.531  1.00 21.04 ? 78   GLN A CB    1 
ATOM   639  C CG    . GLN A 1 85  ? 14.010  9.930   -7.516  1.00 25.64 ? 78   GLN A CG    1 
ATOM   640  C CD    . GLN A 1 85  ? 15.426  10.157  -8.024  1.00 28.27 ? 78   GLN A CD    1 
ATOM   641  O OE1   . GLN A 1 85  ? 16.216  10.867  -7.399  1.00 28.58 ? 78   GLN A OE1   1 
ATOM   642  N NE2   . GLN A 1 85  ? 15.756  9.545   -9.154  1.00 25.30 ? 78   GLN A NE2   1 
ATOM   643  N N     . GLN A 1 86  ? 10.374  10.563  -7.595  1.00 17.74 ? 79   GLN A N     1 
ATOM   644  C CA    . GLN A 1 86  ? 9.683   11.594  -6.826  1.00 20.34 ? 79   GLN A CA    1 
ATOM   645  C C     . GLN A 1 86  ? 8.744   10.946  -5.811  1.00 18.32 ? 79   GLN A C     1 
ATOM   646  O O     . GLN A 1 86  ? 8.614   11.412  -4.678  1.00 17.83 ? 79   GLN A O     1 
ATOM   647  C CB    . GLN A 1 86  ? 8.884   12.501  -7.765  1.00 22.88 ? 79   GLN A CB    1 
ATOM   648  C CG    . GLN A 1 86  ? 8.142   13.628  -7.070  1.00 29.02 ? 79   GLN A CG    1 
ATOM   649  C CD    . GLN A 1 86  ? 7.532   14.614  -8.057  1.00 32.81 ? 79   GLN A CD    1 
ATOM   650  O OE1   . GLN A 1 86  ? 6.636   14.267  -8.831  1.00 32.09 ? 79   GLN A OE1   1 
ATOM   651  N NE2   . GLN A 1 86  ? 8.021   15.850  -8.033  1.00 35.20 ? 79   GLN A NE2   1 
ATOM   652  N N     . PHE A 1 87  ? 8.097   9.865   -6.232  1.00 16.42 ? 80   PHE A N     1 
ATOM   653  C CA    . PHE A 1 87  ? 7.162   9.135   -5.383  1.00 15.33 ? 80   PHE A CA    1 
ATOM   654  C C     . PHE A 1 87  ? 7.911   8.424   -4.253  1.00 14.24 ? 80   PHE A C     1 
ATOM   655  O O     . PHE A 1 87  ? 7.517   8.512   -3.090  1.00 11.79 ? 80   PHE A O     1 
ATOM   656  C CB    . PHE A 1 87  ? 6.373   8.139   -6.246  1.00 14.77 ? 80   PHE A CB    1 
ATOM   657  C CG    . PHE A 1 87  ? 5.268   7.418   -5.514  1.00 15.64 ? 80   PHE A CG    1 
ATOM   658  C CD1   . PHE A 1 87  ? 4.583   8.029   -4.467  1.00 14.99 ? 80   PHE A CD1   1 
ATOM   659  C CD2   . PHE A 1 87  ? 4.880   6.141   -5.911  1.00 13.80 ? 80   PHE A CD2   1 
ATOM   660  C CE1   . PHE A 1 87  ? 3.524   7.375   -3.827  1.00 15.31 ? 80   PHE A CE1   1 
ATOM   661  C CE2   . PHE A 1 87  ? 3.823   5.480   -5.280  1.00 12.74 ? 80   PHE A CE2   1 
ATOM   662  C CZ    . PHE A 1 87  ? 3.144   6.097   -4.237  1.00 13.87 ? 80   PHE A CZ    1 
ATOM   663  N N     . TRP A 1 88  ? 9.003   7.741   -4.589  1.00 14.25 ? 81   TRP A N     1 
ATOM   664  C CA    . TRP A 1 88  ? 9.788   7.047   -3.572  1.00 14.56 ? 81   TRP A CA    1 
ATOM   665  C C     . TRP A 1 88  ? 10.346  8.050   -2.564  1.00 14.95 ? 81   TRP A C     1 
ATOM   666  O O     . TRP A 1 88  ? 10.317  7.813   -1.354  1.00 12.49 ? 81   TRP A O     1 
ATOM   667  C CB    . TRP A 1 88  ? 10.951  6.274   -4.207  1.00 14.61 ? 81   TRP A CB    1 
ATOM   668  C CG    . TRP A 1 88  ? 10.529  5.334   -5.302  1.00 15.77 ? 81   TRP A CG    1 
ATOM   669  C CD1   . TRP A 1 88  ? 9.331   4.683   -5.414  1.00 15.36 ? 81   TRP A CD1   1 
ATOM   670  C CD2   . TRP A 1 88  ? 11.315  4.922   -6.427  1.00 16.07 ? 81   TRP A CD2   1 
ATOM   671  N NE1   . TRP A 1 88  ? 9.324   3.892   -6.539  1.00 15.92 ? 81   TRP A NE1   1 
ATOM   672  C CE2   . TRP A 1 88  ? 10.529  4.019   -7.178  1.00 16.77 ? 81   TRP A CE2   1 
ATOM   673  C CE3   . TRP A 1 88  ? 12.610  5.227   -6.871  1.00 16.44 ? 81   TRP A CE3   1 
ATOM   674  C CZ2   . TRP A 1 88  ? 10.995  3.418   -8.354  1.00 17.12 ? 81   TRP A CZ2   1 
ATOM   675  C CZ3   . TRP A 1 88  ? 13.074  4.630   -8.044  1.00 18.69 ? 81   TRP A CZ3   1 
ATOM   676  C CH2   . TRP A 1 88  ? 12.265  3.736   -8.770  1.00 19.55 ? 81   TRP A CH2   1 
ATOM   677  N N     . SER A 1 89  ? 10.853  9.168   -3.076  1.00 14.89 ? 82   SER A N     1 
ATOM   678  C CA    . SER A 1 89  ? 11.423  10.211  -2.231  1.00 15.70 ? 82   SER A CA    1 
ATOM   679  C C     . SER A 1 89  ? 10.383  10.737  -1.250  1.00 14.82 ? 82   SER A C     1 
ATOM   680  O O     . SER A 1 89  ? 10.673  10.939  -0.074  1.00 15.23 ? 82   SER A O     1 
ATOM   681  C CB    . SER A 1 89  ? 11.952  11.363  -3.092  1.00 16.29 ? 82   SER A CB    1 
ATOM   682  O OG    . SER A 1 89  ? 12.392  12.439  -2.282  1.00 19.82 ? 82   SER A OG    1 
ATOM   683  N N     . HIS A 1 90  ? 9.167   10.959  -1.736  1.00 14.84 ? 83   HIS A N     1 
ATOM   684  C CA    . HIS A 1 90  ? 8.102   11.453  -0.877  1.00 15.23 ? 83   HIS A CA    1 
ATOM   685  C C     . HIS A 1 90  ? 7.733   10.451  0.218   1.00 15.91 ? 83   HIS A C     1 
ATOM   686  O O     . HIS A 1 90  ? 7.567   10.823  1.386   1.00 12.47 ? 83   HIS A O     1 
ATOM   687  C CB    . HIS A 1 90  ? 6.858   11.783  -1.704  1.00 18.09 ? 83   HIS A CB    1 
ATOM   688  C CG    . HIS A 1 90  ? 5.680   12.193  -0.875  1.00 19.06 ? 83   HIS A CG    1 
ATOM   689  N ND1   . HIS A 1 90  ? 4.661   11.325  -0.550  1.00 20.86 ? 83   HIS A ND1   1 
ATOM   690  C CD2   . HIS A 1 90  ? 5.384   13.367  -0.268  1.00 18.31 ? 83   HIS A CD2   1 
ATOM   691  C CE1   . HIS A 1 90  ? 3.788   11.945  0.224   1.00 18.94 ? 83   HIS A CE1   1 
ATOM   692  N NE2   . HIS A 1 90  ? 4.203   13.185  0.411   1.00 20.78 ? 83   HIS A NE2   1 
ATOM   693  N N     . GLU A 1 91  ? 7.607   9.181   -0.155  1.00 13.85 ? 84   GLU A N     1 
ATOM   694  C CA    . GLU A 1 91  ? 7.235   8.161   0.817   1.00 12.94 ? 84   GLU A CA    1 
ATOM   695  C C     . GLU A 1 91  ? 8.317   7.985   1.876   1.00 12.88 ? 84   GLU A C     1 
ATOM   696  O O     . GLU A 1 91  ? 8.014   7.747   3.048   1.00 13.29 ? 84   GLU A O     1 
ATOM   697  C CB    . GLU A 1 91  ? 6.938   6.834   0.112   1.00 13.46 ? 84   GLU A CB    1 
ATOM   698  C CG    . GLU A 1 91  ? 5.645   6.858   -0.707  1.00 12.66 ? 84   GLU A CG    1 
ATOM   699  C CD    . GLU A 1 91  ? 4.415   7.083   0.157   1.00 14.16 ? 84   GLU A CD    1 
ATOM   700  O OE1   . GLU A 1 91  ? 4.164   6.257   1.056   1.00 13.52 ? 84   GLU A OE1   1 
ATOM   701  O OE2   . GLU A 1 91  ? 3.700   8.086   -0.058  1.00 15.19 ? 84   GLU A OE2   1 
ATOM   702  N N     . TRP A 1 92  ? 9.576   8.117   1.473   1.00 12.18 ? 85   TRP A N     1 
ATOM   703  C CA    . TRP A 1 92  ? 10.672  7.990   2.424   1.00 13.11 ? 85   TRP A CA    1 
ATOM   704  C C     . TRP A 1 92  ? 10.654  9.146   3.419   1.00 12.15 ? 85   TRP A C     1 
ATOM   705  O O     . TRP A 1 92  ? 10.702  8.944   4.631   1.00 10.94 ? 85   TRP A O     1 
ATOM   706  C CB    . TRP A 1 92  ? 12.029  7.983   1.708   1.00 15.41 ? 85   TRP A CB    1 
ATOM   707  C CG    . TRP A 1 92  ? 13.150  8.183   2.675   1.00 15.69 ? 85   TRP A CG    1 
ATOM   708  C CD1   . TRP A 1 92  ? 13.888  9.323   2.853   1.00 16.01 ? 85   TRP A CD1   1 
ATOM   709  C CD2   . TRP A 1 92  ? 13.568  7.273   3.695   1.00 13.56 ? 85   TRP A CD2   1 
ATOM   710  N NE1   . TRP A 1 92  ? 14.732  9.177   3.928   1.00 15.18 ? 85   TRP A NE1   1 
ATOM   711  C CE2   . TRP A 1 92  ? 14.556  7.929   4.464   1.00 14.52 ? 85   TRP A CE2   1 
ATOM   712  C CE3   . TRP A 1 92  ? 13.199  5.964   4.039   1.00 14.52 ? 85   TRP A CE3   1 
ATOM   713  C CZ2   . TRP A 1 92  ? 15.179  7.323   5.560   1.00 14.44 ? 85   TRP A CZ2   1 
ATOM   714  C CZ3   . TRP A 1 92  ? 13.823  5.360   5.133   1.00 13.20 ? 85   TRP A CZ3   1 
ATOM   715  C CH2   . TRP A 1 92  ? 14.800  6.043   5.879   1.00 12.10 ? 85   TRP A CH2   1 
ATOM   716  N N     . THR A 1 93  ? 10.579  10.361  2.892   1.00 12.28 ? 86   THR A N     1 
ATOM   717  C CA    . THR A 1 93  ? 10.585  11.561  3.717   1.00 13.22 ? 86   THR A CA    1 
ATOM   718  C C     . THR A 1 93  ? 9.396   11.641  4.656   1.00 13.06 ? 86   THR A C     1 
ATOM   719  O O     . THR A 1 93  ? 9.541   11.957  5.839   1.00 14.07 ? 86   THR A O     1 
ATOM   720  C CB    . THR A 1 93  ? 10.639  12.818  2.824   1.00 15.41 ? 86   THR A CB    1 
ATOM   721  O OG1   . THR A 1 93  ? 11.917  12.869  2.174   1.00 15.86 ? 86   THR A OG1   1 
ATOM   722  C CG2   . THR A 1 93  ? 10.433  14.086  3.644   1.00 18.15 ? 86   THR A CG2   1 
ATOM   723  N N     . LYS A 1 94  ? 8.217   11.327  4.142   1.00 11.65 ? 87   LYS A N     1 
ATOM   724  C CA    . LYS A 1 94  ? 7.017   11.391  4.958   1.00 12.87 ? 87   LYS A CA    1 
ATOM   725  C C     . LYS A 1 94  ? 6.824   10.209  5.907   1.00 12.13 ? 87   LYS A C     1 
ATOM   726  O O     . LYS A 1 94  ? 6.373   10.386  7.038   1.00 13.94 ? 87   LYS A O     1 
ATOM   727  C CB    . LYS A 1 94  ? 5.787   11.525  4.054   1.00 12.21 ? 87   LYS A CB    1 
ATOM   728  C CG    . LYS A 1 94  ? 4.479   11.682  4.818   1.00 16.05 ? 87   LYS A CG    1 
ATOM   729  C CD    . LYS A 1 94  ? 3.328   12.034  3.886   1.00 13.65 ? 87   LYS A CD    1 
ATOM   730  C CE    . LYS A 1 94  ? 2.024   12.193  4.666   1.00 15.41 ? 87   LYS A CE    1 
ATOM   731  N NZ    . LYS A 1 94  ? 0.919   12.642  3.777   1.00 15.40 ? 87   LYS A NZ    1 
ATOM   732  N N     . HIS A 1 95  ? 7.177   9.009   5.459   1.00 12.35 ? 88   HIS A N     1 
ATOM   733  C CA    . HIS A 1 95  ? 6.965   7.810   6.265   1.00 13.50 ? 88   HIS A CA    1 
ATOM   734  C C     . HIS A 1 95  ? 8.222   7.069   6.729   1.00 14.87 ? 88   HIS A C     1 
ATOM   735  O O     . HIS A 1 95  ? 8.382   6.791   7.920   1.00 12.97 ? 88   HIS A O     1 
ATOM   736  C CB    . HIS A 1 95  ? 6.064   6.843   5.484   1.00 12.51 ? 88   HIS A CB    1 
ATOM   737  C CG    . HIS A 1 95  ? 4.736   7.424   5.102   1.00 13.89 ? 88   HIS A CG    1 
ATOM   738  N ND1   . HIS A 1 95  ? 3.712   7.608   6.009   1.00 15.31 ? 88   HIS A ND1   1 
ATOM   739  C CD2   . HIS A 1 95  ? 4.260   7.854   3.909   1.00 13.85 ? 88   HIS A CD2   1 
ATOM   740  C CE1   . HIS A 1 95  ? 2.664   8.125   5.392   1.00 12.93 ? 88   HIS A CE1   1 
ATOM   741  N NE2   . HIS A 1 95  ? 2.970   8.285   4.117   1.00 14.46 ? 88   HIS A NE2   1 
ATOM   742  N N     . GLY A 1 96  ? 9.099   6.739   5.784   1.00 14.01 ? 89   GLY A N     1 
ATOM   743  C CA    . GLY A 1 96  ? 10.315  6.013   6.108   1.00 14.47 ? 89   GLY A CA    1 
ATOM   744  C C     . GLY A 1 96  ? 11.188  6.605   7.203   1.00 14.36 ? 89   GLY A C     1 
ATOM   745  O O     . GLY A 1 96  ? 11.760  5.871   8.008   1.00 15.08 ? 89   GLY A O     1 
ATOM   746  N N     . THR A 1 97  ? 11.309  7.925   7.232   1.00 14.25 ? 90   THR A N     1 
ATOM   747  C CA    . THR A 1 97  ? 12.121  8.574   8.247   1.00 14.81 ? 90   THR A CA    1 
ATOM   748  C C     . THR A 1 97  ? 11.633  8.212   9.645   1.00 16.06 ? 90   THR A C     1 
ATOM   749  O O     . THR A 1 97  ? 12.411  8.196   10.592  1.00 14.53 ? 90   THR A O     1 
ATOM   750  C CB    . THR A 1 97  ? 12.085  10.110  8.104   1.00 15.42 ? 90   THR A CB    1 
ATOM   751  O OG1   . THR A 1 97  ? 10.720  10.564  8.077   1.00 15.14 ? 90   THR A OG1   1 
ATOM   752  C CG2   . THR A 1 97  ? 12.802  10.541  6.833   1.00 13.95 ? 90   THR A CG2   1 
ATOM   753  N N     . CYS A 1 98  ? 10.346  7.894   9.769   1.00 15.48 ? 91   CYS A N     1 
ATOM   754  C CA    . CYS A 1 98  ? 9.797   7.568   11.079  1.00 17.20 ? 91   CYS A CA    1 
ATOM   755  C C     . CYS A 1 98  ? 10.119  6.182   11.641  1.00 16.40 ? 91   CYS A C     1 
ATOM   756  O O     . CYS A 1 98  ? 9.699   5.849   12.746  1.00 19.03 ? 91   CYS A O     1 
ATOM   757  C CB    . CYS A 1 98  ? 8.289   7.813   11.079  1.00 15.33 ? 91   CYS A CB    1 
ATOM   758  S SG    . CYS A 1 98  ? 7.857   9.581   10.930  1.00 19.79 ? 91   CYS A SG    1 
ATOM   759  N N     . SER A 1 99  ? 10.849  5.372   10.886  1.00 16.07 ? 92   SER A N     1 
ATOM   760  C CA    . SER A 1 99  ? 11.256  4.059   11.374  1.00 15.25 ? 92   SER A CA    1 
ATOM   761  C C     . SER A 1 99  ? 12.753  3.882   11.083  1.00 15.40 ? 92   SER A C     1 
ATOM   762  O O     . SER A 1 99  ? 13.299  2.784   11.193  1.00 14.59 ? 92   SER A O     1 
ATOM   763  C CB    . SER A 1 99  ? 10.429  2.940   10.718  1.00 15.25 ? 92   SER A CB    1 
ATOM   764  O OG    . SER A 1 99  ? 10.474  2.987   9.303   1.00 15.88 ? 92   SER A OG    1 
ATOM   765  N N     . GLU A 1 100 ? 13.411  4.987   10.739  1.00 15.47 ? 93   GLU A N     1 
ATOM   766  C CA    . GLU A 1 100 ? 14.834  4.969   10.413  1.00 15.76 ? 93   GLU A CA    1 
ATOM   767  C C     . GLU A 1 100 ? 15.730  4.569   11.586  1.00 17.78 ? 93   GLU A C     1 
ATOM   768  O O     . GLU A 1 100 ? 16.866  4.165   11.383  1.00 17.71 ? 93   GLU A O     1 
ATOM   769  C CB    . GLU A 1 100 ? 15.268  6.333   9.851   1.00 16.00 ? 93   GLU A CB    1 
ATOM   770  C CG    . GLU A 1 100 ? 16.746  6.409   9.470   1.00 15.36 ? 93   GLU A CG    1 
ATOM   771  C CD    . GLU A 1 100 ? 17.105  7.660   8.679   1.00 17.45 ? 93   GLU A CD    1 
ATOM   772  O OE1   . GLU A 1 100 ? 16.402  8.685   8.799   1.00 15.23 ? 93   GLU A OE1   1 
ATOM   773  O OE2   . GLU A 1 100 ? 18.113  7.615   7.942   1.00 21.77 ? 93   GLU A OE2   1 
ATOM   774  N N     . SER A 1 101 ? 15.229  4.674   12.813  1.00 19.68 ? 94   SER A N     1 
ATOM   775  C CA    . SER A 1 101 ? 16.037  4.281   13.964  1.00 22.67 ? 94   SER A CA    1 
ATOM   776  C C     . SER A 1 101 ? 16.375  2.787   13.879  1.00 23.09 ? 94   SER A C     1 
ATOM   777  O O     . SER A 1 101 ? 17.353  2.327   14.466  1.00 23.55 ? 94   SER A O     1 
ATOM   778  C CB    . SER A 1 101 ? 15.297  4.581   15.270  1.00 22.05 ? 94   SER A CB    1 
ATOM   779  O OG    . SER A 1 101 ? 14.040  3.932   15.302  1.00 27.66 ? 94   SER A OG    1 
ATOM   780  N N     . THR A 1 102 ? 15.566  2.030   13.145  1.00 23.47 ? 95   THR A N     1 
ATOM   781  C CA    . THR A 1 102 ? 15.819  0.605   12.985  1.00 23.77 ? 95   THR A CA    1 
ATOM   782  C C     . THR A 1 102 ? 16.110  0.228   11.535  1.00 23.53 ? 95   THR A C     1 
ATOM   783  O O     . THR A 1 102 ? 16.943  -0.641  11.272  1.00 23.67 ? 95   THR A O     1 
ATOM   784  C CB    . THR A 1 102 ? 14.631  -0.251  13.476  1.00 26.70 ? 95   THR A CB    1 
ATOM   785  O OG1   . THR A 1 102 ? 13.413  0.252   12.919  1.00 32.94 ? 95   THR A OG1   1 
ATOM   786  C CG2   . THR A 1 102 ? 14.542  -0.227  14.983  1.00 26.96 ? 95   THR A CG2   1 
ATOM   787  N N     . PHE A 1 103 ? 15.437  0.885   10.596  1.00 19.73 ? 96   PHE A N     1 
ATOM   788  C CA    . PHE A 1 103 ? 15.627  0.583   9.184   1.00 18.96 ? 96   PHE A CA    1 
ATOM   789  C C     . PHE A 1 103 ? 16.134  1.771   8.367   1.00 18.30 ? 96   PHE A C     1 
ATOM   790  O O     . PHE A 1 103 ? 15.416  2.761   8.201   1.00 16.61 ? 96   PHE A O     1 
ATOM   791  C CB    . PHE A 1 103 ? 14.305  0.099   8.585   1.00 20.91 ? 96   PHE A CB    1 
ATOM   792  C CG    . PHE A 1 103 ? 13.744  -1.125  9.251   1.00 21.80 ? 96   PHE A CG    1 
ATOM   793  C CD1   . PHE A 1 103 ? 14.318  -2.376  9.035   1.00 23.29 ? 96   PHE A CD1   1 
ATOM   794  C CD2   . PHE A 1 103 ? 12.639  -1.031  10.086  1.00 22.39 ? 96   PHE A CD2   1 
ATOM   795  C CE1   . PHE A 1 103 ? 13.793  -3.515  9.642   1.00 23.50 ? 96   PHE A CE1   1 
ATOM   796  C CE2   . PHE A 1 103 ? 12.105  -2.165  10.699  1.00 23.16 ? 96   PHE A CE2   1 
ATOM   797  C CZ    . PHE A 1 103 ? 12.685  -3.409  10.475  1.00 24.63 ? 96   PHE A CZ    1 
ATOM   798  N N     . ASN A 1 104 ? 17.360  1.691   7.852   1.00 16.34 ? 97   ASN A N     1 
ATOM   799  C CA    . ASN A 1 104 ? 17.846  2.799   7.040   1.00 16.33 ? 97   ASN A CA    1 
ATOM   800  C C     . ASN A 1 104 ? 17.092  2.737   5.714   1.00 16.51 ? 97   ASN A C     1 
ATOM   801  O O     . ASN A 1 104 ? 16.330  1.796   5.480   1.00 15.64 ? 97   ASN A O     1 
ATOM   802  C CB    . ASN A 1 104 ? 19.373  2.752   6.839   1.00 17.69 ? 97   ASN A CB    1 
ATOM   803  C CG    . ASN A 1 104 ? 19.850  1.529   6.083   1.00 20.87 ? 97   ASN A CG    1 
ATOM   804  O OD1   . ASN A 1 104 ? 19.067  0.796   5.489   1.00 18.10 ? 97   ASN A OD1   1 
ATOM   805  N ND2   . ASN A 1 104 ? 21.166  1.316   6.093   1.00 21.16 ? 97   ASN A ND2   1 
ATOM   806  N N     . GLN A 1 105 ? 17.284  3.732   4.858   1.00 15.95 ? 98   GLN A N     1 
ATOM   807  C CA    . GLN A 1 105 ? 16.575  3.783   3.582   1.00 16.04 ? 98   GLN A CA    1 
ATOM   808  C C     . GLN A 1 105 ? 16.650  2.499   2.752   1.00 16.52 ? 98   GLN A C     1 
ATOM   809  O O     . GLN A 1 105 ? 15.633  2.028   2.226   1.00 14.43 ? 98   GLN A O     1 
ATOM   810  C CB    . GLN A 1 105 ? 17.084  4.960   2.743   1.00 17.16 ? 98   GLN A CB    1 
ATOM   811  C CG    . GLN A 1 105 ? 16.229  5.258   1.517   1.00 18.94 ? 98   GLN A CG    1 
ATOM   812  C CD    . GLN A 1 105 ? 16.907  6.204   0.541   1.00 20.51 ? 98   GLN A CD    1 
ATOM   813  O OE1   . GLN A 1 105 ? 17.375  7.279   0.917   1.00 17.09 ? 98   GLN A OE1   1 
ATOM   814  N NE2   . GLN A 1 105 ? 16.960  5.803   -0.728  1.00 21.59 ? 98   GLN A NE2   1 
ATOM   815  N N     . ALA A 1 106 ? 17.849  1.938   2.627   1.00 16.34 ? 99   ALA A N     1 
ATOM   816  C CA    . ALA A 1 106 ? 18.038  0.719   1.848   1.00 16.39 ? 99   ALA A CA    1 
ATOM   817  C C     . ALA A 1 106 ? 17.237  -0.433  2.439   1.00 16.24 ? 99   ALA A C     1 
ATOM   818  O O     . ALA A 1 106 ? 16.612  -1.208  1.712   1.00 16.15 ? 99   ALA A O     1 
ATOM   819  C CB    . ALA A 1 106 ? 19.528  0.355   1.790   1.00 17.78 ? 99   ALA A CB    1 
ATOM   820  N N     . ALA A 1 107 ? 17.251  -0.539  3.760   1.00 15.95 ? 100  ALA A N     1 
ATOM   821  C CA    . ALA A 1 107 ? 16.526  -1.599  4.447   1.00 17.54 ? 100  ALA A CA    1 
ATOM   822  C C     . ALA A 1 107 ? 15.007  -1.433  4.318   1.00 17.71 ? 100  ALA A C     1 
ATOM   823  O O     . ALA A 1 107 ? 14.275  -2.415  4.159   1.00 16.30 ? 100  ALA A O     1 
ATOM   824  C CB    . ALA A 1 107 ? 16.924  -1.624  5.917   1.00 17.72 ? 100  ALA A CB    1 
ATOM   825  N N     . ALA A 1 108 ? 14.540  -0.191  4.388   1.00 16.18 ? 101  ALA A N     1 
ATOM   826  C CA    . ALA A 1 108 ? 13.112  0.089   4.299   1.00 16.30 ? 101  ALA A CA    1 
ATOM   827  C C     . ALA A 1 108 ? 12.523  -0.267  2.934   1.00 16.40 ? 101  ALA A C     1 
ATOM   828  O O     . ALA A 1 108 ? 11.482  -0.916  2.856   1.00 16.96 ? 101  ALA A O     1 
ATOM   829  C CB    . ALA A 1 108 ? 12.847  1.555   4.619   1.00 15.55 ? 101  ALA A CB    1 
ATOM   830  N N     . PHE A 1 109 ? 13.180  0.162   1.861   1.00 15.36 ? 102  PHE A N     1 
ATOM   831  C CA    . PHE A 1 109 ? 12.687  -0.138  0.524   1.00 16.24 ? 102  PHE A CA    1 
ATOM   832  C C     . PHE A 1 109 ? 12.765  -1.630  0.224   1.00 17.48 ? 102  PHE A C     1 
ATOM   833  O O     . PHE A 1 109 ? 11.892  -2.180  -0.450  1.00 15.97 ? 102  PHE A O     1 
ATOM   834  C CB    . PHE A 1 109 ? 13.460  0.679   -0.516  1.00 15.92 ? 102  PHE A CB    1 
ATOM   835  C CG    . PHE A 1 109 ? 12.960  2.087   -0.654  1.00 14.44 ? 102  PHE A CG    1 
ATOM   836  C CD1   . PHE A 1 109 ? 11.910  2.382   -1.519  1.00 14.54 ? 102  PHE A CD1   1 
ATOM   837  C CD2   . PHE A 1 109 ? 13.482  3.108   0.138   1.00 15.39 ? 102  PHE A CD2   1 
ATOM   838  C CE1   . PHE A 1 109 ? 11.379  3.671   -1.590  1.00 12.73 ? 102  PHE A CE1   1 
ATOM   839  C CE2   . PHE A 1 109 ? 12.960  4.403   0.075   1.00 12.80 ? 102  PHE A CE2   1 
ATOM   840  C CZ    . PHE A 1 109 ? 11.902  4.682   -0.792  1.00 11.93 ? 102  PHE A CZ    1 
ATOM   841  N N     . LYS A 1 110 ? 13.807  -2.282  0.734   1.00 17.92 ? 103  LYS A N     1 
ATOM   842  C CA    . LYS A 1 110 ? 13.974  -3.717  0.538   1.00 19.95 ? 103  LYS A CA    1 
ATOM   843  C C     . LYS A 1 110 ? 12.854  -4.439  1.277   1.00 19.41 ? 103  LYS A C     1 
ATOM   844  O O     . LYS A 1 110 ? 12.323  -5.443  0.807   1.00 17.78 ? 103  LYS A O     1 
ATOM   845  C CB    . LYS A 1 110 ? 15.333  -4.172  1.076   1.00 23.75 ? 103  LYS A CB    1 
ATOM   846  C CG    . LYS A 1 110 ? 15.522  -5.686  1.114   1.00 26.69 ? 103  LYS A CG    1 
ATOM   847  C CD    . LYS A 1 110 ? 15.298  -6.333  -0.246  1.00 30.01 ? 103  LYS A CD    1 
ATOM   848  C CE    . LYS A 1 110 ? 15.537  -7.844  -0.180  1.00 34.02 ? 103  LYS A CE    1 
ATOM   849  N NZ    . LYS A 1 110 ? 15.335  -8.509  -1.500  1.00 33.58 ? 103  LYS A NZ    1 
ATOM   850  N N     . LEU A 1 111 ? 12.496  -3.912  2.439   1.00 19.12 ? 104  LEU A N     1 
ATOM   851  C CA    . LEU A 1 111 ? 11.433  -4.488  3.243   1.00 20.53 ? 104  LEU A CA    1 
ATOM   852  C C     . LEU A 1 111 ? 10.119  -4.437  2.451   1.00 18.41 ? 104  LEU A C     1 
ATOM   853  O O     . LEU A 1 111 ? 9.389   -5.429  2.367   1.00 17.96 ? 104  LEU A O     1 
ATOM   854  C CB    . LEU A 1 111 ? 11.305  -3.698  4.544   1.00 23.97 ? 104  LEU A CB    1 
ATOM   855  C CG    . LEU A 1 111 ? 10.512  -4.283  5.708   1.00 26.90 ? 104  LEU A CG    1 
ATOM   856  C CD1   . LEU A 1 111 ? 10.993  -5.697  6.004   1.00 28.05 ? 104  LEU A CD1   1 
ATOM   857  C CD2   . LEU A 1 111 ? 10.694  -3.387  6.929   1.00 26.73 ? 104  LEU A CD2   1 
ATOM   858  N N     . ALA A 1 112 ? 9.837   -3.277  1.867   1.00 16.48 ? 105  ALA A N     1 
ATOM   859  C CA    . ALA A 1 112 ? 8.618   -3.072  1.079   1.00 16.33 ? 105  ALA A CA    1 
ATOM   860  C C     . ALA A 1 112 ? 8.539   -4.031  -0.108  1.00 16.25 ? 105  ALA A C     1 
ATOM   861  O O     . ALA A 1 112 ? 7.486   -4.600  -0.389  1.00 14.61 ? 105  ALA A O     1 
ATOM   862  C CB    . ALA A 1 112 ? 8.559   -1.630  0.582   1.00 14.67 ? 105  ALA A CB    1 
ATOM   863  N N     . VAL A 1 113 ? 9.659   -4.192  -0.805  1.00 16.25 ? 106  VAL A N     1 
ATOM   864  C CA    . VAL A 1 113 ? 9.730   -5.081  -1.960  1.00 16.32 ? 106  VAL A CA    1 
ATOM   865  C C     . VAL A 1 113 ? 9.478   -6.527  -1.528  1.00 17.30 ? 106  VAL A C     1 
ATOM   866  O O     . VAL A 1 113 ? 8.743   -7.262  -2.194  1.00 15.51 ? 106  VAL A O     1 
ATOM   867  C CB    . VAL A 1 113 ? 11.116  -4.976  -2.647  1.00 15.60 ? 106  VAL A CB    1 
ATOM   868  C CG1   . VAL A 1 113 ? 11.265  -6.052  -3.713  1.00 19.40 ? 106  VAL A CG1   1 
ATOM   869  C CG2   . VAL A 1 113 ? 11.282  -3.601  -3.261  1.00 19.21 ? 106  VAL A CG2   1 
ATOM   870  N N     . ASP A 1 114 ? 10.082  -6.929  -0.411  1.00 16.18 ? 107  ASP A N     1 
ATOM   871  C CA    . ASP A 1 114 ? 9.902   -8.287  0.088   1.00 17.50 ? 107  ASP A CA    1 
ATOM   872  C C     . ASP A 1 114 ? 8.461   -8.521  0.521   1.00 16.79 ? 107  ASP A C     1 
ATOM   873  O O     . ASP A 1 114 ? 7.900   -9.585  0.266   1.00 14.87 ? 107  ASP A O     1 
ATOM   874  C CB    . ASP A 1 114 ? 10.842  -8.573  1.265   1.00 19.93 ? 107  ASP A CB    1 
ATOM   875  C CG    . ASP A 1 114 ? 12.296  -8.689  0.838   1.00 23.89 ? 107  ASP A CG    1 
ATOM   876  O OD1   . ASP A 1 114 ? 12.556  -8.935  -0.360  1.00 27.09 ? 107  ASP A OD1   1 
ATOM   877  O OD2   . ASP A 1 114 ? 13.182  -8.551  1.702   1.00 26.03 ? 107  ASP A OD2   1 
ATOM   878  N N     . MET A 1 115 ? 7.868   -7.530  1.179   1.00 14.87 ? 108  MET A N     1 
ATOM   879  C CA    . MET A 1 115 ? 6.488   -7.652  1.623   1.00 14.69 ? 108  MET A CA    1 
ATOM   880  C C     . MET A 1 115 ? 5.584   -7.820  0.406   1.00 14.69 ? 108  MET A C     1 
ATOM   881  O O     . MET A 1 115 ? 4.697   -8.670  0.402   1.00 15.67 ? 108  MET A O     1 
ATOM   882  C CB    . MET A 1 115 ? 6.065   -6.415  2.420   1.00 15.94 ? 108  MET A CB    1 
ATOM   883  C CG    . MET A 1 115 ? 6.764   -6.275  3.768   1.00 15.04 ? 108  MET A CG    1 
ATOM   884  S SD    . MET A 1 115 ? 6.368   -4.691  4.561   1.00 15.31 ? 108  MET A SD    1 
ATOM   885  C CE    . MET A 1 115 ? 6.828   -5.035  6.268   1.00 15.81 ? 108  MET A CE    1 
ATOM   886  N N     . ARG A 1 116 ? 5.814   -7.013  -0.625  1.00 13.81 ? 109  ARG A N     1 
ATOM   887  C CA    . ARG A 1 116 ? 5.017   -7.101  -1.844  1.00 16.61 ? 109  ARG A CA    1 
ATOM   888  C C     . ARG A 1 116 ? 5.124   -8.490  -2.475  1.00 18.20 ? 109  ARG A C     1 
ATOM   889  O O     . ARG A 1 116 ? 4.125   -9.064  -2.910  1.00 16.88 ? 109  ARG A O     1 
ATOM   890  C CB    . ARG A 1 116 ? 5.462   -6.044  -2.857  1.00 15.96 ? 109  ARG A CB    1 
ATOM   891  C CG    . ARG A 1 116 ? 4.742   -6.141  -4.201  1.00 18.86 ? 109  ARG A CG    1 
ATOM   892  C CD    . ARG A 1 116 ? 3.231   -5.967  -4.055  1.00 19.54 ? 109  ARG A CD    1 
ATOM   893  N NE    . ARG A 1 116 ? 2.527   -6.141  -5.326  1.00 20.26 ? 109  ARG A NE    1 
ATOM   894  C CZ    . ARG A 1 116 ? 2.329   -7.317  -5.919  1.00 20.72 ? 109  ARG A CZ    1 
ATOM   895  N NH1   . ARG A 1 116 ? 2.776   -8.430  -5.360  1.00 18.65 ? 109  ARG A NH1   1 
ATOM   896  N NH2   . ARG A 1 116 ? 1.678   -7.380  -7.074  1.00 19.65 ? 109  ARG A NH2   1 
ATOM   897  N N     . ASN A 1 117 ? 6.334   -9.036  -2.521  1.00 19.92 ? 110  ASN A N     1 
ATOM   898  C CA    . ASN A 1 117 ? 6.515   -10.358 -3.104  1.00 21.61 ? 110  ASN A CA    1 
ATOM   899  C C     . ASN A 1 117 ? 5.875   -11.453 -2.253  1.00 22.34 ? 110  ASN A C     1 
ATOM   900  O O     . ASN A 1 117 ? 5.588   -12.545 -2.751  1.00 23.07 ? 110  ASN A O     1 
ATOM   901  C CB    . ASN A 1 117 ? 8.002   -10.645 -3.325  1.00 23.98 ? 110  ASN A CB    1 
ATOM   902  C CG    . ASN A 1 117 ? 8.566   -9.886  -4.513  1.00 27.01 ? 110  ASN A CG    1 
ATOM   903  O OD1   . ASN A 1 117 ? 7.925   -9.791  -5.563  1.00 28.50 ? 110  ASN A OD1   1 
ATOM   904  N ND2   . ASN A 1 117 ? 9.771   -9.352  -4.362  1.00 27.87 ? 110  ASN A ND2   1 
ATOM   905  N N     . ASN A 1 118 ? 5.635   -11.158 -0.976  1.00 21.13 ? 111  ASN A N     1 
ATOM   906  C CA    . ASN A 1 118 ? 5.012   -12.126 -0.078  1.00 21.73 ? 111  ASN A CA    1 
ATOM   907  C C     . ASN A 1 118 ? 3.530   -11.848 0.149   1.00 20.46 ? 111  ASN A C     1 
ATOM   908  O O     . ASN A 1 118 ? 2.900   -12.510 0.969   1.00 21.88 ? 111  ASN A O     1 
ATOM   909  C CB    . ASN A 1 118 ? 5.703   -12.138 1.293   1.00 24.02 ? 111  ASN A CB    1 
ATOM   910  C CG    . ASN A 1 118 ? 7.098   -12.726 1.243   1.00 26.92 ? 111  ASN A CG    1 
ATOM   911  O OD1   . ASN A 1 118 ? 7.364   -13.655 0.486   1.00 26.08 ? 111  ASN A OD1   1 
ATOM   912  N ND2   . ASN A 1 118 ? 7.992   -12.197 2.075   1.00 26.68 ? 111  ASN A ND2   1 
ATOM   913  N N     . TYR A 1 119 ? 2.974   -10.871 -0.558  1.00 19.09 ? 112  TYR A N     1 
ATOM   914  C CA    . TYR A 1 119 ? 1.564   -10.537 -0.379  1.00 19.33 ? 112  TYR A CA    1 
ATOM   915  C C     . TYR A 1 119 ? 0.908   -10.210 -1.723  1.00 19.20 ? 112  TYR A C     1 
ATOM   916  O O     . TYR A 1 119 ? 0.604   -9.051  -2.013  1.00 19.10 ? 112  TYR A O     1 
ATOM   917  C CB    . TYR A 1 119 ? 1.442   -9.354  0.596   1.00 18.88 ? 112  TYR A CB    1 
ATOM   918  C CG    . TYR A 1 119 ? 0.141   -9.291  1.377   1.00 17.53 ? 112  TYR A CG    1 
ATOM   919  C CD1   . TYR A 1 119 ? -1.010  -8.739  0.819   1.00 18.00 ? 112  TYR A CD1   1 
ATOM   920  C CD2   . TYR A 1 119 ? 0.064   -9.791  2.676   1.00 18.39 ? 112  TYR A CD2   1 
ATOM   921  C CE1   . TYR A 1 119 ? -2.208  -8.684  1.541   1.00 16.81 ? 112  TYR A CE1   1 
ATOM   922  C CE2   . TYR A 1 119 ? -1.119  -9.743  3.400   1.00 16.78 ? 112  TYR A CE2   1 
ATOM   923  C CZ    . TYR A 1 119 ? -2.254  -9.189  2.829   1.00 17.79 ? 112  TYR A CZ    1 
ATOM   924  O OH    . TYR A 1 119 ? -3.429  -9.148  3.550   1.00 16.44 ? 112  TYR A OH    1 
ATOM   925  N N     . ASP A 1 120 ? 0.702   -11.247 -2.536  1.00 18.67 ? 113  ASP A N     1 
ATOM   926  C CA    . ASP A 1 120 ? 0.083   -11.112 -3.856  1.00 19.01 ? 113  ASP A CA    1 
ATOM   927  C C     . ASP A 1 120 ? -1.430  -11.159 -3.696  1.00 18.66 ? 113  ASP A C     1 
ATOM   928  O O     . ASP A 1 120 ? -2.029  -12.234 -3.615  1.00 18.80 ? 113  ASP A O     1 
ATOM   929  C CB    . ASP A 1 120 ? 0.533   -12.259 -4.771  1.00 20.88 ? 113  ASP A CB    1 
ATOM   930  C CG    . ASP A 1 120 ? 0.060   -12.087 -6.208  1.00 22.61 ? 113  ASP A CG    1 
ATOM   931  O OD1   . ASP A 1 120 ? -0.957  -11.401 -6.436  1.00 22.91 ? 113  ASP A OD1   1 
ATOM   932  O OD2   . ASP A 1 120 ? 0.701   -12.656 -7.114  1.00 26.70 ? 113  ASP A OD2   1 
ATOM   933  N N     . ILE A 1 121 ? -2.043  -9.984  -3.662  1.00 17.38 ? 114  ILE A N     1 
ATOM   934  C CA    . ILE A 1 121 ? -3.483  -9.869  -3.483  1.00 16.63 ? 114  ILE A CA    1 
ATOM   935  C C     . ILE A 1 121 ? -4.302  -10.489 -4.618  1.00 15.96 ? 114  ILE A C     1 
ATOM   936  O O     . ILE A 1 121 ? -5.179  -11.311 -4.369  1.00 17.16 ? 114  ILE A O     1 
ATOM   937  C CB    . ILE A 1 121 ? -3.871  -8.385  -3.293  1.00 15.32 ? 114  ILE A CB    1 
ATOM   938  C CG1   . ILE A 1 121 ? -3.189  -7.847  -2.025  1.00 13.10 ? 114  ILE A CG1   1 
ATOM   939  C CG2   . ILE A 1 121 ? -5.389  -8.235  -3.190  1.00 15.28 ? 114  ILE A CG2   1 
ATOM   940  C CD1   . ILE A 1 121 ? -3.260  -6.338  -1.876  1.00 13.05 ? 114  ILE A CD1   1 
ATOM   941  N N     . ILE A 1 122 ? -4.016  -10.101 -5.856  1.00 16.49 ? 115  ILE A N     1 
ATOM   942  C CA    . ILE A 1 122 ? -4.744  -10.640 -7.003  1.00 19.51 ? 115  ILE A CA    1 
ATOM   943  C C     . ILE A 1 122 ? -4.631  -12.157 -7.051  1.00 20.04 ? 115  ILE A C     1 
ATOM   944  O O     . ILE A 1 122 ? -5.621  -12.856 -7.266  1.00 19.44 ? 115  ILE A O     1 
ATOM   945  C CB    . ILE A 1 122 ? -4.217  -10.058 -8.331  1.00 19.06 ? 115  ILE A CB    1 
ATOM   946  C CG1   . ILE A 1 122 ? -4.440  -8.546  -8.359  1.00 17.64 ? 115  ILE A CG1   1 
ATOM   947  C CG2   . ILE A 1 122 ? -4.937  -10.715 -9.518  1.00 22.00 ? 115  ILE A CG2   1 
ATOM   948  C CD1   . ILE A 1 122 ? -5.891  -8.133  -8.237  1.00 18.45 ? 115  ILE A CD1   1 
ATOM   949  N N     . GLY A 1 123 ? -3.419  -12.662 -6.846  1.00 20.02 ? 116  GLY A N     1 
ATOM   950  C CA    . GLY A 1 123 ? -3.201  -14.095 -6.861  1.00 19.10 ? 116  GLY A CA    1 
ATOM   951  C C     . GLY A 1 123 ? -3.998  -14.791 -5.773  1.00 21.09 ? 116  GLY A C     1 
ATOM   952  O O     . GLY A 1 123 ? -4.496  -15.904 -5.963  1.00 19.54 ? 116  GLY A O     1 
ATOM   953  N N     . ALA A 1 124 ? -4.135  -14.126 -4.631  1.00 18.83 ? 117  ALA A N     1 
ATOM   954  C CA    . ALA A 1 124 ? -4.870  -14.686 -3.505  1.00 17.93 ? 117  ALA A CA    1 
ATOM   955  C C     . ALA A 1 124 ? -6.386  -14.688 -3.711  1.00 18.74 ? 117  ALA A C     1 
ATOM   956  O O     . ALA A 1 124 ? -7.094  -15.518 -3.140  1.00 18.66 ? 117  ALA A O     1 
ATOM   957  C CB    . ALA A 1 124 ? -4.518  -13.920 -2.231  1.00 18.78 ? 117  ALA A CB    1 
ATOM   958  N N     . LEU A 1 125 ? -6.892  -13.766 -4.522  1.00 18.11 ? 118  LEU A N     1 
ATOM   959  C CA    . LEU A 1 125 ? -8.333  -13.703 -4.750  1.00 18.69 ? 118  LEU A CA    1 
ATOM   960  C C     . LEU A 1 125 ? -8.818  -14.510 -5.953  1.00 19.09 ? 118  LEU A C     1 
ATOM   961  O O     . LEU A 1 125 ? -9.984  -14.899 -6.012  1.00 19.45 ? 118  LEU A O     1 
ATOM   962  C CB    . LEU A 1 125 ? -8.775  -12.245 -4.919  1.00 17.22 ? 118  LEU A CB    1 
ATOM   963  C CG    . LEU A 1 125 ? -8.516  -11.300 -3.743  1.00 18.24 ? 118  LEU A CG    1 
ATOM   964  C CD1   . LEU A 1 125 ? -8.846  -9.879  -4.168  1.00 19.24 ? 118  LEU A CD1   1 
ATOM   965  C CD2   . LEU A 1 125 ? -9.353  -11.714 -2.533  1.00 16.53 ? 118  LEU A CD2   1 
ATOM   966  N N     . ARG A 1 126 ? -7.925  -14.768 -6.902  1.00 20.67 ? 119  ARG A N     1 
ATOM   967  C CA    . ARG A 1 126 ? -8.286  -15.492 -8.116  1.00 21.52 ? 119  ARG A CA    1 
ATOM   968  C C     . ARG A 1 126 ? -8.919  -16.872 -7.903  1.00 22.63 ? 119  ARG A C     1 
ATOM   969  O O     . ARG A 1 126 ? -9.868  -17.237 -8.599  1.00 22.17 ? 119  ARG A O     1 
ATOM   970  C CB    . ARG A 1 126 ? -7.065  -15.600 -9.036  1.00 22.31 ? 119  ARG A CB    1 
ATOM   971  C CG    . ARG A 1 126 ? -7.378  -16.161 -10.422 1.00 25.73 ? 119  ARG A CG    1 
ATOM   972  C CD    . ARG A 1 126 ? -6.296  -15.782 -11.422 1.00 27.55 ? 119  ARG A CD    1 
ATOM   973  N NE    . ARG A 1 126 ? -6.368  -14.369 -11.778 1.00 28.00 ? 119  ARG A NE    1 
ATOM   974  C CZ    . ARG A 1 126 ? -5.317  -13.632 -12.126 1.00 28.58 ? 119  ARG A CZ    1 
ATOM   975  N NH1   . ARG A 1 126 ? -4.108  -14.177 -12.162 1.00 27.46 ? 119  ARG A NH1   1 
ATOM   976  N NH2   . ARG A 1 126 ? -5.473  -12.351 -12.434 1.00 26.64 ? 119  ARG A NH2   1 
ATOM   977  N N     . PRO A 1 127 ? -8.403  -17.663 -6.951  1.00 22.09 ? 120  PRO A N     1 
ATOM   978  C CA    . PRO A 1 127 ? -9.003  -18.984 -6.732  1.00 23.99 ? 120  PRO A CA    1 
ATOM   979  C C     . PRO A 1 127 ? -10.481 -18.878 -6.361  1.00 24.22 ? 120  PRO A C     1 
ATOM   980  O O     . PRO A 1 127 ? -11.243 -19.825 -6.529  1.00 24.68 ? 120  PRO A O     1 
ATOM   981  C CB    . PRO A 1 127 ? -8.171  -19.558 -5.590  1.00 24.14 ? 120  PRO A CB    1 
ATOM   982  C CG    . PRO A 1 127 ? -6.824  -18.931 -5.813  1.00 25.75 ? 120  PRO A CG    1 
ATOM   983  C CD    . PRO A 1 127 ? -7.168  -17.505 -6.164  1.00 23.18 ? 120  PRO A CD    1 
ATOM   984  N N     . HIS A 1 128 ? -10.879 -17.715 -5.857  1.00 24.85 ? 121  HIS A N     1 
ATOM   985  C CA    . HIS A 1 128 ? -12.263 -17.491 -5.449  1.00 25.28 ? 121  HIS A CA    1 
ATOM   986  C C     . HIS A 1 128 ? -13.008 -16.611 -6.447  1.00 24.99 ? 121  HIS A C     1 
ATOM   987  O O     . HIS A 1 128 ? -14.163 -16.260 -6.225  1.00 24.19 ? 121  HIS A O     1 
ATOM   988  C CB    . HIS A 1 128 ? -12.296 -16.818 -4.075  1.00 25.66 ? 121  HIS A CB    1 
ATOM   989  C CG    . HIS A 1 128 ? -11.516 -17.548 -3.026  1.00 26.54 ? 121  HIS A CG    1 
ATOM   990  N ND1   . HIS A 1 128 ? -11.912 -18.764 -2.513  1.00 26.88 ? 121  HIS A ND1   1 
ATOM   991  C CD2   . HIS A 1 128 ? -10.349 -17.242 -2.408  1.00 26.39 ? 121  HIS A CD2   1 
ATOM   992  C CE1   . HIS A 1 128 ? -11.025 -19.177 -1.626  1.00 27.86 ? 121  HIS A CE1   1 
ATOM   993  N NE2   . HIS A 1 128 ? -10.066 -18.271 -1.543  1.00 28.83 ? 121  HIS A NE2   1 
ATOM   994  N N     . ALA A 1 129 ? -12.345 -16.260 -7.545  1.00 24.79 ? 122  ALA A N     1 
ATOM   995  C CA    . ALA A 1 129 ? -12.949 -15.395 -8.554  1.00 24.64 ? 122  ALA A CA    1 
ATOM   996  C C     . ALA A 1 129 ? -13.460 -14.139 -7.855  1.00 24.02 ? 122  ALA A C     1 
ATOM   997  O O     . ALA A 1 129 ? -14.504 -13.591 -8.209  1.00 22.86 ? 122  ALA A O     1 
ATOM   998  C CB    . ALA A 1 129 ? -14.097 -16.118 -9.259  1.00 24.09 ? 122  ALA A CB    1 
ATOM   999  N N     . ALA A 1 130 ? -12.712 -13.693 -6.852  1.00 22.91 ? 123  ALA A N     1 
ATOM   1000 C CA    . ALA A 1 130 ? -13.082 -12.508 -6.087  1.00 23.00 ? 123  ALA A CA    1 
ATOM   1001 C C     . ALA A 1 130 ? -12.209 -11.325 -6.484  1.00 22.27 ? 123  ALA A C     1 
ATOM   1002 O O     . ALA A 1 130 ? -12.079 -10.355 -5.736  1.00 22.42 ? 123  ALA A O     1 
ATOM   1003 C CB    . ALA A 1 130 ? -12.948 -12.785 -4.591  1.00 22.08 ? 123  ALA A CB    1 
ATOM   1004 N N     . GLY A 1 131 ? -11.616 -11.416 -7.670  1.00 22.64 ? 124  GLY A N     1 
ATOM   1005 C CA    . GLY A 1 131 ? -10.769 -10.351 -8.169  1.00 21.32 ? 124  GLY A CA    1 
ATOM   1006 C C     . GLY A 1 131 ? -11.591 -9.206  -8.734  1.00 22.24 ? 124  GLY A C     1 
ATOM   1007 O O     . GLY A 1 131 ? -12.820 -9.277  -8.758  1.00 20.83 ? 124  GLY A O     1 
ATOM   1008 N N     . PRO A 1 132 ? -10.937 -8.140  -9.213  1.00 21.70 ? 125  PRO A N     1 
ATOM   1009 C CA    . PRO A 1 132 ? -11.638 -6.986  -9.773  1.00 22.29 ? 125  PRO A CA    1 
ATOM   1010 C C     . PRO A 1 132 ? -12.429 -7.291  -11.036 1.00 22.55 ? 125  PRO A C     1 
ATOM   1011 O O     . PRO A 1 132 ? -11.948 -7.981  -11.931 1.00 23.34 ? 125  PRO A O     1 
ATOM   1012 C CB    . PRO A 1 132 ? -10.507 -5.993  -10.027 1.00 22.09 ? 125  PRO A CB    1 
ATOM   1013 C CG    . PRO A 1 132 ? -9.367  -6.901  -10.397 1.00 24.08 ? 125  PRO A CG    1 
ATOM   1014 C CD    . PRO A 1 132 ? -9.477  -7.988  -9.355  1.00 22.56 ? 125  PRO A CD    1 
ATOM   1015 N N     . ASN A 1 133 ? -13.653 -6.778  -11.096 1.00 21.38 ? 126  ASN A N     1 
ATOM   1016 C CA    . ASN A 1 133 ? -14.501 -6.964  -12.265 1.00 20.37 ? 126  ASN A CA    1 
ATOM   1017 C C     . ASN A 1 133 ? -15.490 -5.805  -12.339 1.00 19.53 ? 126  ASN A C     1 
ATOM   1018 O O     . ASN A 1 133 ? -16.477 -5.856  -13.066 1.00 19.62 ? 126  ASN A O     1 
ATOM   1019 C CB    . ASN A 1 133 ? -15.225 -8.319  -12.206 1.00 20.59 ? 126  ASN A CB    1 
ATOM   1020 C CG    . ASN A 1 133 ? -16.281 -8.386  -11.122 1.00 22.28 ? 126  ASN A CG    1 
ATOM   1021 O OD1   . ASN A 1 133 ? -16.345 -7.537  -10.234 1.00 20.72 ? 126  ASN A OD1   1 
ATOM   1022 N ND2   . ASN A 1 133 ? -17.116 -9.420  -11.185 1.00 22.81 ? 126  ASN A ND2   1 
ATOM   1023 N N     . GLY A 1 134 ? -15.200 -4.756  -11.573 1.00 17.84 ? 127  GLY A N     1 
ATOM   1024 C CA    . GLY A 1 134 ? -16.044 -3.573  -11.560 1.00 17.36 ? 127  GLY A CA    1 
ATOM   1025 C C     . GLY A 1 134 ? -17.414 -3.745  -10.930 1.00 17.01 ? 127  GLY A C     1 
ATOM   1026 O O     . GLY A 1 134 ? -18.293 -2.902  -11.113 1.00 17.23 ? 127  GLY A O     1 
ATOM   1027 N N     . ARG A 1 135 ? -17.605 -4.829  -10.189 1.00 17.09 ? 128  ARG A N     1 
ATOM   1028 C CA    . ARG A 1 135 ? -18.887 -5.073  -9.545  1.00 18.40 ? 128  ARG A CA    1 
ATOM   1029 C C     . ARG A 1 135 ? -18.763 -5.000  -8.026  1.00 17.78 ? 128  ARG A C     1 
ATOM   1030 O O     . ARG A 1 135 ? -17.663 -4.867  -7.495  1.00 14.68 ? 128  ARG A O     1 
ATOM   1031 C CB    . ARG A 1 135 ? -19.444 -6.426  -9.988  1.00 20.25 ? 128  ARG A CB    1 
ATOM   1032 C CG    . ARG A 1 135 ? -19.635 -6.510  -11.497 1.00 25.47 ? 128  ARG A CG    1 
ATOM   1033 C CD    . ARG A 1 135 ? -20.333 -7.788  -11.919 1.00 30.32 ? 128  ARG A CD    1 
ATOM   1034 N NE    . ARG A 1 135 ? -20.302 -7.960  -13.370 1.00 37.44 ? 128  ARG A NE    1 
ATOM   1035 C CZ    . ARG A 1 135 ? -20.857 -7.122  -14.243 1.00 41.57 ? 128  ARG A CZ    1 
ATOM   1036 N NH1   . ARG A 1 135 ? -21.496 -6.037  -13.822 1.00 43.87 ? 128  ARG A NH1   1 
ATOM   1037 N NH2   . ARG A 1 135 ? -20.768 -7.365  -15.546 1.00 43.47 ? 128  ARG A NH2   1 
ATOM   1038 N N     . THR A 1 136 ? -19.894 -5.078  -7.333  1.00 17.29 ? 129  THR A N     1 
ATOM   1039 C CA    . THR A 1 136 ? -19.907 -4.975  -5.878  1.00 16.84 ? 129  THR A CA    1 
ATOM   1040 C C     . THR A 1 136 ? -19.322 -6.185  -5.155  1.00 18.37 ? 129  THR A C     1 
ATOM   1041 O O     . THR A 1 136 ? -19.624 -7.333  -5.487  1.00 17.74 ? 129  THR A O     1 
ATOM   1042 C CB    . THR A 1 136 ? -21.346 -4.721  -5.356  1.00 15.99 ? 129  THR A CB    1 
ATOM   1043 O OG1   . THR A 1 136 ? -21.876 -3.548  -5.984  1.00 17.01 ? 129  THR A OG1   1 
ATOM   1044 C CG2   . THR A 1 136 ? -21.339 -4.498  -3.839  1.00 15.99 ? 129  THR A CG2   1 
ATOM   1045 N N     . LYS A 1 137 ? -18.470 -5.907  -4.170  1.00 16.93 ? 130  LYS A N     1 
ATOM   1046 C CA    . LYS A 1 137 ? -17.836 -6.943  -3.365  1.00 16.35 ? 130  LYS A CA    1 
ATOM   1047 C C     . LYS A 1 137 ? -18.160 -6.694  -1.896  1.00 17.26 ? 130  LYS A C     1 
ATOM   1048 O O     . LYS A 1 137 ? -18.496 -5.574  -1.504  1.00 16.06 ? 130  LYS A O     1 
ATOM   1049 C CB    . LYS A 1 137 ? -16.309 -6.916  -3.540  1.00 19.75 ? 130  LYS A CB    1 
ATOM   1050 C CG    . LYS A 1 137 ? -15.795 -7.232  -4.942  1.00 20.18 ? 130  LYS A CG    1 
ATOM   1051 C CD    . LYS A 1 137 ? -16.111 -8.659  -5.342  1.00 23.06 ? 130  LYS A CD    1 
ATOM   1052 C CE    . LYS A 1 137 ? -15.254 -9.107  -6.524  1.00 25.26 ? 130  LYS A CE    1 
ATOM   1053 N NZ    . LYS A 1 137 ? -15.420 -8.234  -7.719  1.00 25.31 ? 130  LYS A NZ    1 
ATOM   1054 N N     . SER A 1 138 ? -18.043 -7.744  -1.090  1.00 15.76 ? 131  SER A N     1 
ATOM   1055 C CA    . SER A 1 138 ? -18.297 -7.663  0.340   1.00 16.42 ? 131  SER A CA    1 
ATOM   1056 C C     . SER A 1 138 ? -16.987 -7.481  1.109   1.00 15.55 ? 131  SER A C     1 
ATOM   1057 O O     . SER A 1 138 ? -16.035 -8.236  0.916   1.00 16.07 ? 131  SER A O     1 
ATOM   1058 C CB    . SER A 1 138 ? -18.999 -8.941  0.813   1.00 16.40 ? 131  SER A CB    1 
ATOM   1059 O OG    . SER A 1 138 ? -18.840 -9.129  2.206   1.00 18.07 ? 131  SER A OG    1 
ATOM   1060 N N     . ARG A 1 139 ? -16.947 -6.475  1.979   1.00 15.22 ? 132  ARG A N     1 
ATOM   1061 C CA    . ARG A 1 139 ? -15.765 -6.209  2.790   1.00 15.56 ? 132  ARG A CA    1 
ATOM   1062 C C     . ARG A 1 139 ? -15.407 -7.464  3.576   1.00 16.75 ? 132  ARG A C     1 
ATOM   1063 O O     . ARG A 1 139 ? -14.256 -7.894  3.590   1.00 15.86 ? 132  ARG A O     1 
ATOM   1064 C CB    . ARG A 1 139 ? -16.041 -5.057  3.762   1.00 17.00 ? 132  ARG A CB    1 
ATOM   1065 C CG    . ARG A 1 139 ? -14.892 -4.739  4.715   1.00 16.99 ? 132  ARG A CG    1 
ATOM   1066 C CD    . ARG A 1 139 ? -15.287 -3.604  5.655   1.00 19.69 ? 132  ARG A CD    1 
ATOM   1067 N NE    . ARG A 1 139 ? -16.433 -3.960  6.492   1.00 17.70 ? 132  ARG A NE    1 
ATOM   1068 C CZ    . ARG A 1 139 ? -17.242 -3.073  7.063   1.00 19.48 ? 132  ARG A CZ    1 
ATOM   1069 N NH1   . ARG A 1 139 ? -17.034 -1.773  6.890   1.00 17.81 ? 132  ARG A NH1   1 
ATOM   1070 N NH2   . ARG A 1 139 ? -18.262 -3.484  7.803   1.00 19.25 ? 132  ARG A NH2   1 
ATOM   1071 N N     . GLN A 1 140 ? -16.408 -8.046  4.224   1.00 17.32 ? 133  GLN A N     1 
ATOM   1072 C CA    . GLN A 1 140 ? -16.212 -9.249  5.023   1.00 19.53 ? 133  GLN A CA    1 
ATOM   1073 C C     . GLN A 1 140 ? -15.630 -10.389 4.189   1.00 18.91 ? 133  GLN A C     1 
ATOM   1074 O O     . GLN A 1 140 ? -14.700 -11.065 4.615   1.00 19.53 ? 133  GLN A O     1 
ATOM   1075 C CB    . GLN A 1 140 ? -17.543 -9.684  5.641   1.00 23.49 ? 133  GLN A CB    1 
ATOM   1076 C CG    . GLN A 1 140 ? -17.429 -10.844 6.618   1.00 28.60 ? 133  GLN A CG    1 
ATOM   1077 C CD    . GLN A 1 140 ? -18.774 -11.241 7.201   1.00 33.34 ? 133  GLN A CD    1 
ATOM   1078 O OE1   . GLN A 1 140 ? -19.673 -11.678 6.481   1.00 36.72 ? 133  GLN A OE1   1 
ATOM   1079 N NE2   . GLN A 1 140 ? -18.919 -11.086 8.512   1.00 34.61 ? 133  GLN A NE2   1 
ATOM   1080 N N     . ALA A 1 141 ? -16.180 -10.595 2.998   1.00 17.61 ? 134  ALA A N     1 
ATOM   1081 C CA    . ALA A 1 141 ? -15.710 -11.653 2.117   1.00 17.15 ? 134  ALA A CA    1 
ATOM   1082 C C     . ALA A 1 141 ? -14.242 -11.470 1.717   1.00 15.82 ? 134  ALA A C     1 
ATOM   1083 O O     . ALA A 1 141 ? -13.438 -12.389 1.857   1.00 16.65 ? 134  ALA A O     1 
ATOM   1084 C CB    . ALA A 1 141 ? -16.593 -11.718 0.867   1.00 18.38 ? 134  ALA A CB    1 
ATOM   1085 N N     . ILE A 1 142 ? -13.899 -10.287 1.220   1.00 15.82 ? 135  ILE A N     1 
ATOM   1086 C CA    . ILE A 1 142 ? -12.532 -10.007 0.792   1.00 15.91 ? 135  ILE A CA    1 
ATOM   1087 C C     . ILE A 1 142 ? -11.537 -10.138 1.945   1.00 15.33 ? 135  ILE A C     1 
ATOM   1088 O O     . ILE A 1 142 ? -10.476 -10.742 1.791   1.00 14.07 ? 135  ILE A O     1 
ATOM   1089 C CB    . ILE A 1 142 ? -12.423 -8.592  0.178   1.00 16.69 ? 135  ILE A CB    1 
ATOM   1090 C CG1   . ILE A 1 142 ? -13.300 -8.506  -1.075  1.00 17.98 ? 135  ILE A CG1   1 
ATOM   1091 C CG2   . ILE A 1 142 ? -10.962 -8.269  -0.142  1.00 16.31 ? 135  ILE A CG2   1 
ATOM   1092 C CD1   . ILE A 1 142 ? -12.922 -9.486  -2.170  1.00 20.31 ? 135  ILE A CD1   1 
ATOM   1093 N N     . LYS A 1 143 ? -11.875 -9.567  3.098   1.00 15.85 ? 136  LYS A N     1 
ATOM   1094 C CA    . LYS A 1 143 ? -10.999 -9.662  4.263   1.00 16.86 ? 136  LYS A CA    1 
ATOM   1095 C C     . LYS A 1 143 ? -10.838 -11.133 4.639   1.00 16.52 ? 136  LYS A C     1 
ATOM   1096 O O     . LYS A 1 143 ? -9.754  -11.577 5.025   1.00 14.65 ? 136  LYS A O     1 
ATOM   1097 C CB    . LYS A 1 143 ? -11.587 -8.875  5.439   1.00 16.16 ? 136  LYS A CB    1 
ATOM   1098 C CG    . LYS A 1 143 ? -11.490 -7.368  5.262   1.00 17.15 ? 136  LYS A CG    1 
ATOM   1099 C CD    . LYS A 1 143 ? -12.150 -6.607  6.408   1.00 18.94 ? 136  LYS A CD    1 
ATOM   1100 C CE    . LYS A 1 143 ? -11.475 -6.878  7.742   1.00 18.19 ? 136  LYS A CE    1 
ATOM   1101 N NZ    . LYS A 1 143 ? -12.065 -5.999  8.786   1.00 23.17 ? 136  LYS A NZ    1 
ATOM   1102 N N     . GLY A 1 144 ? -11.928 -11.884 4.500   1.00 17.06 ? 137  GLY A N     1 
ATOM   1103 C CA    . GLY A 1 144 ? -11.907 -13.302 4.819   1.00 17.73 ? 137  GLY A CA    1 
ATOM   1104 C C     . GLY A 1 144 ? -10.985 -14.112 3.927   1.00 18.17 ? 137  GLY A C     1 
ATOM   1105 O O     . GLY A 1 144 ? -10.241 -14.961 4.413   1.00 19.15 ? 137  GLY A O     1 
ATOM   1106 N N     . PHE A 1 145 ? -11.026 -13.861 2.620   1.00 17.10 ? 138  PHE A N     1 
ATOM   1107 C CA    . PHE A 1 145 ? -10.172 -14.594 1.688   1.00 17.76 ? 138  PHE A CA    1 
ATOM   1108 C C     . PHE A 1 145 ? -8.695  -14.293 1.940   1.00 17.46 ? 138  PHE A C     1 
ATOM   1109 O O     . PHE A 1 145 ? -7.852  -15.192 1.908   1.00 15.76 ? 138  PHE A O     1 
ATOM   1110 C CB    . PHE A 1 145 ? -10.520 -14.233 0.237   1.00 18.31 ? 138  PHE A CB    1 
ATOM   1111 C CG    . PHE A 1 145 ? -11.899 -14.670 -0.189  1.00 22.01 ? 138  PHE A CG    1 
ATOM   1112 C CD1   . PHE A 1 145 ? -12.349 -15.960 0.078   1.00 23.18 ? 138  PHE A CD1   1 
ATOM   1113 C CD2   . PHE A 1 145 ? -12.738 -13.797 -0.872  1.00 22.98 ? 138  PHE A CD2   1 
ATOM   1114 C CE1   . PHE A 1 145 ? -13.621 -16.374 -0.329  1.00 25.26 ? 138  PHE A CE1   1 
ATOM   1115 C CE2   . PHE A 1 145 ? -14.009 -14.201 -1.283  1.00 25.03 ? 138  PHE A CE2   1 
ATOM   1116 C CZ    . PHE A 1 145 ? -14.450 -15.494 -1.011  1.00 24.13 ? 138  PHE A CZ    1 
ATOM   1117 N N     . LEU A 1 146 ? -8.386  -13.024 2.191   1.00 16.09 ? 139  LEU A N     1 
ATOM   1118 C CA    . LEU A 1 146 ? -7.013  -12.618 2.441   1.00 17.47 ? 139  LEU A CA    1 
ATOM   1119 C C     . LEU A 1 146 ? -6.496  -13.177 3.759   1.00 17.39 ? 139  LEU A C     1 
ATOM   1120 O O     . LEU A 1 146 ? -5.344  -13.591 3.847   1.00 20.80 ? 139  LEU A O     1 
ATOM   1121 C CB    . LEU A 1 146 ? -6.895  -11.086 2.407   1.00 15.34 ? 139  LEU A CB    1 
ATOM   1122 C CG    . LEU A 1 146 ? -7.177  -10.508 1.014   1.00 16.55 ? 139  LEU A CG    1 
ATOM   1123 C CD1   . LEU A 1 146 ? -7.063  -8.985  1.009   1.00 15.72 ? 139  LEU A CD1   1 
ATOM   1124 C CD2   . LEU A 1 146 ? -6.199  -11.130 0.025   1.00 20.11 ? 139  LEU A CD2   1 
ATOM   1125 N N     . LYS A 1 147 ? -7.342  -13.206 4.783   1.00 19.17 ? 140  LYS A N     1 
ATOM   1126 C CA    . LYS A 1 147 ? -6.911  -13.751 6.064   1.00 20.86 ? 140  LYS A CA    1 
ATOM   1127 C C     . LYS A 1 147 ? -6.658  -15.253 5.931   1.00 21.09 ? 140  LYS A C     1 
ATOM   1128 O O     . LYS A 1 147 ? -5.719  -15.786 6.518   1.00 20.66 ? 140  LYS A O     1 
ATOM   1129 C CB    . LYS A 1 147 ? -7.966  -13.526 7.147   1.00 22.51 ? 140  LYS A CB    1 
ATOM   1130 C CG    . LYS A 1 147 ? -7.540  -14.088 8.500   1.00 25.50 ? 140  LYS A CG    1 
ATOM   1131 C CD    . LYS A 1 147 ? -8.730  -14.463 9.354   1.00 28.32 ? 140  LYS A CD    1 
ATOM   1132 C CE    . LYS A 1 147 ? -8.299  -14.876 10.756  1.00 30.22 ? 140  LYS A CE    1 
ATOM   1133 N NZ    . LYS A 1 147 ? -7.376  -16.036 10.729  1.00 31.22 ? 140  LYS A NZ    1 
ATOM   1134 N N     . ALA A 1 148 ? -7.503  -15.936 5.160   1.00 20.95 ? 141  ALA A N     1 
ATOM   1135 C CA    . ALA A 1 148 ? -7.350  -17.375 4.968   1.00 22.31 ? 141  ALA A CA    1 
ATOM   1136 C C     . ALA A 1 148 ? -6.026  -17.689 4.277   1.00 22.42 ? 141  ALA A C     1 
ATOM   1137 O O     . ALA A 1 148 ? -5.384  -18.696 4.565   1.00 22.40 ? 141  ALA A O     1 
ATOM   1138 C CB    . ALA A 1 148 ? -8.514  -17.927 4.147   1.00 22.75 ? 141  ALA A CB    1 
ATOM   1139 N N     . LYS A 1 149 ? -5.615  -16.815 3.365   1.00 22.34 ? 142  LYS A N     1 
ATOM   1140 C CA    . LYS A 1 149 ? -4.369  -17.007 2.641   1.00 20.68 ? 142  LYS A CA    1 
ATOM   1141 C C     . LYS A 1 149 ? -3.139  -16.574 3.436   1.00 21.51 ? 142  LYS A C     1 
ATOM   1142 O O     . LYS A 1 149 ? -2.178  -17.335 3.575   1.00 20.48 ? 142  LYS A O     1 
ATOM   1143 C CB    . LYS A 1 149 ? -4.413  -16.236 1.320   1.00 21.40 ? 142  LYS A CB    1 
ATOM   1144 C CG    . LYS A 1 149 ? -3.074  -16.107 0.602   1.00 23.19 ? 142  LYS A CG    1 
ATOM   1145 C CD    . LYS A 1 149 ? -2.540  -17.454 0.155   1.00 26.06 ? 142  LYS A CD    1 
ATOM   1146 C CE    . LYS A 1 149 ? -1.194  -17.303 -0.530  1.00 29.63 ? 142  LYS A CE    1 
ATOM   1147 N NZ    . LYS A 1 149 ? -0.616  -18.623 -0.914  1.00 32.70 ? 142  LYS A NZ    1 
ATOM   1148 N N     . PHE A 1 150 ? -3.173  -15.357 3.967   1.00 20.08 ? 143  PHE A N     1 
ATOM   1149 C CA    . PHE A 1 150 ? -2.026  -14.829 4.698   1.00 20.85 ? 143  PHE A CA    1 
ATOM   1150 C C     . PHE A 1 150 ? -1.992  -15.038 6.201   1.00 20.52 ? 143  PHE A C     1 
ATOM   1151 O O     . PHE A 1 150 ? -0.938  -14.895 6.814   1.00 21.97 ? 143  PHE A O     1 
ATOM   1152 C CB    . PHE A 1 150 ? -1.865  -13.349 4.355   1.00 19.83 ? 143  PHE A CB    1 
ATOM   1153 C CG    . PHE A 1 150 ? -1.663  -13.107 2.893   1.00 19.62 ? 143  PHE A CG    1 
ATOM   1154 C CD1   . PHE A 1 150 ? -0.493  -13.524 2.268   1.00 19.39 ? 143  PHE A CD1   1 
ATOM   1155 C CD2   . PHE A 1 150 ? -2.667  -12.532 2.122   1.00 18.43 ? 143  PHE A CD2   1 
ATOM   1156 C CE1   . PHE A 1 150 ? -0.327  -13.376 0.896   1.00 21.01 ? 143  PHE A CE1   1 
ATOM   1157 C CE2   . PHE A 1 150 ? -2.511  -12.381 0.747   1.00 19.88 ? 143  PHE A CE2   1 
ATOM   1158 C CZ    . PHE A 1 150 ? -1.338  -12.805 0.132   1.00 19.99 ? 143  PHE A CZ    1 
ATOM   1159 N N     . GLY A 1 151 ? -3.134  -15.364 6.801   1.00 20.47 ? 144  GLY A N     1 
ATOM   1160 C CA    . GLY A 1 151 ? -3.163  -15.614 8.234   1.00 20.79 ? 144  GLY A CA    1 
ATOM   1161 C C     . GLY A 1 151 ? -3.684  -14.511 9.138   1.00 20.63 ? 144  GLY A C     1 
ATOM   1162 O O     . GLY A 1 151 ? -3.972  -14.757 10.311  1.00 20.67 ? 144  GLY A O     1 
ATOM   1163 N N     . LYS A 1 152 ? -3.802  -13.296 8.611   1.00 18.96 ? 145  LYS A N     1 
ATOM   1164 C CA    . LYS A 1 152 ? -4.290  -12.173 9.404   1.00 18.21 ? 145  LYS A CA    1 
ATOM   1165 C C     . LYS A 1 152 ? -5.205  -11.293 8.556   1.00 17.50 ? 145  LYS A C     1 
ATOM   1166 O O     . LYS A 1 152 ? -5.129  -11.319 7.334   1.00 17.84 ? 145  LYS A O     1 
ATOM   1167 C CB    . LYS A 1 152 ? -3.107  -11.340 9.917   1.00 17.26 ? 145  LYS A CB    1 
ATOM   1168 C CG    . LYS A 1 152 ? -2.100  -12.117 10.752  1.00 17.27 ? 145  LYS A CG    1 
ATOM   1169 C CD    . LYS A 1 152 ? -2.678  -12.488 12.112  1.00 18.98 ? 145  LYS A CD    1 
ATOM   1170 C CE    . LYS A 1 152 ? -1.776  -13.459 12.857  1.00 20.54 ? 145  LYS A CE    1 
ATOM   1171 N NZ    . LYS A 1 152 ? -2.274  -13.671 14.237  1.00 23.66 ? 145  LYS A NZ    1 
ATOM   1172 N N     . PHE A 1 153 ? -6.062  -10.515 9.211   1.00 17.32 ? 146  PHE A N     1 
ATOM   1173 C CA    . PHE A 1 153 ? -6.980  -9.627  8.506   1.00 18.84 ? 146  PHE A CA    1 
ATOM   1174 C C     . PHE A 1 153 ? -6.299  -8.379  7.955   1.00 18.03 ? 146  PHE A C     1 
ATOM   1175 O O     . PHE A 1 153 ? -5.540  -7.708  8.655   1.00 17.63 ? 146  PHE A O     1 
ATOM   1176 C CB    . PHE A 1 153 ? -8.124  -9.186  9.430   1.00 19.60 ? 146  PHE A CB    1 
ATOM   1177 C CG    . PHE A 1 153 ? -9.116  -10.270 9.725   1.00 21.16 ? 146  PHE A CG    1 
ATOM   1178 C CD1   . PHE A 1 153 ? -9.874  -10.832 8.701   1.00 21.79 ? 146  PHE A CD1   1 
ATOM   1179 C CD2   . PHE A 1 153 ? -9.296  -10.730 11.027  1.00 23.01 ? 146  PHE A CD2   1 
ATOM   1180 C CE1   . PHE A 1 153 ? -10.804 -11.838 8.965   1.00 22.47 ? 146  PHE A CE1   1 
ATOM   1181 C CE2   . PHE A 1 153 ? -10.224 -11.739 11.304  1.00 23.30 ? 146  PHE A CE2   1 
ATOM   1182 C CZ    . PHE A 1 153 ? -10.979 -12.292 10.270  1.00 24.44 ? 146  PHE A CZ    1 
ATOM   1183 N N     . PRO A 1 154 ? -6.570  -8.050  6.685   1.00 16.65 ? 147  PRO A N     1 
ATOM   1184 C CA    . PRO A 1 154 ? -5.970  -6.864  6.076   1.00 15.08 ? 147  PRO A CA    1 
ATOM   1185 C C     . PRO A 1 154 ? -6.882  -5.681  6.362   1.00 15.07 ? 147  PRO A C     1 
ATOM   1186 O O     . PRO A 1 154 ? -7.967  -5.846  6.921   1.00 14.99 ? 147  PRO A O     1 
ATOM   1187 C CB    . PRO A 1 154 ? -5.976  -7.211  4.599   1.00 15.64 ? 147  PRO A CB    1 
ATOM   1188 C CG    . PRO A 1 154 ? -7.318  -7.896  4.460   1.00 15.82 ? 147  PRO A CG    1 
ATOM   1189 C CD    . PRO A 1 154 ? -7.342  -8.817  5.687   1.00 17.93 ? 147  PRO A CD    1 
ATOM   1190 N N     . GLY A 1 155 ? -6.429  -4.491  5.986   1.00 13.57 ? 148  GLY A N     1 
ATOM   1191 C CA    . GLY A 1 155 ? -7.239  -3.301  6.152   1.00 14.15 ? 148  GLY A CA    1 
ATOM   1192 C C     . GLY A 1 155 ? -7.655  -2.939  4.738   1.00 15.49 ? 148  GLY A C     1 
ATOM   1193 O O     . GLY A 1 155 ? -6.827  -2.990  3.830   1.00 15.78 ? 148  GLY A O     1 
ATOM   1194 N N     . LEU A 1 156 ? -8.924  -2.605  4.531   1.00 13.83 ? 149  LEU A N     1 
ATOM   1195 C CA    . LEU A 1 156 ? -9.403  -2.244  3.200   1.00 13.36 ? 149  LEU A CA    1 
ATOM   1196 C C     . LEU A 1 156 ? -9.727  -0.754  3.177   1.00 14.61 ? 149  LEU A C     1 
ATOM   1197 O O     . LEU A 1 156 ? -10.445 -0.260  4.048   1.00 14.94 ? 149  LEU A O     1 
ATOM   1198 C CB    . LEU A 1 156 ? -10.645 -3.072  2.839   1.00 12.91 ? 149  LEU A CB    1 
ATOM   1199 C CG    . LEU A 1 156 ? -10.462 -4.598  2.820   1.00 13.77 ? 149  LEU A CG    1 
ATOM   1200 C CD1   . LEU A 1 156 ? -11.769 -5.267  2.416   1.00 15.67 ? 149  LEU A CD1   1 
ATOM   1201 C CD2   . LEU A 1 156 ? -9.356  -4.982  1.844   1.00 14.04 ? 149  LEU A CD2   1 
ATOM   1202 N N     . ARG A 1 157 ? -9.196  -0.041  2.184   1.00 14.56 ? 150  ARG A N     1 
ATOM   1203 C CA    . ARG A 1 157 ? -9.415  1.401   2.077   1.00 15.15 ? 150  ARG A CA    1 
ATOM   1204 C C     . ARG A 1 157 ? -10.160 1.762   0.795   1.00 15.21 ? 150  ARG A C     1 
ATOM   1205 O O     . ARG A 1 157 ? -9.772  1.348   -0.298  1.00 13.76 ? 150  ARG A O     1 
ATOM   1206 C CB    . ARG A 1 157 ? -8.076  2.139   2.096   1.00 16.85 ? 150  ARG A CB    1 
ATOM   1207 C CG    . ARG A 1 157 ? -7.036  1.507   2.991   1.00 24.50 ? 150  ARG A CG    1 
ATOM   1208 C CD    . ARG A 1 157 ? -6.665  2.415   4.122   1.00 26.74 ? 150  ARG A CD    1 
ATOM   1209 N NE    . ARG A 1 157 ? -6.087  3.677   3.669   1.00 26.88 ? 150  ARG A NE    1 
ATOM   1210 C CZ    . ARG A 1 157 ? -6.077  4.778   4.410   1.00 27.89 ? 150  ARG A CZ    1 
ATOM   1211 N NH1   . ARG A 1 157 ? -6.616  4.752   5.623   1.00 26.75 ? 150  ARG A NH1   1 
ATOM   1212 N NH2   . ARG A 1 157 ? -5.537  5.898   3.948   1.00 27.90 ? 150  ARG A NH2   1 
ATOM   1213 N N     . CYS A 1 158 ? -11.213 2.560   0.939   1.00 14.77 ? 151  CYS A N     1 
ATOM   1214 C CA    . CYS A 1 158 ? -12.035 2.963   -0.193  1.00 16.01 ? 151  CYS A CA    1 
ATOM   1215 C C     . CYS A 1 158 ? -12.121 4.478   -0.349  1.00 16.90 ? 151  CYS A C     1 
ATOM   1216 O O     . CYS A 1 158 ? -11.845 5.231   0.581   1.00 15.71 ? 151  CYS A O     1 
ATOM   1217 C CB    . CYS A 1 158 ? -13.458 2.408   -0.025  1.00 19.00 ? 151  CYS A CB    1 
ATOM   1218 S SG    . CYS A 1 158 ? -13.654 0.607   -0.250  1.00 20.89 ? 151  CYS A SG    1 
ATOM   1219 N N     . ARG A 1 159 ? -12.501 4.908   -1.544  1.00 15.88 ? 152  ARG A N     1 
ATOM   1220 C CA    . ARG A 1 159 ? -12.685 6.321   -1.830  1.00 17.37 ? 152  ARG A CA    1 
ATOM   1221 C C     . ARG A 1 159 ? -14.054 6.447   -2.472  1.00 16.54 ? 152  ARG A C     1 
ATOM   1222 O O     . ARG A 1 159 ? -14.472 5.584   -3.249  1.00 15.26 ? 152  ARG A O     1 
ATOM   1223 C CB    . ARG A 1 159 ? -11.610 6.859   -2.779  1.00 18.80 ? 152  ARG A CB    1 
ATOM   1224 C CG    . ARG A 1 159 ? -10.338 7.322   -2.076  1.00 25.71 ? 152  ARG A CG    1 
ATOM   1225 C CD    . ARG A 1 159 ? -9.446  8.151   -3.004  1.00 29.18 ? 152  ARG A CD    1 
ATOM   1226 N NE    . ARG A 1 159 ? -10.135 9.331   -3.528  1.00 34.96 ? 152  ARG A NE    1 
ATOM   1227 C CZ    . ARG A 1 159 ? -9.562  10.268  -4.281  1.00 36.67 ? 152  ARG A CZ    1 
ATOM   1228 N NH1   . ARG A 1 159 ? -8.280  10.174  -4.608  1.00 37.35 ? 152  ARG A NH1   1 
ATOM   1229 N NH2   . ARG A 1 159 ? -10.271 11.302  -4.709  1.00 39.86 ? 152  ARG A NH2   1 
ATOM   1230 N N     . THR A 1 160 ? -14.754 7.520   -2.137  1.00 15.82 ? 153  THR A N     1 
ATOM   1231 C CA    . THR A 1 160 ? -16.089 7.745   -2.669  1.00 17.40 ? 153  THR A CA    1 
ATOM   1232 C C     . THR A 1 160 ? -16.100 8.799   -3.763  1.00 16.80 ? 153  THR A C     1 
ATOM   1233 O O     . THR A 1 160 ? -15.494 9.864   -3.626  1.00 17.34 ? 153  THR A O     1 
ATOM   1234 C CB    . THR A 1 160 ? -17.048 8.189   -1.553  1.00 19.02 ? 153  THR A CB    1 
ATOM   1235 O OG1   . THR A 1 160 ? -17.181 7.131   -0.596  1.00 19.51 ? 153  THR A OG1   1 
ATOM   1236 C CG2   . THR A 1 160 ? -18.421 8.537   -2.125  1.00 21.27 ? 153  THR A CG2   1 
ATOM   1237 N N     . ASP A 1 161 ? -16.778 8.491   -4.863  1.00 17.05 ? 154  ASP A N     1 
ATOM   1238 C CA    . ASP A 1 161 ? -16.886 9.446   -5.952  1.00 20.15 ? 154  ASP A CA    1 
ATOM   1239 C C     . ASP A 1 161 ? -17.830 10.530  -5.445  1.00 21.39 ? 154  ASP A C     1 
ATOM   1240 O O     . ASP A 1 161 ? -18.960 10.237  -5.052  1.00 22.04 ? 154  ASP A O     1 
ATOM   1241 C CB    . ASP A 1 161 ? -17.470 8.786   -7.205  1.00 21.67 ? 154  ASP A CB    1 
ATOM   1242 C CG    . ASP A 1 161 ? -17.599 9.761   -8.358  1.00 22.96 ? 154  ASP A CG    1 
ATOM   1243 O OD1   . ASP A 1 161 ? -18.508 10.616  -8.319  1.00 23.28 ? 154  ASP A OD1   1 
ATOM   1244 O OD2   . ASP A 1 161 ? -16.777 9.684   -9.293  1.00 27.37 ? 154  ASP A OD2   1 
ATOM   1245 N N     . PRO A 1 162 ? -17.373 11.792  -5.437  1.00 22.86 ? 155  PRO A N     1 
ATOM   1246 C CA    . PRO A 1 162 ? -18.159 12.940  -4.971  1.00 24.84 ? 155  PRO A CA    1 
ATOM   1247 C C     . PRO A 1 162 ? -19.491 13.112  -5.697  1.00 26.03 ? 155  PRO A C     1 
ATOM   1248 O O     . PRO A 1 162 ? -20.480 13.555  -5.110  1.00 28.33 ? 155  PRO A O     1 
ATOM   1249 C CB    . PRO A 1 162 ? -17.220 14.124  -5.216  1.00 25.46 ? 155  PRO A CB    1 
ATOM   1250 C CG    . PRO A 1 162 ? -15.857 13.511  -5.133  1.00 25.89 ? 155  PRO A CG    1 
ATOM   1251 C CD    . PRO A 1 162 ? -16.045 12.228  -5.899  1.00 23.71 ? 155  PRO A CD    1 
ATOM   1252 N N     . GLN A 1 163 ? -19.503 12.758  -6.975  1.00 26.60 ? 156  GLN A N     1 
ATOM   1253 C CA    . GLN A 1 163 ? -20.689 12.879  -7.819  1.00 27.45 ? 156  GLN A CA    1 
ATOM   1254 C C     . GLN A 1 163 ? -21.732 11.787  -7.598  1.00 25.76 ? 156  GLN A C     1 
ATOM   1255 O O     . GLN A 1 163 ? -22.882 12.070  -7.256  1.00 26.25 ? 156  GLN A O     1 
ATOM   1256 C CB    . GLN A 1 163 ? -20.259 12.869  -9.288  1.00 30.29 ? 156  GLN A CB    1 
ATOM   1257 C CG    . GLN A 1 163 ? -21.313 12.362  -10.269 1.00 35.78 ? 156  GLN A CG    1 
ATOM   1258 C CD    . GLN A 1 163 ? -22.291 13.434  -10.705 1.00 37.63 ? 156  GLN A CD    1 
ATOM   1259 O OE1   . GLN A 1 163 ? -21.906 14.416  -11.335 1.00 39.32 ? 156  GLN A OE1   1 
ATOM   1260 N NE2   . GLN A 1 163 ? -23.564 13.248  -10.377 1.00 40.03 ? 156  GLN A NE2   1 
ATOM   1261 N N     . THR A 1 164 ? -21.315 10.542  -7.793  1.00 21.41 ? 157  THR A N     1 
ATOM   1262 C CA    . THR A 1 164 ? -22.201 9.390   -7.683  1.00 19.23 ? 157  THR A CA    1 
ATOM   1263 C C     . THR A 1 164 ? -22.351 8.769   -6.299  1.00 18.34 ? 157  THR A C     1 
ATOM   1264 O O     . THR A 1 164 ? -23.270 7.981   -6.073  1.00 17.85 ? 157  THR A O     1 
ATOM   1265 C CB    . THR A 1 164 ? -21.737 8.281   -8.612  1.00 18.86 ? 157  THR A CB    1 
ATOM   1266 O OG1   . THR A 1 164 ? -20.516 7.733   -8.102  1.00 16.98 ? 157  THR A OG1   1 
ATOM   1267 C CG2   . THR A 1 164 ? -21.499 8.831   -10.018 1.00 20.00 ? 157  THR A CG2   1 
ATOM   1268 N N     . LYS A 1 165 ? -21.435 9.101   -5.394  1.00 17.76 ? 158  LYS A N     1 
ATOM   1269 C CA    . LYS A 1 165 ? -21.445 8.577   -4.033  1.00 17.65 ? 158  LYS A CA    1 
ATOM   1270 C C     . LYS A 1 165 ? -21.082 7.097   -3.964  1.00 16.95 ? 158  LYS A C     1 
ATOM   1271 O O     . LYS A 1 165 ? -21.164 6.475   -2.904  1.00 17.49 ? 158  LYS A O     1 
ATOM   1272 C CB    . LYS A 1 165 ? -22.814 8.815   -3.382  1.00 19.93 ? 158  LYS A CB    1 
ATOM   1273 C CG    . LYS A 1 165 ? -23.232 10.279  -3.371  1.00 21.99 ? 158  LYS A CG    1 
ATOM   1274 C CD    . LYS A 1 165 ? -22.161 11.153  -2.733  1.00 25.02 ? 158  LYS A CD    1 
ATOM   1275 C CE    . LYS A 1 165 ? -22.524 12.627  -2.826  1.00 27.59 ? 158  LYS A CE    1 
ATOM   1276 N NZ    . LYS A 1 165 ? -21.468 13.489  -2.220  1.00 30.89 ? 158  LYS A NZ    1 
ATOM   1277 N N     . VAL A 1 166 ? -20.669 6.529   -5.090  1.00 16.87 ? 159  VAL A N     1 
ATOM   1278 C CA    . VAL A 1 166 ? -20.291 5.124   -5.112  1.00 14.51 ? 159  VAL A CA    1 
ATOM   1279 C C     . VAL A 1 166 ? -18.910 4.952   -4.479  1.00 15.03 ? 159  VAL A C     1 
ATOM   1280 O O     . VAL A 1 166 ? -17.999 5.750   -4.713  1.00 14.26 ? 159  VAL A O     1 
ATOM   1281 C CB    . VAL A 1 166 ? -20.278 4.567   -6.549  1.00 15.83 ? 159  VAL A CB    1 
ATOM   1282 C CG1   . VAL A 1 166 ? -19.712 3.166   -6.549  1.00 16.01 ? 159  VAL A CG1   1 
ATOM   1283 C CG2   . VAL A 1 166 ? -21.703 4.550   -7.113  1.00 15.52 ? 159  VAL A CG2   1 
ATOM   1284 N N     . SER A 1 167 ? -18.774 3.908   -3.668  1.00 14.25 ? 160  SER A N     1 
ATOM   1285 C CA    . SER A 1 167 ? -17.530 3.608   -2.970  1.00 13.78 ? 160  SER A CA    1 
ATOM   1286 C C     . SER A 1 167 ? -16.695 2.590   -3.751  1.00 13.69 ? 160  SER A C     1 
ATOM   1287 O O     . SER A 1 167 ? -17.209 1.551   -4.164  1.00 13.12 ? 160  SER A O     1 
ATOM   1288 C CB    . SER A 1 167 ? -17.859 3.060   -1.576  1.00 15.13 ? 160  SER A CB    1 
ATOM   1289 O OG    . SER A 1 167 ? -16.690 2.805   -0.823  1.00 15.66 ? 160  SER A OG    1 
ATOM   1290 N N     . TYR A 1 168 ? -15.415 2.898   -3.944  1.00 14.11 ? 161  TYR A N     1 
ATOM   1291 C CA    . TYR A 1 168 ? -14.492 2.027   -4.681  1.00 14.18 ? 161  TYR A CA    1 
ATOM   1292 C C     . TYR A 1 168 ? -13.284 1.634   -3.836  1.00 14.00 ? 161  TYR A C     1 
ATOM   1293 O O     . TYR A 1 168 ? -12.728 2.464   -3.123  1.00 11.98 ? 161  TYR A O     1 
ATOM   1294 C CB    . TYR A 1 168 ? -13.943 2.729   -5.932  1.00 16.21 ? 161  TYR A CB    1 
ATOM   1295 C CG    . TYR A 1 168 ? -14.965 3.095   -6.980  1.00 16.69 ? 161  TYR A CG    1 
ATOM   1296 C CD1   . TYR A 1 168 ? -15.756 4.238   -6.847  1.00 17.75 ? 161  TYR A CD1   1 
ATOM   1297 C CD2   . TYR A 1 168 ? -15.157 2.285   -8.096  1.00 17.72 ? 161  TYR A CD2   1 
ATOM   1298 C CE1   . TYR A 1 168 ? -16.721 4.563   -7.812  1.00 17.16 ? 161  TYR A CE1   1 
ATOM   1299 C CE2   . TYR A 1 168 ? -16.115 2.594   -9.056  1.00 16.91 ? 161  TYR A CE2   1 
ATOM   1300 C CZ    . TYR A 1 168 ? -16.893 3.730   -8.909  1.00 17.09 ? 161  TYR A CZ    1 
ATOM   1301 O OH    . TYR A 1 168 ? -17.849 4.020   -9.857  1.00 18.67 ? 161  TYR A OH    1 
ATOM   1302 N N     . LEU A 1 169 ? -12.869 0.375   -3.938  1.00 14.36 ? 162  LEU A N     1 
ATOM   1303 C CA    . LEU A 1 169 ? -11.692 -0.084  -3.208  1.00 12.82 ? 162  LEU A CA    1 
ATOM   1304 C C     . LEU A 1 169 ? -10.490 0.543   -3.901  1.00 13.94 ? 162  LEU A C     1 
ATOM   1305 O O     . LEU A 1 169 ? -10.386 0.494   -5.126  1.00 12.15 ? 162  LEU A O     1 
ATOM   1306 C CB    . LEU A 1 169 ? -11.574 -1.612  -3.273  1.00 13.12 ? 162  LEU A CB    1 
ATOM   1307 C CG    . LEU A 1 169 ? -10.317 -2.207  -2.621  1.00 16.30 ? 162  LEU A CG    1 
ATOM   1308 C CD1   . LEU A 1 169 ? -10.345 -1.935  -1.120  1.00 13.69 ? 162  LEU A CD1   1 
ATOM   1309 C CD2   . LEU A 1 169 ? -10.249 -3.706  -2.887  1.00 16.44 ? 162  LEU A CD2   1 
ATOM   1310 N N     . VAL A 1 170 ? -9.589  1.144   -3.129  1.00 13.53 ? 163  VAL A N     1 
ATOM   1311 C CA    . VAL A 1 170 ? -8.410  1.761   -3.718  1.00 14.51 ? 163  VAL A CA    1 
ATOM   1312 C C     . VAL A 1 170 ? -7.115  1.229   -3.118  1.00 14.82 ? 163  VAL A C     1 
ATOM   1313 O O     . VAL A 1 170 ? -6.094  1.176   -3.800  1.00 15.38 ? 163  VAL A O     1 
ATOM   1314 C CB    . VAL A 1 170 ? -8.440  3.304   -3.580  1.00 15.26 ? 163  VAL A CB    1 
ATOM   1315 C CG1   . VAL A 1 170 ? -9.624  3.868   -4.362  1.00 17.70 ? 163  VAL A CG1   1 
ATOM   1316 C CG2   . VAL A 1 170 ? -8.547  3.702   -2.121  1.00 19.50 ? 163  VAL A CG2   1 
ATOM   1317 N N     . GLU A 1 171 ? -7.148  0.829   -1.850  1.00 13.53 ? 164  GLU A N     1 
ATOM   1318 C CA    . GLU A 1 171 ? -5.943  0.305   -1.213  1.00 13.47 ? 164  GLU A CA    1 
ATOM   1319 C C     . GLU A 1 171 ? -6.230  -0.848  -0.262  1.00 12.97 ? 164  GLU A C     1 
ATOM   1320 O O     . GLU A 1 171 ? -7.313  -0.949  0.312   1.00 12.94 ? 164  GLU A O     1 
ATOM   1321 C CB    . GLU A 1 171 ? -5.212  1.415   -0.450  1.00 10.81 ? 164  GLU A CB    1 
ATOM   1322 C CG    . GLU A 1 171 ? -4.899  2.637   -1.292  1.00 16.11 ? 164  GLU A CG    1 
ATOM   1323 C CD    . GLU A 1 171 ? -4.134  3.695   -0.518  1.00 19.56 ? 164  GLU A CD    1 
ATOM   1324 O OE1   . GLU A 1 171 ? -4.449  3.906   0.673   1.00 18.17 ? 164  GLU A OE1   1 
ATOM   1325 O OE2   . GLU A 1 171 ? -3.229  4.318   -1.104  1.00 20.62 ? 164  GLU A OE2   1 
ATOM   1326 N N     . VAL A 1 172 ? -5.241  -1.721  -0.116  1.00 12.47 ? 165  VAL A N     1 
ATOM   1327 C CA    . VAL A 1 172 ? -5.335  -2.876  0.764   1.00 13.34 ? 165  VAL A CA    1 
ATOM   1328 C C     . VAL A 1 172 ? -4.112  -2.802  1.651   1.00 12.99 ? 165  VAL A C     1 
ATOM   1329 O O     . VAL A 1 172 ? -2.993  -2.680  1.160   1.00 13.41 ? 165  VAL A O     1 
ATOM   1330 C CB    . VAL A 1 172 ? -5.305  -4.198  -0.020  1.00 12.26 ? 165  VAL A CB    1 
ATOM   1331 C CG1   . VAL A 1 172 ? -5.259  -5.375  0.949   1.00 13.99 ? 165  VAL A CG1   1 
ATOM   1332 C CG2   . VAL A 1 172 ? -6.533  -4.295  -0.912  1.00 11.08 ? 165  VAL A CG2   1 
ATOM   1333 N N     . VAL A 1 173 ? -4.330  -2.885  2.955   1.00 13.82 ? 166  VAL A N     1 
ATOM   1334 C CA    . VAL A 1 173 ? -3.240  -2.783  3.907   1.00 13.94 ? 166  VAL A CA    1 
ATOM   1335 C C     . VAL A 1 173 ? -2.923  -4.094  4.608   1.00 14.83 ? 166  VAL A C     1 
ATOM   1336 O O     . VAL A 1 173 ? -3.827  -4.819  5.027   1.00 15.56 ? 166  VAL A O     1 
ATOM   1337 C CB    . VAL A 1 173 ? -3.569  -1.719  4.988   1.00 14.07 ? 166  VAL A CB    1 
ATOM   1338 C CG1   . VAL A 1 173 ? -2.366  -1.506  5.904   1.00 13.49 ? 166  VAL A CG1   1 
ATOM   1339 C CG2   . VAL A 1 173 ? -3.989  -0.408  4.324   1.00 12.37 ? 166  VAL A CG2   1 
ATOM   1340 N N     . ALA A 1 174 ? -1.630  -4.390  4.708   1.00 13.63 ? 167  ALA A N     1 
ATOM   1341 C CA    . ALA A 1 174 ? -1.145  -5.572  5.413   1.00 15.43 ? 167  ALA A CA    1 
ATOM   1342 C C     . ALA A 1 174 ? -0.417  -5.001  6.631   1.00 15.02 ? 167  ALA A C     1 
ATOM   1343 O O     . ALA A 1 174 ? 0.539   -4.236  6.482   1.00 16.35 ? 167  ALA A O     1 
ATOM   1344 C CB    . ALA A 1 174 ? -0.179  -6.362  4.542   1.00 15.80 ? 167  ALA A CB    1 
ATOM   1345 N N     . CYS A 1 175 ? -0.879  -5.361  7.825   1.00 15.61 ? 168  CYS A N     1 
ATOM   1346 C CA    . CYS A 1 175 ? -0.292  -4.868  9.070   1.00 15.79 ? 168  CYS A CA    1 
ATOM   1347 C C     . CYS A 1 175 ? 0.806   -5.763  9.636   1.00 14.84 ? 168  CYS A C     1 
ATOM   1348 O O     . CYS A 1 175 ? 0.668   -6.980  9.684   1.00 15.66 ? 168  CYS A O     1 
ATOM   1349 C CB    . CYS A 1 175 ? -1.405  -4.650  10.112  1.00 18.64 ? 168  CYS A CB    1 
ATOM   1350 S SG    . CYS A 1 175 ? -2.523  -3.315  9.570   1.00 21.37 ? 168  CYS A SG    1 
ATOM   1351 N N     . PHE A 1 176 ? 1.902   -5.139  10.059  1.00 15.39 ? 169  PHE A N     1 
ATOM   1352 C CA    . PHE A 1 176 ? 3.036   -5.866  10.626  1.00 13.99 ? 169  PHE A CA    1 
ATOM   1353 C C     . PHE A 1 176 ? 3.435   -5.310  11.978  1.00 15.29 ? 169  PHE A C     1 
ATOM   1354 O O     . PHE A 1 176 ? 3.207   -4.134  12.273  1.00 14.60 ? 169  PHE A O     1 
ATOM   1355 C CB    . PHE A 1 176 ? 4.253   -5.785  9.703   1.00 13.62 ? 169  PHE A CB    1 
ATOM   1356 C CG    . PHE A 1 176 ? 4.085   -6.512  8.405   1.00 14.39 ? 169  PHE A CG    1 
ATOM   1357 C CD1   . PHE A 1 176 ? 3.474   -5.895  7.319   1.00 15.26 ? 169  PHE A CD1   1 
ATOM   1358 C CD2   . PHE A 1 176 ? 4.528   -7.824  8.269   1.00 15.05 ? 169  PHE A CD2   1 
ATOM   1359 C CE1   . PHE A 1 176 ? 3.309   -6.574  6.115   1.00 15.21 ? 169  PHE A CE1   1 
ATOM   1360 C CE2   . PHE A 1 176 ? 4.366   -8.512  7.069   1.00 16.16 ? 169  PHE A CE2   1 
ATOM   1361 C CZ    . PHE A 1 176 ? 3.755   -7.884  5.988   1.00 16.08 ? 169  PHE A CZ    1 
ATOM   1362 N N     . ALA A 1 177 ? 4.043   -6.163  12.795  1.00 16.02 ? 170  ALA A N     1 
ATOM   1363 C CA    . ALA A 1 177 ? 4.508   -5.757  14.111  1.00 17.22 ? 170  ALA A CA    1 
ATOM   1364 C C     . ALA A 1 177 ? 5.748   -4.882  13.942  1.00 19.06 ? 170  ALA A C     1 
ATOM   1365 O O     . ALA A 1 177 ? 6.260   -4.717  12.831  1.00 18.19 ? 170  ALA A O     1 
ATOM   1366 C CB    . ALA A 1 177 ? 4.848   -6.982  14.949  1.00 15.06 ? 170  ALA A CB    1 
ATOM   1367 N N     . GLN A 1 178 ? 6.233   -4.348  15.058  1.00 21.81 ? 171  GLN A N     1 
ATOM   1368 C CA    . GLN A 1 178 ? 7.402   -3.483  15.078  1.00 25.02 ? 171  GLN A CA    1 
ATOM   1369 C C     . GLN A 1 178 ? 8.655   -4.086  14.434  1.00 25.05 ? 171  GLN A C     1 
ATOM   1370 O O     . GLN A 1 178 ? 9.559   -3.351  14.039  1.00 26.14 ? 171  GLN A O     1 
ATOM   1371 C CB    . GLN A 1 178 ? 7.699   -3.059  16.522  1.00 28.21 ? 171  GLN A CB    1 
ATOM   1372 C CG    . GLN A 1 178 ? 7.349   -4.115  17.569  1.00 33.72 ? 171  GLN A CG    1 
ATOM   1373 C CD    . GLN A 1 178 ? 5.884   -4.075  18.007  1.00 36.50 ? 171  GLN A CD    1 
ATOM   1374 O OE1   . GLN A 1 178 ? 5.534   -3.417  18.993  1.00 39.00 ? 171  GLN A OE1   1 
ATOM   1375 N NE2   . GLN A 1 178 ? 5.027   -4.774  17.274  1.00 33.12 ? 171  GLN A NE2   1 
ATOM   1376 N N     . ASP A 1 179 ? 8.708   -5.411  14.311  1.00 23.57 ? 172  ASP A N     1 
ATOM   1377 C CA    . ASP A 1 179 ? 9.864   -6.063  13.699  1.00 22.77 ? 172  ASP A CA    1 
ATOM   1378 C C     . ASP A 1 179 ? 9.835   -6.004  12.174  1.00 23.01 ? 172  ASP A C     1 
ATOM   1379 O O     . ASP A 1 179 ? 10.803  -6.378  11.516  1.00 22.85 ? 172  ASP A O     1 
ATOM   1380 C CB    . ASP A 1 179 ? 9.964   -7.529  14.139  1.00 23.47 ? 172  ASP A CB    1 
ATOM   1381 C CG    . ASP A 1 179 ? 8.722   -8.334  13.801  1.00 24.11 ? 172  ASP A CG    1 
ATOM   1382 O OD1   . ASP A 1 179 ? 7.881   -7.862  12.998  1.00 20.05 ? 172  ASP A OD1   1 
ATOM   1383 O OD2   . ASP A 1 179 ? 8.592   -9.452  14.340  1.00 23.61 ? 172  ASP A OD2   1 
ATOM   1384 N N     . GLY A 1 180 ? 8.721   -5.545  11.615  1.00 22.15 ? 173  GLY A N     1 
ATOM   1385 C CA    . GLY A 1 180 ? 8.607   -5.454  10.171  1.00 21.80 ? 173  GLY A CA    1 
ATOM   1386 C C     . GLY A 1 180 ? 8.605   -6.805  9.482   1.00 21.28 ? 173  GLY A C     1 
ATOM   1387 O O     . GLY A 1 180 ? 8.856   -6.888  8.281   1.00 22.90 ? 173  GLY A O     1 
ATOM   1388 N N     . SER A 1 181 ? 8.310   -7.864  10.229  1.00 20.71 ? 174  SER A N     1 
ATOM   1389 C CA    . SER A 1 181 ? 8.298   -9.209  9.659   1.00 20.61 ? 174  SER A CA    1 
ATOM   1390 C C     . SER A 1 181 ? 7.112   -10.059 10.115  1.00 19.03 ? 174  SER A C     1 
ATOM   1391 O O     . SER A 1 181 ? 6.666   -10.949 9.391   1.00 20.26 ? 174  SER A O     1 
ATOM   1392 C CB    . SER A 1 181 ? 9.607   -9.931  10.004  1.00 23.00 ? 174  SER A CB    1 
ATOM   1393 O OG    . SER A 1 181 ? 9.779   -10.034 11.409  1.00 24.63 ? 174  SER A OG    1 
ATOM   1394 N N     . THR A 1 182 ? 6.606   -9.792  11.312  1.00 17.35 ? 175  THR A N     1 
ATOM   1395 C CA    . THR A 1 182 ? 5.473   -10.546 11.837  1.00 16.92 ? 175  THR A CA    1 
ATOM   1396 C C     . THR A 1 182 ? 4.146   -9.917  11.435  1.00 15.92 ? 175  THR A C     1 
ATOM   1397 O O     . THR A 1 182 ? 3.812   -8.820  11.873  1.00 13.36 ? 175  THR A O     1 
ATOM   1398 C CB    . THR A 1 182 ? 5.502   -10.619 13.372  1.00 18.62 ? 175  THR A CB    1 
ATOM   1399 O OG1   . THR A 1 182 ? 6.764   -11.145 13.800  1.00 20.16 ? 175  THR A OG1   1 
ATOM   1400 C CG2   . THR A 1 182 ? 4.367   -11.517 13.882  1.00 19.17 ? 175  THR A CG2   1 
ATOM   1401 N N     . LEU A 1 183 ? 3.390   -10.620 10.602  1.00 16.86 ? 176  LEU A N     1 
ATOM   1402 C CA    . LEU A 1 183 ? 2.094   -10.128 10.160  1.00 16.61 ? 176  LEU A CA    1 
ATOM   1403 C C     . LEU A 1 183 ? 1.137   -10.141 11.348  1.00 17.13 ? 176  LEU A C     1 
ATOM   1404 O O     . LEU A 1 183 ? 1.129   -11.087 12.133  1.00 16.77 ? 176  LEU A O     1 
ATOM   1405 C CB    . LEU A 1 183 ? 1.542   -11.026 9.051   1.00 16.20 ? 176  LEU A CB    1 
ATOM   1406 C CG    . LEU A 1 183 ? 0.270   -10.565 8.333   1.00 16.85 ? 176  LEU A CG    1 
ATOM   1407 C CD1   . LEU A 1 183 ? 0.603   -9.419  7.385   1.00 15.29 ? 176  LEU A CD1   1 
ATOM   1408 C CD2   . LEU A 1 183 ? -0.324  -11.729 7.553   1.00 17.60 ? 176  LEU A CD2   1 
ATOM   1409 N N     . ILE A 1 184 ? 0.350   -9.080  11.489  1.00 15.10 ? 177  ILE A N     1 
ATOM   1410 C CA    . ILE A 1 184 ? -0.630  -8.990  12.562  1.00 17.29 ? 177  ILE A CA    1 
ATOM   1411 C C     . ILE A 1 184 ? -1.932  -8.501  11.946  1.00 16.82 ? 177  ILE A C     1 
ATOM   1412 O O     . ILE A 1 184 ? -1.956  -8.066  10.795  1.00 16.41 ? 177  ILE A O     1 
ATOM   1413 C CB    . ILE A 1 184 ? -0.192  -8.001  13.667  1.00 17.65 ? 177  ILE A CB    1 
ATOM   1414 C CG1   . ILE A 1 184 ? 0.035   -6.609  13.067  1.00 18.83 ? 177  ILE A CG1   1 
ATOM   1415 C CG2   . ILE A 1 184 ? 1.076   -8.510  14.341  1.00 17.74 ? 177  ILE A CG2   1 
ATOM   1416 C CD1   . ILE A 1 184 ? 0.385   -5.545  14.095  1.00 17.41 ? 177  ILE A CD1   1 
ATOM   1417 N N     . ASP A 1 185 ? -3.012  -8.578  12.707  1.00 16.62 ? 178  ASP A N     1 
ATOM   1418 C CA    . ASP A 1 185 ? -4.310  -8.142  12.214  1.00 18.93 ? 178  ASP A CA    1 
ATOM   1419 C C     . ASP A 1 185 ? -4.420  -6.638  12.055  1.00 19.56 ? 178  ASP A C     1 
ATOM   1420 O O     . ASP A 1 185 ? -3.937  -5.880  12.890  1.00 19.71 ? 178  ASP A O     1 
ATOM   1421 C CB    . ASP A 1 185 ? -5.430  -8.591  13.157  1.00 20.56 ? 178  ASP A CB    1 
ATOM   1422 C CG    . ASP A 1 185 ? -5.647  -10.087 13.140  1.00 21.68 ? 178  ASP A CG    1 
ATOM   1423 O OD1   . ASP A 1 185 ? -5.896  -10.640 12.049  1.00 20.31 ? 178  ASP A OD1   1 
ATOM   1424 O OD2   . ASP A 1 185 ? -5.570  -10.707 14.221  1.00 26.61 ? 178  ASP A OD2   1 
ATOM   1425 N N     . CYS A 1 186 ? -5.039  -6.209  10.964  1.00 18.75 ? 179  CYS A N     1 
ATOM   1426 C CA    . CYS A 1 186 ? -5.285  -4.790  10.763  1.00 21.35 ? 179  CYS A CA    1 
ATOM   1427 C C     . CYS A 1 186 ? -6.664  -4.642  11.400  1.00 21.30 ? 179  CYS A C     1 
ATOM   1428 O O     . CYS A 1 186 ? -7.429  -5.601  11.428  1.00 23.29 ? 179  CYS A O     1 
ATOM   1429 C CB    . CYS A 1 186 ? -5.388  -4.446  9.281   1.00 21.44 ? 179  CYS A CB    1 
ATOM   1430 S SG    . CYS A 1 186 ? -3.847  -4.245  8.329   1.00 23.64 ? 179  CYS A SG    1 
ATOM   1431 N N     . THR A 1 187 ? -6.994  -3.469  11.917  1.00 23.23 ? 180  THR A N     1 
ATOM   1432 C CA    . THR A 1 187 ? -8.302  -3.310  12.535  1.00 26.90 ? 180  THR A CA    1 
ATOM   1433 C C     . THR A 1 187 ? -9.118  -2.153  11.977  1.00 26.87 ? 180  THR A C     1 
ATOM   1434 O O     . THR A 1 187 ? -10.312 -2.041  12.252  1.00 27.34 ? 180  THR A O     1 
ATOM   1435 C CB    . THR A 1 187 ? -8.180  -3.143  14.068  1.00 28.44 ? 180  THR A CB    1 
ATOM   1436 O OG1   . THR A 1 187 ? -7.305  -2.049  14.366  1.00 31.11 ? 180  THR A OG1   1 
ATOM   1437 C CG2   . THR A 1 187 ? -7.628  -4.414  14.696  1.00 30.31 ? 180  THR A CG2   1 
ATOM   1438 N N     . ARG A 1 188 ? -8.488  -1.295  11.183  1.00 24.86 ? 181  ARG A N     1 
ATOM   1439 C CA    . ARG A 1 188 ? -9.214  -0.165  10.631  1.00 26.01 ? 181  ARG A CA    1 
ATOM   1440 C C     . ARG A 1 188 ? -9.385  -0.206  9.119   1.00 25.04 ? 181  ARG A C     1 
ATOM   1441 O O     . ARG A 1 188 ? -8.424  -0.388  8.370   1.00 25.00 ? 181  ARG A O     1 
ATOM   1442 C CB    . ARG A 1 188 ? -8.541  1.146   11.044  1.00 29.58 ? 181  ARG A CB    1 
ATOM   1443 C CG    . ARG A 1 188 ? -8.534  1.369   12.551  1.00 35.13 ? 181  ARG A CG    1 
ATOM   1444 C CD    . ARG A 1 188 ? -8.152  2.790   12.904  1.00 39.81 ? 181  ARG A CD    1 
ATOM   1445 N NE    . ARG A 1 188 ? -6.842  3.146   12.371  1.00 44.77 ? 181  ARG A NE    1 
ATOM   1446 C CZ    . ARG A 1 188 ? -6.281  4.340   12.508  1.00 46.47 ? 181  ARG A CZ    1 
ATOM   1447 N NH1   . ARG A 1 188 ? -6.915  5.302   13.166  1.00 48.44 ? 181  ARG A NH1   1 
ATOM   1448 N NH2   . ARG A 1 188 ? -5.087  4.575   11.984  1.00 47.02 ? 181  ARG A NH2   1 
ATOM   1449 N N     . ASP A 1 189 ? -10.631 -0.045  8.690   1.00 22.49 ? 182  ASP A N     1 
ATOM   1450 C CA    . ASP A 1 189 ? -10.985 -0.020  7.277   1.00 21.97 ? 182  ASP A CA    1 
ATOM   1451 C C     . ASP A 1 189 ? -11.687 1.309   7.049   1.00 21.13 ? 182  ASP A C     1 
ATOM   1452 O O     . ASP A 1 189 ? -12.341 1.824   7.956   1.00 22.28 ? 182  ASP A O     1 
ATOM   1453 C CB    . ASP A 1 189 ? -11.994 -1.122  6.924   1.00 21.30 ? 182  ASP A CB    1 
ATOM   1454 C CG    . ASP A 1 189 ? -11.526 -2.507  7.305   1.00 18.82 ? 182  ASP A CG    1 
ATOM   1455 O OD1   . ASP A 1 189 ? -10.452 -2.929  6.842   1.00 20.53 ? 182  ASP A OD1   1 
ATOM   1456 O OD2   . ASP A 1 189 ? -12.251 -3.187  8.062   1.00 23.05 ? 182  ASP A OD2   1 
ATOM   1457 N N     . THR A 1 190 ? -11.548 1.876   5.856   1.00 19.88 ? 183  THR A N     1 
ATOM   1458 C CA    . THR A 1 190 ? -12.259 3.108   5.549   1.00 19.68 ? 183  THR A CA    1 
ATOM   1459 C C     . THR A 1 190 ? -13.425 2.700   4.651   1.00 19.93 ? 183  THR A C     1 
ATOM   1460 O O     . THR A 1 190 ? -14.349 3.475   4.417   1.00 21.56 ? 183  THR A O     1 
ATOM   1461 C CB    . THR A 1 190 ? -11.366 4.157   4.834   1.00 20.25 ? 183  THR A CB    1 
ATOM   1462 O OG1   . THR A 1 190 ? -10.744 3.574   3.682   1.00 21.12 ? 183  THR A OG1   1 
ATOM   1463 C CG2   . THR A 1 190 ? -10.299 4.677   5.787   1.00 21.16 ? 183  THR A CG2   1 
ATOM   1464 N N     . CYS A 1 191 ? -13.377 1.460   4.172   1.00 20.50 ? 184  CYS A N     1 
ATOM   1465 C CA    . CYS A 1 191 ? -14.423 0.902   3.311   1.00 19.09 ? 184  CYS A CA    1 
ATOM   1466 C C     . CYS A 1 191 ? -15.664 0.528   4.110   1.00 19.30 ? 184  CYS A C     1 
ATOM   1467 O O     . CYS A 1 191 ? -15.564 0.081   5.254   1.00 16.58 ? 184  CYS A O     1 
ATOM   1468 C CB    . CYS A 1 191 ? -13.944 -0.381  2.622   1.00 20.56 ? 184  CYS A CB    1 
ATOM   1469 S SG    . CYS A 1 191 ? -12.674 -0.219  1.328   1.00 23.94 ? 184  CYS A SG    1 
ATOM   1470 N N     . GLY A 1 192 ? -16.829 0.688   3.487   1.00 16.95 ? 185  GLY A N     1 
ATOM   1471 C CA    . GLY A 1 192 ? -18.074 0.307   4.126   1.00 17.22 ? 185  GLY A CA    1 
ATOM   1472 C C     . GLY A 1 192 ? -18.237 -1.188  3.908   1.00 17.52 ? 185  GLY A C     1 
ATOM   1473 O O     . GLY A 1 192 ? -17.326 -1.838  3.393   1.00 17.69 ? 185  GLY A O     1 
ATOM   1474 N N     . ALA A 1 193 ? -19.386 -1.741  4.285   1.00 17.51 ? 186  ALA A N     1 
ATOM   1475 C CA    . ALA A 1 193 ? -19.637 -3.174  4.136   1.00 16.68 ? 186  ALA A CA    1 
ATOM   1476 C C     . ALA A 1 193 ? -19.562 -3.665  2.694   1.00 15.37 ? 186  ALA A C     1 
ATOM   1477 O O     . ALA A 1 193 ? -19.256 -4.830  2.445   1.00 15.31 ? 186  ALA A O     1 
ATOM   1478 C CB    . ALA A 1 193 ? -21.002 -3.531  4.735   1.00 16.28 ? 186  ALA A CB    1 
ATOM   1479 N N     . ASN A 1 194 ? -19.845 -2.784  1.745   1.00 14.71 ? 187  ASN A N     1 
ATOM   1480 C CA    . ASN A 1 194 ? -19.798 -3.160  0.338   1.00 14.06 ? 187  ASN A CA    1 
ATOM   1481 C C     . ASN A 1 194 ? -19.130 -2.073  -0.474  1.00 12.72 ? 187  ASN A C     1 
ATOM   1482 O O     . ASN A 1 194 ? -19.190 -0.905  -0.117  1.00 14.41 ? 187  ASN A O     1 
ATOM   1483 C CB    . ASN A 1 194 ? -21.208 -3.415  -0.186  1.00 14.31 ? 187  ASN A CB    1 
ATOM   1484 C CG    . ASN A 1 194 ? -21.866 -4.592  0.493   1.00 15.71 ? 187  ASN A CG    1 
ATOM   1485 O OD1   . ASN A 1 194 ? -21.543 -5.745  0.211   1.00 17.05 ? 187  ASN A OD1   1 
ATOM   1486 N ND2   . ASN A 1 194 ? -22.780 -4.309  1.411   1.00 14.04 ? 187  ASN A ND2   1 
ATOM   1487 N N     . PHE A 1 195 ? -18.507 -2.463  -1.578  1.00 12.30 ? 188  PHE A N     1 
ATOM   1488 C CA    . PHE A 1 195 ? -17.806 -1.513  -2.418  1.00 12.98 ? 188  PHE A CA    1 
ATOM   1489 C C     . PHE A 1 195 ? -17.518 -2.100  -3.783  1.00 12.84 ? 188  PHE A C     1 
ATOM   1490 O O     . PHE A 1 195 ? -17.603 -3.309  -3.987  1.00 11.77 ? 188  PHE A O     1 
ATOM   1491 C CB    . PHE A 1 195 ? -16.486 -1.114  -1.748  1.00 14.71 ? 188  PHE A CB    1 
ATOM   1492 C CG    . PHE A 1 195 ? -15.636 -2.287  -1.348  1.00 13.97 ? 188  PHE A CG    1 
ATOM   1493 C CD1   . PHE A 1 195 ? -14.907 -2.997  -2.298  1.00 15.63 ? 188  PHE A CD1   1 
ATOM   1494 C CD2   . PHE A 1 195 ? -15.595 -2.708  -0.020  1.00 17.20 ? 188  PHE A CD2   1 
ATOM   1495 C CE1   . PHE A 1 195 ? -14.150 -4.111  -1.938  1.00 14.60 ? 188  PHE A CE1   1 
ATOM   1496 C CE2   . PHE A 1 195 ? -14.839 -3.826  0.354   1.00 17.60 ? 188  PHE A CE2   1 
ATOM   1497 C CZ    . PHE A 1 195 ? -14.117 -4.527  -0.610  1.00 15.79 ? 188  PHE A CZ    1 
ATOM   1498 N N     . ILE A 1 196 ? -17.162 -1.236  -4.721  1.00 12.98 ? 189  ILE A N     1 
ATOM   1499 C CA    . ILE A 1 196 ? -16.846 -1.700  -6.056  1.00 14.77 ? 189  ILE A CA    1 
ATOM   1500 C C     . ILE A 1 196 ? -15.389 -2.104  -6.185  1.00 15.79 ? 189  ILE A C     1 
ATOM   1501 O O     . ILE A 1 196 ? -14.496 -1.418  -5.684  1.00 15.25 ? 189  ILE A O     1 
ATOM   1502 C CB    . ILE A 1 196 ? -17.130 -0.618  -7.103  1.00 16.75 ? 189  ILE A CB    1 
ATOM   1503 C CG1   . ILE A 1 196 ? -18.639 -0.392  -7.195  1.00 20.19 ? 189  ILE A CG1   1 
ATOM   1504 C CG2   . ILE A 1 196 ? -16.531 -1.032  -8.462  1.00 16.91 ? 189  ILE A CG2   1 
ATOM   1505 C CD1   . ILE A 1 196 ? -19.024 0.582   -8.243  1.00 25.07 ? 189  ILE A CD1   1 
ATOM   1506 N N     . PHE A 1 197 ? -15.168 -3.225  -6.862  1.00 18.89 ? 190  PHE A N     1 
ATOM   1507 C CA    . PHE A 1 197 ? -13.828 -3.736  -7.131  1.00 20.44 ? 190  PHE A CA    1 
ATOM   1508 C C     . PHE A 1 197 ? -13.882 -4.611  -8.384  1.00 21.37 ? 190  PHE A C     1 
ATOM   1509 O O     . PHE A 1 197 ? -14.337 -5.772  -8.279  1.00 23.48 ? 190  PHE A O     1 
ATOM   1510 C CB    . PHE A 1 197 ? -13.287 -4.554  -5.957  1.00 19.77 ? 190  PHE A CB    1 
ATOM   1511 C CG    . PHE A 1 197 ? -11.872 -5.036  -6.160  1.00 20.60 ? 190  PHE A CG    1 
ATOM   1512 C CD1   . PHE A 1 197 ? -10.864 -4.142  -6.522  1.00 20.92 ? 190  PHE A CD1   1 
ATOM   1513 C CD2   . PHE A 1 197 ? -11.545 -6.377  -5.988  1.00 22.23 ? 190  PHE A CD2   1 
ATOM   1514 C CE1   . PHE A 1 197 ? -9.549  -4.578  -6.710  1.00 20.49 ? 190  PHE A CE1   1 
ATOM   1515 C CE2   . PHE A 1 197 ? -10.236 -6.824  -6.173  1.00 22.33 ? 190  PHE A CE2   1 
ATOM   1516 C CZ    . PHE A 1 197 ? -9.237  -5.923  -6.534  1.00 20.55 ? 190  PHE A CZ    1 
ATOM   1517 O OXT   . PHE A 1 197 ? -13.497 -4.113  -9.461  1.00 21.97 ? 190  PHE A OXT   1 
HETATM 1518 S S     . SO4 B 2 .   ? -20.433 -0.152  7.617   1.00 22.94 ? 301  SO4 A S     1 
HETATM 1519 O O1    . SO4 B 2 .   ? -18.878 0.222   7.855   1.00 21.43 ? 301  SO4 A O1    1 
HETATM 1520 O O2    . SO4 B 2 .   ? -20.581 -1.493  8.139   1.00 20.34 ? 301  SO4 A O2    1 
HETATM 1521 O O3    . SO4 B 2 .   ? -21.206 0.720   8.217   1.00 21.55 ? 301  SO4 A O3    1 
HETATM 1522 O O4    . SO4 B 2 .   ? -20.549 -0.194  6.188   1.00 22.50 ? 301  SO4 A O4    1 
HETATM 1523 S S     . SO4 C 2 .   ? 8.851   3.885   2.766   1.00 39.67 ? 302  SO4 A S     1 
HETATM 1524 O O1    . SO4 C 2 .   ? 7.350   4.053   2.181   1.00 23.68 ? 302  SO4 A O1    1 
HETATM 1525 O O2    . SO4 C 2 .   ? 9.236   2.522   2.424   1.00 38.52 ? 302  SO4 A O2    1 
HETATM 1526 O O3    . SO4 C 2 .   ? 9.655   4.776   2.239   1.00 33.58 ? 302  SO4 A O3    1 
HETATM 1527 O O4    . SO4 C 2 .   ? 8.642   3.972   4.192   1.00 28.88 ? 302  SO4 A O4    1 
HETATM 1528 S S     . SO4 D 2 .   ? 2.912   16.055  3.507   1.00 47.73 ? 303  SO4 A S     1 
HETATM 1529 O O1    . SO4 D 2 .   ? 1.710   15.203  2.832   1.00 47.22 ? 303  SO4 A O1    1 
HETATM 1530 O O2    . SO4 D 2 .   ? 2.919   15.654  4.897   1.00 46.79 ? 303  SO4 A O2    1 
HETATM 1531 O O3    . SO4 D 2 .   ? 4.036   15.805  2.894   1.00 48.39 ? 303  SO4 A O3    1 
HETATM 1532 O O4    . SO4 D 2 .   ? 2.441   17.412  3.410   1.00 49.21 ? 303  SO4 A O4    1 
HETATM 1533 N N1    . U5P E 3 .   ? 0.867   9.510   -5.059  1.00 19.18 ? 1001 U5P A N1    1 
HETATM 1534 C C2    . U5P E 3 .   ? 1.751   9.475   -6.153  1.00 19.19 ? 1001 U5P A C2    1 
HETATM 1535 N N3    . U5P E 3 .   ? 1.734   8.313   -6.889  1.00 18.11 ? 1001 U5P A N3    1 
HETATM 1536 C C4    . U5P E 3 .   ? 0.936   7.181   -6.659  1.00 17.42 ? 1001 U5P A C4    1 
HETATM 1537 C C5    . U5P E 3 .   ? 0.058   7.298   -5.519  1.00 17.68 ? 1001 U5P A C5    1 
HETATM 1538 C C6    . U5P E 3 .   ? 0.046   8.406   -4.783  1.00 18.29 ? 1001 U5P A C6    1 
HETATM 1539 O O2    . U5P E 3 .   ? 2.473   10.438  -6.401  1.00 20.80 ? 1001 U5P A O2    1 
HETATM 1540 O O4    . U5P E 3 .   ? 1.052   6.239   -7.414  1.00 16.87 ? 1001 U5P A O4    1 
HETATM 1541 C "C1'" . U5P E 3 .   ? 0.856   10.754  -4.245  1.00 22.18 ? 1001 U5P A "C1'" 1 
HETATM 1542 C "C2'" . U5P E 3 .   ? -0.464  11.517  -4.191  1.00 24.02 ? 1001 U5P A "C2'" 1 
HETATM 1543 O "O2'" . U5P E 3 .   ? -0.639  12.429  -5.294  1.00 26.03 ? 1001 U5P A "O2'" 1 
HETATM 1544 C "C3'" . U5P E 3 .   ? -0.487  12.194  -2.807  1.00 24.41 ? 1001 U5P A "C3'" 1 
HETATM 1545 C "C4'" . U5P E 3 .   ? 0.376   11.248  -1.973  1.00 24.92 ? 1001 U5P A "C4'" 1 
HETATM 1546 O "O3'" . U5P E 3 .   ? -0.028  13.577  -2.874  1.00 24.77 ? 1001 U5P A "O3'" 1 
HETATM 1547 O "O4'" . U5P E 3 .   ? 1.279   10.574  -2.907  1.00 24.41 ? 1001 U5P A "O4'" 1 
HETATM 1548 C "C5'" . U5P E 3 .   ? -0.304  10.129  -1.176  1.00 23.00 ? 1001 U5P A "C5'" 1 
HETATM 1549 O "O5'" . U5P E 3 .   ? 0.581   9.393   -0.302  1.00 23.08 ? 1001 U5P A "O5'" 1 
HETATM 1550 P P     . U5P E 3 .   ? 0.769   9.774   1.262   1.00 20.28 ? 1001 U5P A P     1 
HETATM 1551 O O1P   . U5P E 3 .   ? -0.439  9.760   2.156   1.00 21.72 ? 1001 U5P A O1P   1 
HETATM 1552 O O2P   . U5P E 3 .   ? 1.299   11.150  1.415   1.00 18.80 ? 1001 U5P A O2P   1 
HETATM 1553 O O3P   . U5P E 3 .   ? 1.999   8.763   1.695   1.00 19.56 ? 1001 U5P A O3P   1 
HETATM 1554 O O     . HOH F 4 .   ? -13.876 -11.567 7.303   1.00 28.77 ? 1002 HOH A O     1 
HETATM 1555 O O     . HOH F 4 .   ? -4.030  10.018  -4.963  1.00 43.86 ? 1003 HOH A O     1 
HETATM 1556 O O     . HOH F 4 .   ? 2.678   1.898   -7.103  1.00 16.97 ? 1004 HOH A O     1 
HETATM 1557 O O     . HOH F 4 .   ? 3.685   6.510   8.589   1.00 16.48 ? 1005 HOH A O     1 
HETATM 1558 O O     . HOH F 4 .   ? -0.681  1.663   -17.542 1.00 16.90 ? 1006 HOH A O     1 
HETATM 1559 O O     . HOH F 4 .   ? -13.726 9.228   0.075   1.00 24.69 ? 1007 HOH A O     1 
HETATM 1560 O O     . HOH F 4 .   ? 20.338  3.249   3.253   1.00 17.88 ? 1008 HOH A O     1 
HETATM 1561 O O     . HOH F 4 .   ? -17.499 -0.284  -12.029 1.00 22.28 ? 1009 HOH A O     1 
HETATM 1562 O O     . HOH F 4 .   ? -3.195  -9.711  6.169   1.00 18.71 ? 1010 HOH A O     1 
HETATM 1563 O O     . HOH F 4 .   ? -17.982 1.260   0.996   1.00 18.16 ? 1011 HOH A O     1 
HETATM 1564 O O     . HOH F 4 .   ? 10.873  13.790  7.268   1.00 18.27 ? 1012 HOH A O     1 
HETATM 1565 O O     . HOH F 4 .   ? -21.265 -0.293  1.849   1.00 17.82 ? 1013 HOH A O     1 
HETATM 1566 O O     . HOH F 4 .   ? -2.576  -7.688  8.188   1.00 16.46 ? 1014 HOH A O     1 
HETATM 1567 O O     . HOH F 4 .   ? -0.287  -7.611  -4.194  1.00 16.48 ? 1015 HOH A O     1 
HETATM 1568 O O     . HOH F 4 .   ? 10.529  -2.785  17.139  1.00 34.27 ? 1016 HOH A O     1 
HETATM 1569 O O     . HOH F 4 .   ? 20.892  10.619  2.896   1.00 28.41 ? 1017 HOH A O     1 
HETATM 1570 O O     . HOH F 4 .   ? 15.154  -4.915  4.918   1.00 26.23 ? 1018 HOH A O     1 
HETATM 1571 O O     . HOH F 4 .   ? -9.405  5.615   2.253   1.00 32.97 ? 1019 HOH A O     1 
HETATM 1572 O O     . HOH F 4 .   ? -12.250 -0.297  -7.003  1.00 18.40 ? 1020 HOH A O     1 
HETATM 1573 O O     . HOH F 4 .   ? 18.560  6.288   5.618   1.00 26.80 ? 1021 HOH A O     1 
HETATM 1574 O O     . HOH F 4 .   ? 18.448  11.300  -4.521  1.00 23.40 ? 1022 HOH A O     1 
HETATM 1575 O O     . HOH F 4 .   ? -9.228  -4.280  9.034   1.00 23.40 ? 1023 HOH A O     1 
HETATM 1576 O O     . HOH F 4 .   ? -1.829  -7.969  -6.748  1.00 19.42 ? 1024 HOH A O     1 
HETATM 1577 O O     . HOH F 4 .   ? -19.280 -6.953  4.129   1.00 24.48 ? 1025 HOH A O     1 
HETATM 1578 O O     . HOH F 4 .   ? 21.378  5.342   5.234   1.00 22.57 ? 1026 HOH A O     1 
HETATM 1579 O O     . HOH F 4 .   ? -7.838  2.373   6.882   1.00 24.01 ? 1027 HOH A O     1 
HETATM 1580 O O     . HOH F 4 .   ? 18.857  -0.646  8.629   1.00 21.22 ? 1028 HOH A O     1 
HETATM 1581 O O     . HOH F 4 .   ? 1.696   -13.811 -2.127  1.00 25.69 ? 1029 HOH A O     1 
HETATM 1582 O O     . HOH F 4 .   ? 13.945  12.968  4.546   1.00 20.45 ? 1030 HOH A O     1 
HETATM 1583 O O     . HOH F 4 .   ? -0.715  -4.410  1.499   1.00 16.72 ? 1031 HOH A O     1 
HETATM 1584 O O     . HOH F 4 .   ? 9.989   5.775   15.464  1.00 25.77 ? 1032 HOH A O     1 
HETATM 1585 O O     . HOH F 4 .   ? 18.360  8.364   3.299   1.00 21.07 ? 1033 HOH A O     1 
HETATM 1586 O O     . HOH F 4 .   ? 19.038  3.399   10.066  1.00 23.22 ? 1034 HOH A O     1 
HETATM 1587 O O     . HOH F 4 .   ? -19.585 5.959   -0.582  1.00 24.95 ? 1035 HOH A O     1 
HETATM 1588 O O     . HOH F 4 .   ? -3.348  5.419   -3.457  1.00 20.11 ? 1036 HOH A O     1 
HETATM 1589 O O     . HOH F 4 .   ? -3.510  -1.652  13.854  1.00 61.32 ? 1037 HOH A O     1 
HETATM 1590 O O     . HOH F 4 .   ? -4.609  6.436   1.454   1.00 25.37 ? 1038 HOH A O     1 
HETATM 1591 O O     . HOH F 4 .   ? -2.591  8.475   0.715   1.00 25.67 ? 1039 HOH A O     1 
HETATM 1592 O O     . HOH F 4 .   ? -15.410 5.159   0.186   1.00 25.51 ? 1040 HOH A O     1 
HETATM 1593 O O     . HOH F 4 .   ? -10.187 -6.591  10.915  1.00 33.47 ? 1041 HOH A O     1 
HETATM 1594 O O     . HOH F 4 .   ? -22.959 -6.117  -8.558  1.00 39.67 ? 1042 HOH A O     1 
HETATM 1595 O O     . HOH F 4 .   ? 11.797  13.918  -0.262  1.00 26.34 ? 1043 HOH A O     1 
HETATM 1596 O O     . HOH F 4 .   ? -2.283  2.086   13.336  1.00 20.59 ? 1044 HOH A O     1 
HETATM 1597 O O     . HOH F 4 .   ? 8.776   -12.666 11.869  1.00 30.76 ? 1045 HOH A O     1 
HETATM 1598 O O     . HOH F 4 .   ? -2.789  -9.994  15.324  1.00 25.83 ? 1046 HOH A O     1 
HETATM 1599 O O     . HOH F 4 .   ? -1.083  -14.868 -3.083  1.00 19.71 ? 1047 HOH A O     1 
HETATM 1600 O O     . HOH F 4 .   ? -14.444 -14.792 2.916   1.00 23.79 ? 1048 HOH A O     1 
HETATM 1601 O O     . HOH F 4 .   ? 12.884  6.317   13.741  1.00 41.13 ? 1049 HOH A O     1 
HETATM 1602 O O     . HOH F 4 .   ? -0.569  9.192   4.982   1.00 31.52 ? 1050 HOH A O     1 
HETATM 1603 O O     . HOH F 4 .   ? 9.945   7.468   -13.586 1.00 28.38 ? 1051 HOH A O     1 
HETATM 1604 O O     . HOH F 4 .   ? 13.767  -7.554  3.993   1.00 35.46 ? 1052 HOH A O     1 
HETATM 1605 O O     . HOH F 4 .   ? 7.183   -13.518 15.262  1.00 26.10 ? 1053 HOH A O     1 
HETATM 1606 O O     . HOH F 4 .   ? 2.664   -12.058 4.348   1.00 32.04 ? 1054 HOH A O     1 
HETATM 1607 O O     . HOH F 4 .   ? -2.419  11.896  2.403   1.00 39.69 ? 1055 HOH A O     1 
HETATM 1608 O O     . HOH F 4 .   ? -19.455 6.234   -9.806  1.00 23.11 ? 1056 HOH A O     1 
HETATM 1609 O O     . HOH F 4 .   ? 1.836   -13.680 11.882  1.00 26.00 ? 1057 HOH A O     1 
HETATM 1610 O O     . HOH F 4 .   ? 3.124   16.545  9.452   1.00 44.42 ? 1058 HOH A O     1 
HETATM 1611 O O     . HOH F 4 .   ? -6.179  9.124   -6.887  1.00 30.71 ? 1059 HOH A O     1 
HETATM 1612 O O     . HOH F 4 .   ? 3.967   14.786  12.000  1.00 41.87 ? 1060 HOH A O     1 
HETATM 1613 O O     . HOH F 4 .   ? -3.469  -3.382  -19.346 1.00 53.31 ? 1061 HOH A O     1 
HETATM 1614 O O     . HOH F 4 .   ? -2.684  8.234   -2.861  1.00 26.21 ? 1062 HOH A O     1 
HETATM 1615 O O     . HOH F 4 .   ? -7.956  1.955   -16.317 1.00 37.55 ? 1063 HOH A O     1 
HETATM 1616 O O     . HOH F 4 .   ? 7.932   1.963   -13.876 1.00 25.96 ? 1064 HOH A O     1 
HETATM 1617 O O     . HOH F 4 .   ? -5.319  -1.182  11.371  1.00 29.22 ? 1065 HOH A O     1 
HETATM 1618 O O     . HOH F 4 .   ? -0.816  -0.832  12.920  1.00 40.62 ? 1066 HOH A O     1 
HETATM 1619 O O     . HOH F 4 .   ? -10.508 -12.966 -9.859  1.00 26.74 ? 1067 HOH A O     1 
HETATM 1620 O O     . HOH F 4 .   ? 16.934  14.271  -1.252  1.00 34.29 ? 1068 HOH A O     1 
HETATM 1621 O O     . HOH F 4 .   ? -23.103 -6.881  3.313   1.00 46.59 ? 1069 HOH A O     1 
HETATM 1622 O O     . HOH F 4 .   ? 5.458   6.040   -13.546 1.00 28.72 ? 1070 HOH A O     1 
HETATM 1623 O O     . HOH F 4 .   ? -24.505 5.920   -4.985  1.00 29.14 ? 1071 HOH A O     1 
HETATM 1624 O O     . HOH F 4 .   ? -1.358  12.536  5.433   1.00 38.31 ? 1072 HOH A O     1 
HETATM 1625 O O     . HOH F 4 .   ? -10.718 -16.500 6.638   1.00 29.67 ? 1073 HOH A O     1 
HETATM 1626 O O     . HOH F 4 .   ? -0.315  13.068  -14.867 1.00 46.64 ? 1074 HOH A O     1 
HETATM 1627 O O     . HOH F 4 .   ? -14.679 -2.682  9.441   1.00 31.14 ? 1075 HOH A O     1 
HETATM 1628 O O     . HOH F 4 .   ? 12.299  8.316   -11.546 1.00 34.20 ? 1076 HOH A O     1 
HETATM 1629 O O     . HOH F 4 .   ? 4.978   11.897  -5.617  1.00 28.74 ? 1077 HOH A O     1 
HETATM 1630 O O     . HOH F 4 .   ? -14.590 5.337   6.816   1.00 44.44 ? 1078 HOH A O     1 
HETATM 1631 O O     . HOH F 4 .   ? -8.104  -17.468 0.443   1.00 32.01 ? 1079 HOH A O     1 
HETATM 1632 O O     . HOH F 4 .   ? -12.629 0.217   10.926  1.00 26.54 ? 1080 HOH A O     1 
HETATM 1633 O O     . HOH F 4 .   ? -8.724  -12.826 -12.566 1.00 32.10 ? 1081 HOH A O     1 
HETATM 1634 O O     . HOH F 4 .   ? -4.950  -14.790 14.042  1.00 33.76 ? 1082 HOH A O     1 
HETATM 1635 O O     . HOH F 4 .   ? 6.680   15.144  3.812   1.00 28.00 ? 1083 HOH A O     1 
HETATM 1636 O O     . HOH F 4 .   ? 6.463   -12.403 7.060   1.00 61.44 ? 1084 HOH A O     1 
HETATM 1637 O O     . HOH F 4 .   ? 9.967   -10.810 3.978   1.00 50.75 ? 1085 HOH A O     1 
HETATM 1638 O O     . HOH F 4 .   ? -3.137  11.867  -12.426 1.00 38.32 ? 1086 HOH A O     1 
HETATM 1639 O O     . HOH F 4 .   ? -6.079  -8.513  -12.492 1.00 44.11 ? 1087 HOH A O     1 
HETATM 1640 O O     . HOH F 4 .   ? -20.018 -11.924 3.039   1.00 45.39 ? 1088 HOH A O     1 
HETATM 1641 O O     . HOH F 4 .   ? 4.138   -13.393 9.782   1.00 37.30 ? 1089 HOH A O     1 
HETATM 1642 O O     . HOH F 4 .   ? 9.576   -8.707  6.228   1.00 51.65 ? 1090 HOH A O     1 
HETATM 1643 O O     . HOH F 4 .   ? 3.796   -7.140  18.345  1.00 38.53 ? 1091 HOH A O     1 
HETATM 1644 O O     . HOH F 4 .   ? -5.714  -17.554 -1.773  1.00 36.03 ? 1092 HOH A O     1 
HETATM 1645 O O     . HOH F 4 .   ? -21.546 14.590  -14.184 1.00 47.79 ? 1093 HOH A O     1 
HETATM 1646 O O     . HOH F 4 .   ? -6.039  -4.709  -20.336 1.00 50.52 ? 1094 HOH A O     1 
HETATM 1647 O O     . HOH F 4 .   ? -20.026 -3.268  -13.953 1.00 54.59 ? 1095 HOH A O     1 
HETATM 1648 O O     . HOH F 4 .   ? -3.325  -6.312  15.690  1.00 36.36 ? 1096 HOH A O     1 
HETATM 1649 O O     . HOH F 4 .   ? 6.958   16.013  12.163  1.00 27.20 ? 1097 HOH A O     1 
HETATM 1650 O O     . HOH F 4 .   ? 13.967  10.314  12.478  1.00 37.40 ? 1098 HOH A O     1 
HETATM 1651 O O     . HOH F 4 .   ? -5.592  -0.712  8.159   1.00 35.25 ? 1099 HOH A O     1 
HETATM 1652 O O     . HOH F 4 .   ? -3.759  13.049  -4.841  1.00 54.41 ? 1100 HOH A O     1 
HETATM 1653 O O     . HOH F 4 .   ? 11.632  -10.378 -2.252  1.00 37.28 ? 1101 HOH A O     1 
HETATM 1654 O O     . HOH F 4 .   ? 20.448  -1.675  4.863   1.00 31.62 ? 1102 HOH A O     1 
HETATM 1655 O O     . HOH F 4 .   ? 9.698   18.191  -5.894  1.00 43.07 ? 1103 HOH A O     1 
HETATM 1656 O O     . HOH F 4 .   ? 12.686  3.251   7.857   1.00 11.93 ? 1104 HOH A O     1 
HETATM 1657 O O     . HOH F 4 .   ? -3.424  8.613   10.378  1.00 48.61 ? 1105 HOH A O     1 
HETATM 1658 O O     . HOH F 4 .   ? -17.640 -10.431 -2.580  1.00 20.72 ? 1106 HOH A O     1 
HETATM 1659 O O     . HOH F 4 .   ? -16.064 -6.731  8.469   1.00 25.76 ? 1107 HOH A O     1 
HETATM 1660 O O     . HOH F 4 .   ? -7.727  7.755   6.645   1.00 51.85 ? 1108 HOH A O     1 
HETATM 1661 O O     . HOH F 4 .   ? -3.005  5.077   10.465  1.00 39.83 ? 1109 HOH A O     1 
HETATM 1662 O O     . HOH F 4 .   ? 6.872   -10.268 4.427   1.00 20.27 ? 1110 HOH A O     1 
HETATM 1663 O O     . HOH F 4 .   ? 6.279   -14.585 11.606  1.00 46.70 ? 1111 HOH A O     1 
HETATM 1664 O O     . HOH F 4 .   ? 12.253  -3.041  14.473  1.00 38.29 ? 1112 HOH A O     1 
HETATM 1665 O O     . HOH F 4 .   ? 13.623  1.824   16.737  1.00 38.05 ? 1113 HOH A O     1 
# 
